data_1ZNG
# 
_entry.id   1ZNG 
# 
_audit_conform.dict_name       mmcif_pdbx.dic 
_audit_conform.dict_version    5.398 
_audit_conform.dict_location   http://mmcif.pdb.org/dictionaries/ascii/mmcif_pdbx.dic 
# 
loop_
_database_2.database_id 
_database_2.database_code 
_database_2.pdbx_database_accession 
_database_2.pdbx_DOI 
PDB   1ZNG         pdb_00001zng 10.2210/pdb1zng/pdb 
RCSB  RCSB032923   ?            ?                   
WWPDB D_1000032923 ?            ?                   
# 
loop_
_pdbx_audit_revision_history.ordinal 
_pdbx_audit_revision_history.data_content_type 
_pdbx_audit_revision_history.major_revision 
_pdbx_audit_revision_history.minor_revision 
_pdbx_audit_revision_history.revision_date 
1 'Structure model' 1 0 2005-12-20 
2 'Structure model' 1 1 2008-04-30 
3 'Structure model' 1 2 2011-07-13 
4 'Structure model' 2 0 2023-08-23 
5 'Structure model' 2 1 2024-10-30 
# 
_pdbx_audit_revision_details.ordinal             1 
_pdbx_audit_revision_details.revision_ordinal    1 
_pdbx_audit_revision_details.data_content_type   'Structure model' 
_pdbx_audit_revision_details.provider            repository 
_pdbx_audit_revision_details.type                'Initial release' 
_pdbx_audit_revision_details.description         ? 
_pdbx_audit_revision_details.details             ? 
# 
loop_
_pdbx_audit_revision_group.ordinal 
_pdbx_audit_revision_group.revision_ordinal 
_pdbx_audit_revision_group.data_content_type 
_pdbx_audit_revision_group.group 
1 2 'Structure model' 'Version format compliance' 
2 3 'Structure model' 'Version format compliance' 
3 4 'Structure model' 'Atomic model'              
4 4 'Structure model' 'Data collection'           
5 4 'Structure model' 'Database references'       
6 4 'Structure model' 'Derived calculations'      
7 4 'Structure model' 'Refinement description'    
8 5 'Structure model' 'Structure summary'         
# 
loop_
_pdbx_audit_revision_category.ordinal 
_pdbx_audit_revision_category.revision_ordinal 
_pdbx_audit_revision_category.data_content_type 
_pdbx_audit_revision_category.category 
1  4 'Structure model' atom_site                     
2  4 'Structure model' chem_comp_atom                
3  4 'Structure model' chem_comp_bond                
4  4 'Structure model' database_2                    
5  4 'Structure model' pdbx_initial_refinement_model 
6  4 'Structure model' pdbx_struct_conn_angle        
7  4 'Structure model' struct_conn                   
8  4 'Structure model' struct_ref_seq_dif            
9  4 'Structure model' struct_site                   
10 5 'Structure model' pdbx_entry_details            
11 5 'Structure model' pdbx_modification_feature     
# 
loop_
_pdbx_audit_revision_item.ordinal 
_pdbx_audit_revision_item.revision_ordinal 
_pdbx_audit_revision_item.data_content_type 
_pdbx_audit_revision_item.item 
1  4 'Structure model' '_atom_site.occupancy'                        
2  4 'Structure model' '_database_2.pdbx_DOI'                        
3  4 'Structure model' '_database_2.pdbx_database_accession'         
4  4 'Structure model' '_pdbx_struct_conn_angle.ptnr1_auth_comp_id'  
5  4 'Structure model' '_pdbx_struct_conn_angle.ptnr1_auth_seq_id'   
6  4 'Structure model' '_pdbx_struct_conn_angle.ptnr1_label_asym_id' 
7  4 'Structure model' '_pdbx_struct_conn_angle.ptnr1_label_atom_id' 
8  4 'Structure model' '_pdbx_struct_conn_angle.ptnr1_label_comp_id' 
9  4 'Structure model' '_pdbx_struct_conn_angle.ptnr1_label_seq_id'  
10 4 'Structure model' '_pdbx_struct_conn_angle.ptnr1_symmetry'      
11 4 'Structure model' '_pdbx_struct_conn_angle.ptnr2_auth_seq_id'   
12 4 'Structure model' '_pdbx_struct_conn_angle.ptnr2_label_asym_id' 
13 4 'Structure model' '_pdbx_struct_conn_angle.ptnr3_auth_comp_id'  
14 4 'Structure model' '_pdbx_struct_conn_angle.ptnr3_auth_seq_id'   
15 4 'Structure model' '_pdbx_struct_conn_angle.ptnr3_label_asym_id' 
16 4 'Structure model' '_pdbx_struct_conn_angle.ptnr3_label_atom_id' 
17 4 'Structure model' '_pdbx_struct_conn_angle.ptnr3_label_comp_id' 
18 4 'Structure model' '_pdbx_struct_conn_angle.ptnr3_label_seq_id'  
19 4 'Structure model' '_pdbx_struct_conn_angle.ptnr3_symmetry'      
20 4 'Structure model' '_pdbx_struct_conn_angle.value'               
21 4 'Structure model' '_struct_conn.pdbx_dist_value'                
22 4 'Structure model' '_struct_conn.ptnr1_auth_comp_id'             
23 4 'Structure model' '_struct_conn.ptnr1_auth_seq_id'              
24 4 'Structure model' '_struct_conn.ptnr1_label_asym_id'            
25 4 'Structure model' '_struct_conn.ptnr1_label_atom_id'            
26 4 'Structure model' '_struct_conn.ptnr1_label_comp_id'            
27 4 'Structure model' '_struct_conn.ptnr1_label_seq_id'             
28 4 'Structure model' '_struct_conn.ptnr1_symmetry'                 
29 4 'Structure model' '_struct_conn.ptnr2_auth_comp_id'             
30 4 'Structure model' '_struct_conn.ptnr2_auth_seq_id'              
31 4 'Structure model' '_struct_conn.ptnr2_label_asym_id'            
32 4 'Structure model' '_struct_conn.ptnr2_label_atom_id'            
33 4 'Structure model' '_struct_conn.ptnr2_label_comp_id'            
34 4 'Structure model' '_struct_conn.ptnr2_label_seq_id'             
35 4 'Structure model' '_struct_conn.ptnr2_symmetry'                 
36 4 'Structure model' '_struct_ref_seq_dif.details'                 
37 4 'Structure model' '_struct_site.pdbx_auth_asym_id'              
38 4 'Structure model' '_struct_site.pdbx_auth_comp_id'              
39 4 'Structure model' '_struct_site.pdbx_auth_seq_id'               
# 
_pdbx_database_status.status_code                     REL 
_pdbx_database_status.entry_id                        1ZNG 
_pdbx_database_status.recvd_initial_deposition_date   2005-05-11 
_pdbx_database_status.deposit_site                    RCSB 
_pdbx_database_status.process_site                    RCSB 
_pdbx_database_status.status_code_sf                  REL 
_pdbx_database_status.status_code_mr                  ? 
_pdbx_database_status.SG_entry                        ? 
_pdbx_database_status.pdb_format_compatible           Y 
_pdbx_database_status.status_code_cs                  ? 
_pdbx_database_status.status_code_nmr_data            ? 
_pdbx_database_status.methods_development_category    ? 
# 
loop_
_pdbx_database_related.db_name 
_pdbx_database_related.db_id 
_pdbx_database_related.details 
_pdbx_database_related.content_type 
PDB 1ZND . unspecified 
PDB 1ZNE . unspecified 
PDB 1ZNH . unspecified 
PDB 1ZNK . unspecified 
PDB 1ZNL . unspecified 
# 
loop_
_audit_author.name 
_audit_author.pdbx_ordinal 
'Malham, R.'     1 
'Johnstone, S.'  2 
'Bingham, R.J.'  3 
'Barratt, E.'    4 
'Phillips, S.E.' 5 
'Laughton, C.A.' 6 
'Homans, S.W.'   7 
# 
_citation.id                        primary 
_citation.title                     'Strong Solute-Solute Dispersive Interactions in a Protein-Ligand Complex.' 
_citation.journal_abbrev            J.Am.Chem.Soc. 
_citation.journal_volume            127 
_citation.page_first                17061 
_citation.page_last                 17067 
_citation.year                      2005 
_citation.journal_id_ASTM           JACSAT 
_citation.country                   US 
_citation.journal_id_ISSN           0002-7863 
_citation.journal_id_CSD            0004 
_citation.book_publisher            ? 
_citation.pdbx_database_id_PubMed   16316253 
_citation.pdbx_database_id_DOI      10.1021/ja055454g 
# 
loop_
_citation_author.citation_id 
_citation_author.name 
_citation_author.ordinal 
_citation_author.identifier_ORCID 
primary 'Malham, R.'     1 ? 
primary 'Johnstone, S.'  2 ? 
primary 'Bingham, R.J.'  3 ? 
primary 'Barratt, E.'    4 ? 
primary 'Phillips, S.E.' 5 ? 
primary 'Laughton, C.A.' 6 ? 
primary 'Homans, S.W.'   7 ? 
# 
loop_
_entity.id 
_entity.type 
_entity.src_method 
_entity.pdbx_description 
_entity.formula_weight 
_entity.pdbx_number_of_molecules 
_entity.pdbx_ec 
_entity.pdbx_mutation 
_entity.pdbx_fragment 
_entity.details 
1 polymer     man 'Major Urinary Protein' 20139.400 1   ? ? ? ? 
2 non-polymer syn 'CADMIUM ION'           112.411   2   ? ? ? ? 
3 non-polymer syn HEPTAN-1-OL             116.201   1   ? ? ? ? 
4 water       nat water                   18.015    241 ? ? ? ? 
# 
_entity_poly.entity_id                      1 
_entity_poly.type                           'polypeptide(L)' 
_entity_poly.nstd_linkage                   no 
_entity_poly.nstd_monomer                   no 
_entity_poly.pdbx_seq_one_letter_code       
;MRGSHHHHHHGSEEASSTGRNFNVEKINGEWHTIILASDKREKIEDNGNFRLFLEQIHVLEKSLVLKFHTVRDEECSELS
MVADKTEKAGEYSVTYDGFNTFTIPKTDYDNFLMAHLINEKDGETFQLMGLYGREPDLSSDIKERFAQLCEEHGILRENI
IDLSNANRCLQARE
;
_entity_poly.pdbx_seq_one_letter_code_can   
;MRGSHHHHHHGSEEASSTGRNFNVEKINGEWHTIILASDKREKIEDNGNFRLFLEQIHVLEKSLVLKFHTVRDEECSELS
MVADKTEKAGEYSVTYDGFNTFTIPKTDYDNFLMAHLINEKDGETFQLMGLYGREPDLSSDIKERFAQLCEEHGILRENI
IDLSNANRCLQARE
;
_entity_poly.pdbx_strand_id                 A 
_entity_poly.pdbx_target_identifier         ? 
# 
loop_
_pdbx_entity_nonpoly.entity_id 
_pdbx_entity_nonpoly.name 
_pdbx_entity_nonpoly.comp_id 
2 'CADMIUM ION' CD  
3 HEPTAN-1-OL   HE4 
4 water         HOH 
# 
loop_
_entity_poly_seq.entity_id 
_entity_poly_seq.num 
_entity_poly_seq.mon_id 
_entity_poly_seq.hetero 
1 1   MET n 
1 2   ARG n 
1 3   GLY n 
1 4   SER n 
1 5   HIS n 
1 6   HIS n 
1 7   HIS n 
1 8   HIS n 
1 9   HIS n 
1 10  HIS n 
1 11  GLY n 
1 12  SER n 
1 13  GLU n 
1 14  GLU n 
1 15  ALA n 
1 16  SER n 
1 17  SER n 
1 18  THR n 
1 19  GLY n 
1 20  ARG n 
1 21  ASN n 
1 22  PHE n 
1 23  ASN n 
1 24  VAL n 
1 25  GLU n 
1 26  LYS n 
1 27  ILE n 
1 28  ASN n 
1 29  GLY n 
1 30  GLU n 
1 31  TRP n 
1 32  HIS n 
1 33  THR n 
1 34  ILE n 
1 35  ILE n 
1 36  LEU n 
1 37  ALA n 
1 38  SER n 
1 39  ASP n 
1 40  LYS n 
1 41  ARG n 
1 42  GLU n 
1 43  LYS n 
1 44  ILE n 
1 45  GLU n 
1 46  ASP n 
1 47  ASN n 
1 48  GLY n 
1 49  ASN n 
1 50  PHE n 
1 51  ARG n 
1 52  LEU n 
1 53  PHE n 
1 54  LEU n 
1 55  GLU n 
1 56  GLN n 
1 57  ILE n 
1 58  HIS n 
1 59  VAL n 
1 60  LEU n 
1 61  GLU n 
1 62  LYS n 
1 63  SER n 
1 64  LEU n 
1 65  VAL n 
1 66  LEU n 
1 67  LYS n 
1 68  PHE n 
1 69  HIS n 
1 70  THR n 
1 71  VAL n 
1 72  ARG n 
1 73  ASP n 
1 74  GLU n 
1 75  GLU n 
1 76  CYS n 
1 77  SER n 
1 78  GLU n 
1 79  LEU n 
1 80  SER n 
1 81  MET n 
1 82  VAL n 
1 83  ALA n 
1 84  ASP n 
1 85  LYS n 
1 86  THR n 
1 87  GLU n 
1 88  LYS n 
1 89  ALA n 
1 90  GLY n 
1 91  GLU n 
1 92  TYR n 
1 93  SER n 
1 94  VAL n 
1 95  THR n 
1 96  TYR n 
1 97  ASP n 
1 98  GLY n 
1 99  PHE n 
1 100 ASN n 
1 101 THR n 
1 102 PHE n 
1 103 THR n 
1 104 ILE n 
1 105 PRO n 
1 106 LYS n 
1 107 THR n 
1 108 ASP n 
1 109 TYR n 
1 110 ASP n 
1 111 ASN n 
1 112 PHE n 
1 113 LEU n 
1 114 MET n 
1 115 ALA n 
1 116 HIS n 
1 117 LEU n 
1 118 ILE n 
1 119 ASN n 
1 120 GLU n 
1 121 LYS n 
1 122 ASP n 
1 123 GLY n 
1 124 GLU n 
1 125 THR n 
1 126 PHE n 
1 127 GLN n 
1 128 LEU n 
1 129 MET n 
1 130 GLY n 
1 131 LEU n 
1 132 TYR n 
1 133 GLY n 
1 134 ARG n 
1 135 GLU n 
1 136 PRO n 
1 137 ASP n 
1 138 LEU n 
1 139 SER n 
1 140 SER n 
1 141 ASP n 
1 142 ILE n 
1 143 LYS n 
1 144 GLU n 
1 145 ARG n 
1 146 PHE n 
1 147 ALA n 
1 148 GLN n 
1 149 LEU n 
1 150 CYS n 
1 151 GLU n 
1 152 GLU n 
1 153 HIS n 
1 154 GLY n 
1 155 ILE n 
1 156 LEU n 
1 157 ARG n 
1 158 GLU n 
1 159 ASN n 
1 160 ILE n 
1 161 ILE n 
1 162 ASP n 
1 163 LEU n 
1 164 SER n 
1 165 ASN n 
1 166 ALA n 
1 167 ASN n 
1 168 ARG n 
1 169 CYS n 
1 170 LEU n 
1 171 GLN n 
1 172 ALA n 
1 173 ARG n 
1 174 GLU n 
# 
_entity_src_gen.entity_id                          1 
_entity_src_gen.pdbx_src_id                        1 
_entity_src_gen.pdbx_alt_source_flag               sample 
_entity_src_gen.pdbx_seq_type                      ? 
_entity_src_gen.pdbx_beg_seq_num                   ? 
_entity_src_gen.pdbx_end_seq_num                   ? 
_entity_src_gen.gene_src_common_name               'house mouse' 
_entity_src_gen.gene_src_genus                     Mus 
_entity_src_gen.pdbx_gene_src_gene                 MUP1 
_entity_src_gen.gene_src_species                   ? 
_entity_src_gen.gene_src_strain                    ? 
_entity_src_gen.gene_src_tissue                    ? 
_entity_src_gen.gene_src_tissue_fraction           ? 
_entity_src_gen.gene_src_details                   ? 
_entity_src_gen.pdbx_gene_src_fragment             ? 
_entity_src_gen.pdbx_gene_src_scientific_name      'Mus musculus' 
_entity_src_gen.pdbx_gene_src_ncbi_taxonomy_id     10090 
_entity_src_gen.pdbx_gene_src_variant              ? 
_entity_src_gen.pdbx_gene_src_cell_line            ? 
_entity_src_gen.pdbx_gene_src_atcc                 ? 
_entity_src_gen.pdbx_gene_src_organ                ? 
_entity_src_gen.pdbx_gene_src_organelle            ? 
_entity_src_gen.pdbx_gene_src_cell                 ? 
_entity_src_gen.pdbx_gene_src_cellular_location    ? 
_entity_src_gen.host_org_common_name               ? 
_entity_src_gen.pdbx_host_org_scientific_name      'Escherichia coli' 
_entity_src_gen.pdbx_host_org_ncbi_taxonomy_id     562 
_entity_src_gen.host_org_genus                     Escherichia 
_entity_src_gen.pdbx_host_org_gene                 ? 
_entity_src_gen.pdbx_host_org_organ                ? 
_entity_src_gen.host_org_species                   ? 
_entity_src_gen.pdbx_host_org_tissue               ? 
_entity_src_gen.pdbx_host_org_tissue_fraction      ? 
_entity_src_gen.pdbx_host_org_strain               SG13009 
_entity_src_gen.pdbx_host_org_variant              ? 
_entity_src_gen.pdbx_host_org_cell_line            ? 
_entity_src_gen.pdbx_host_org_atcc                 ? 
_entity_src_gen.pdbx_host_org_culture_collection   ? 
_entity_src_gen.pdbx_host_org_cell                 ? 
_entity_src_gen.pdbx_host_org_organelle            ? 
_entity_src_gen.pdbx_host_org_cellular_location    ? 
_entity_src_gen.pdbx_host_org_vector_type          PLASMID 
_entity_src_gen.pdbx_host_org_vector               ? 
_entity_src_gen.host_org_details                   ? 
_entity_src_gen.expression_system_id               ? 
_entity_src_gen.plasmid_name                       pQE30 
_entity_src_gen.plasmid_details                    ? 
_entity_src_gen.pdbx_description                   ? 
# 
loop_
_chem_comp.id 
_chem_comp.type 
_chem_comp.mon_nstd_flag 
_chem_comp.name 
_chem_comp.pdbx_synonyms 
_chem_comp.formula 
_chem_comp.formula_weight 
ALA 'L-peptide linking' y ALANINE         ? 'C3 H7 N O2'     89.093  
ARG 'L-peptide linking' y ARGININE        ? 'C6 H15 N4 O2 1' 175.209 
ASN 'L-peptide linking' y ASPARAGINE      ? 'C4 H8 N2 O3'    132.118 
ASP 'L-peptide linking' y 'ASPARTIC ACID' ? 'C4 H7 N O4'     133.103 
CD  non-polymer         . 'CADMIUM ION'   ? 'Cd 2'           112.411 
CYS 'L-peptide linking' y CYSTEINE        ? 'C3 H7 N O2 S'   121.158 
GLN 'L-peptide linking' y GLUTAMINE       ? 'C5 H10 N2 O3'   146.144 
GLU 'L-peptide linking' y 'GLUTAMIC ACID' ? 'C5 H9 N O4'     147.129 
GLY 'peptide linking'   y GLYCINE         ? 'C2 H5 N O2'     75.067  
HE4 non-polymer         . HEPTAN-1-OL     ? 'C7 H16 O'       116.201 
HIS 'L-peptide linking' y HISTIDINE       ? 'C6 H10 N3 O2 1' 156.162 
HOH non-polymer         . WATER           ? 'H2 O'           18.015  
ILE 'L-peptide linking' y ISOLEUCINE      ? 'C6 H13 N O2'    131.173 
LEU 'L-peptide linking' y LEUCINE         ? 'C6 H13 N O2'    131.173 
LYS 'L-peptide linking' y LYSINE          ? 'C6 H15 N2 O2 1' 147.195 
MET 'L-peptide linking' y METHIONINE      ? 'C5 H11 N O2 S'  149.211 
PHE 'L-peptide linking' y PHENYLALANINE   ? 'C9 H11 N O2'    165.189 
PRO 'L-peptide linking' y PROLINE         ? 'C5 H9 N O2'     115.130 
SER 'L-peptide linking' y SERINE          ? 'C3 H7 N O3'     105.093 
THR 'L-peptide linking' y THREONINE       ? 'C4 H9 N O3'     119.119 
TRP 'L-peptide linking' y TRYPTOPHAN      ? 'C11 H12 N2 O2'  204.225 
TYR 'L-peptide linking' y TYROSINE        ? 'C9 H11 N O3'    181.189 
VAL 'L-peptide linking' y VALINE          ? 'C5 H11 N O2'    117.146 
# 
loop_
_pdbx_poly_seq_scheme.asym_id 
_pdbx_poly_seq_scheme.entity_id 
_pdbx_poly_seq_scheme.seq_id 
_pdbx_poly_seq_scheme.mon_id 
_pdbx_poly_seq_scheme.ndb_seq_num 
_pdbx_poly_seq_scheme.pdb_seq_num 
_pdbx_poly_seq_scheme.auth_seq_num 
_pdbx_poly_seq_scheme.pdb_mon_id 
_pdbx_poly_seq_scheme.auth_mon_id 
_pdbx_poly_seq_scheme.pdb_strand_id 
_pdbx_poly_seq_scheme.pdb_ins_code 
_pdbx_poly_seq_scheme.hetero 
A 1 1   MET 1   -11 ?   ?   ?   A . n 
A 1 2   ARG 2   -10 ?   ?   ?   A . n 
A 1 3   GLY 3   -9  ?   ?   ?   A . n 
A 1 4   SER 4   -8  ?   ?   ?   A . n 
A 1 5   HIS 5   -7  ?   ?   ?   A . n 
A 1 6   HIS 6   -6  ?   ?   ?   A . n 
A 1 7   HIS 7   -5  ?   ?   ?   A . n 
A 1 8   HIS 8   -4  ?   ?   ?   A . n 
A 1 9   HIS 9   -3  ?   ?   ?   A . n 
A 1 10  HIS 10  -2  ?   ?   ?   A . n 
A 1 11  GLY 11  -1  ?   ?   ?   A . n 
A 1 12  SER 12  0   ?   ?   ?   A . n 
A 1 13  GLU 13  1   1   GLU GLU A . n 
A 1 14  GLU 14  2   2   GLU GLU A . n 
A 1 15  ALA 15  3   3   ALA ALA A . n 
A 1 16  SER 16  4   4   SER SER A . n 
A 1 17  SER 17  5   5   SER SER A . n 
A 1 18  THR 18  6   6   THR THR A . n 
A 1 19  GLY 19  7   7   GLY GLY A . n 
A 1 20  ARG 20  8   8   ARG ARG A . n 
A 1 21  ASN 21  9   9   ASN ASN A . n 
A 1 22  PHE 22  10  10  PHE PHE A . n 
A 1 23  ASN 23  11  11  ASN ASN A . n 
A 1 24  VAL 24  12  12  VAL VAL A . n 
A 1 25  GLU 25  13  13  GLU GLU A . n 
A 1 26  LYS 26  14  14  LYS LYS A . n 
A 1 27  ILE 27  15  15  ILE ILE A . n 
A 1 28  ASN 28  16  16  ASN ASN A . n 
A 1 29  GLY 29  17  17  GLY GLY A . n 
A 1 30  GLU 30  18  18  GLU GLU A . n 
A 1 31  TRP 31  19  19  TRP TRP A . n 
A 1 32  HIS 32  20  20  HIS HIS A . n 
A 1 33  THR 33  21  21  THR THR A . n 
A 1 34  ILE 34  22  22  ILE ILE A . n 
A 1 35  ILE 35  23  23  ILE ILE A . n 
A 1 36  LEU 36  24  24  LEU LEU A . n 
A 1 37  ALA 37  25  25  ALA ALA A . n 
A 1 38  SER 38  26  26  SER SER A . n 
A 1 39  ASP 39  27  27  ASP ASP A . n 
A 1 40  LYS 40  28  28  LYS LYS A . n 
A 1 41  ARG 41  29  29  ARG ARG A . n 
A 1 42  GLU 42  30  30  GLU GLU A . n 
A 1 43  LYS 43  31  31  LYS LYS A . n 
A 1 44  ILE 44  32  32  ILE ILE A . n 
A 1 45  GLU 45  33  33  GLU GLU A . n 
A 1 46  ASP 46  34  34  ASP ASP A . n 
A 1 47  ASN 47  35  35  ASN ASN A . n 
A 1 48  GLY 48  36  36  GLY GLY A . n 
A 1 49  ASN 49  37  37  ASN ASN A . n 
A 1 50  PHE 50  38  38  PHE PHE A . n 
A 1 51  ARG 51  39  39  ARG ARG A . n 
A 1 52  LEU 52  40  40  LEU LEU A . n 
A 1 53  PHE 53  41  41  PHE PHE A . n 
A 1 54  LEU 54  42  42  LEU LEU A . n 
A 1 55  GLU 55  43  43  GLU GLU A . n 
A 1 56  GLN 56  44  44  GLN GLN A . n 
A 1 57  ILE 57  45  45  ILE ILE A . n 
A 1 58  HIS 58  46  46  HIS HIS A . n 
A 1 59  VAL 59  47  47  VAL VAL A . n 
A 1 60  LEU 60  48  48  LEU LEU A . n 
A 1 61  GLU 61  49  49  GLU GLU A . n 
A 1 62  LYS 62  50  50  LYS LYS A . n 
A 1 63  SER 63  51  51  SER SER A . n 
A 1 64  LEU 64  52  52  LEU LEU A . n 
A 1 65  VAL 65  53  53  VAL VAL A . n 
A 1 66  LEU 66  54  54  LEU LEU A . n 
A 1 67  LYS 67  55  55  LYS LYS A . n 
A 1 68  PHE 68  56  56  PHE PHE A . n 
A 1 69  HIS 69  57  57  HIS HIS A . n 
A 1 70  THR 70  58  58  THR THR A . n 
A 1 71  VAL 71  59  59  VAL VAL A . n 
A 1 72  ARG 72  60  60  ARG ARG A . n 
A 1 73  ASP 73  61  61  ASP ASP A . n 
A 1 74  GLU 74  62  62  GLU GLU A . n 
A 1 75  GLU 75  63  63  GLU GLU A . n 
A 1 76  CYS 76  64  64  CYS CYS A . n 
A 1 77  SER 77  65  65  SER SER A . n 
A 1 78  GLU 78  66  66  GLU GLU A . n 
A 1 79  LEU 79  67  67  LEU LEU A . n 
A 1 80  SER 80  68  68  SER SER A . n 
A 1 81  MET 81  69  69  MET MET A . n 
A 1 82  VAL 82  70  70  VAL VAL A . n 
A 1 83  ALA 83  71  71  ALA ALA A . n 
A 1 84  ASP 84  72  72  ASP ASP A . n 
A 1 85  LYS 85  73  73  LYS LYS A . n 
A 1 86  THR 86  74  74  THR THR A . n 
A 1 87  GLU 87  75  75  GLU GLU A . n 
A 1 88  LYS 88  76  76  LYS LYS A . n 
A 1 89  ALA 89  77  77  ALA ALA A . n 
A 1 90  GLY 90  78  78  GLY GLY A . n 
A 1 91  GLU 91  79  79  GLU GLU A . n 
A 1 92  TYR 92  80  80  TYR TYR A . n 
A 1 93  SER 93  81  81  SER SER A . n 
A 1 94  VAL 94  82  82  VAL VAL A . n 
A 1 95  THR 95  83  83  THR THR A . n 
A 1 96  TYR 96  84  84  TYR TYR A . n 
A 1 97  ASP 97  85  85  ASP ASP A . n 
A 1 98  GLY 98  86  86  GLY GLY A . n 
A 1 99  PHE 99  87  87  PHE PHE A . n 
A 1 100 ASN 100 88  88  ASN ASN A . n 
A 1 101 THR 101 89  89  THR THR A . n 
A 1 102 PHE 102 90  90  PHE PHE A . n 
A 1 103 THR 103 91  91  THR THR A . n 
A 1 104 ILE 104 92  92  ILE ILE A . n 
A 1 105 PRO 105 93  93  PRO PRO A . n 
A 1 106 LYS 106 94  94  LYS LYS A . n 
A 1 107 THR 107 95  95  THR THR A . n 
A 1 108 ASP 108 96  96  ASP ASP A . n 
A 1 109 TYR 109 97  97  TYR TYR A . n 
A 1 110 ASP 110 98  98  ASP ASP A . n 
A 1 111 ASN 111 99  99  ASN ASN A . n 
A 1 112 PHE 112 100 100 PHE PHE A . n 
A 1 113 LEU 113 101 101 LEU LEU A . n 
A 1 114 MET 114 102 102 MET MET A . n 
A 1 115 ALA 115 103 103 ALA ALA A . n 
A 1 116 HIS 116 104 104 HIS HIS A . n 
A 1 117 LEU 117 105 105 LEU LEU A . n 
A 1 118 ILE 118 106 106 ILE ILE A . n 
A 1 119 ASN 119 107 107 ASN ASN A . n 
A 1 120 GLU 120 108 108 GLU GLU A . n 
A 1 121 LYS 121 109 109 LYS LYS A . n 
A 1 122 ASP 122 110 110 ASP ASP A . n 
A 1 123 GLY 123 111 111 GLY GLY A . n 
A 1 124 GLU 124 112 112 GLU GLU A . n 
A 1 125 THR 125 113 113 THR THR A . n 
A 1 126 PHE 126 114 114 PHE PHE A . n 
A 1 127 GLN 127 115 115 GLN GLN A . n 
A 1 128 LEU 128 116 116 LEU LEU A . n 
A 1 129 MET 129 117 117 MET MET A . n 
A 1 130 GLY 130 118 118 GLY GLY A . n 
A 1 131 LEU 131 119 119 LEU LEU A . n 
A 1 132 TYR 132 120 120 TYR TYR A . n 
A 1 133 GLY 133 121 121 GLY GLY A . n 
A 1 134 ARG 134 122 122 ARG ARG A . n 
A 1 135 GLU 135 123 123 GLU GLU A . n 
A 1 136 PRO 136 124 124 PRO PRO A . n 
A 1 137 ASP 137 125 125 ASP ASP A . n 
A 1 138 LEU 138 126 126 LEU LEU A . n 
A 1 139 SER 139 127 127 SER SER A . n 
A 1 140 SER 140 128 128 SER SER A . n 
A 1 141 ASP 141 129 129 ASP ASP A . n 
A 1 142 ILE 142 130 130 ILE ILE A . n 
A 1 143 LYS 143 131 131 LYS LYS A . n 
A 1 144 GLU 144 132 132 GLU GLU A . n 
A 1 145 ARG 145 133 133 ARG ARG A . n 
A 1 146 PHE 146 134 134 PHE PHE A . n 
A 1 147 ALA 147 135 135 ALA ALA A . n 
A 1 148 GLN 148 136 136 GLN GLN A . n 
A 1 149 LEU 149 137 137 LEU LEU A . n 
A 1 150 CYS 150 138 138 CYS CYS A . n 
A 1 151 GLU 151 139 139 GLU GLU A . n 
A 1 152 GLU 152 140 140 GLU GLU A . n 
A 1 153 HIS 153 141 141 HIS HIS A . n 
A 1 154 GLY 154 142 142 GLY GLY A . n 
A 1 155 ILE 155 143 143 ILE ILE A . n 
A 1 156 LEU 156 144 144 LEU LEU A . n 
A 1 157 ARG 157 145 145 ARG ARG A . n 
A 1 158 GLU 158 146 146 GLU GLU A . n 
A 1 159 ASN 159 147 147 ASN ASN A . n 
A 1 160 ILE 160 148 148 ILE ILE A . n 
A 1 161 ILE 161 149 149 ILE ILE A . n 
A 1 162 ASP 162 150 150 ASP ASP A . n 
A 1 163 LEU 163 151 151 LEU LEU A . n 
A 1 164 SER 164 152 152 SER SER A . n 
A 1 165 ASN 165 153 153 ASN ASN A . n 
A 1 166 ALA 166 154 154 ALA ALA A . n 
A 1 167 ASN 167 155 155 ASN ASN A . n 
A 1 168 ARG 168 156 156 ARG ARG A . n 
A 1 169 CYS 169 157 157 CYS CYS A . n 
A 1 170 LEU 170 158 ?   ?   ?   A . n 
A 1 171 GLN 171 159 ?   ?   ?   A . n 
A 1 172 ALA 172 160 ?   ?   ?   A . n 
A 1 173 ARG 173 161 ?   ?   ?   A . n 
A 1 174 GLU 174 162 ?   ?   ?   A . n 
# 
loop_
_pdbx_nonpoly_scheme.asym_id 
_pdbx_nonpoly_scheme.entity_id 
_pdbx_nonpoly_scheme.mon_id 
_pdbx_nonpoly_scheme.ndb_seq_num 
_pdbx_nonpoly_scheme.pdb_seq_num 
_pdbx_nonpoly_scheme.auth_seq_num 
_pdbx_nonpoly_scheme.pdb_mon_id 
_pdbx_nonpoly_scheme.auth_mon_id 
_pdbx_nonpoly_scheme.pdb_strand_id 
_pdbx_nonpoly_scheme.pdb_ins_code 
B 2 CD  1   200 200 CD  CD  A . 
C 2 CD  1   201 201 CD  CD  A . 
D 3 HE4 1   202 1   HE4 HEP A . 
E 4 HOH 1   203 202 HOH WAT A . 
E 4 HOH 2   204 203 HOH WAT A . 
E 4 HOH 3   205 204 HOH WAT A . 
E 4 HOH 4   206 205 HOH WAT A . 
E 4 HOH 5   207 206 HOH WAT A . 
E 4 HOH 6   208 207 HOH WAT A . 
E 4 HOH 7   209 208 HOH WAT A . 
E 4 HOH 8   210 209 HOH WAT A . 
E 4 HOH 9   211 210 HOH WAT A . 
E 4 HOH 10  212 211 HOH WAT A . 
E 4 HOH 11  213 212 HOH WAT A . 
E 4 HOH 12  214 213 HOH WAT A . 
E 4 HOH 13  215 214 HOH WAT A . 
E 4 HOH 14  216 215 HOH WAT A . 
E 4 HOH 15  217 216 HOH WAT A . 
E 4 HOH 16  218 217 HOH WAT A . 
E 4 HOH 17  219 218 HOH WAT A . 
E 4 HOH 18  220 219 HOH WAT A . 
E 4 HOH 19  221 220 HOH WAT A . 
E 4 HOH 20  222 221 HOH WAT A . 
E 4 HOH 21  223 222 HOH WAT A . 
E 4 HOH 22  224 223 HOH WAT A . 
E 4 HOH 23  225 224 HOH WAT A . 
E 4 HOH 24  226 225 HOH WAT A . 
E 4 HOH 25  227 226 HOH WAT A . 
E 4 HOH 26  228 227 HOH WAT A . 
E 4 HOH 27  229 228 HOH WAT A . 
E 4 HOH 28  230 229 HOH WAT A . 
E 4 HOH 29  231 230 HOH WAT A . 
E 4 HOH 30  232 231 HOH WAT A . 
E 4 HOH 31  233 232 HOH WAT A . 
E 4 HOH 32  234 233 HOH WAT A . 
E 4 HOH 33  235 234 HOH WAT A . 
E 4 HOH 34  236 235 HOH WAT A . 
E 4 HOH 35  237 236 HOH WAT A . 
E 4 HOH 36  238 237 HOH WAT A . 
E 4 HOH 37  239 238 HOH WAT A . 
E 4 HOH 38  240 239 HOH WAT A . 
E 4 HOH 39  241 240 HOH WAT A . 
E 4 HOH 40  242 241 HOH WAT A . 
E 4 HOH 41  243 242 HOH WAT A . 
E 4 HOH 42  244 243 HOH WAT A . 
E 4 HOH 43  245 244 HOH WAT A . 
E 4 HOH 44  246 245 HOH WAT A . 
E 4 HOH 45  247 246 HOH WAT A . 
E 4 HOH 46  248 247 HOH WAT A . 
E 4 HOH 47  249 248 HOH WAT A . 
E 4 HOH 48  250 249 HOH WAT A . 
E 4 HOH 49  251 250 HOH WAT A . 
E 4 HOH 50  252 251 HOH WAT A . 
E 4 HOH 51  253 252 HOH WAT A . 
E 4 HOH 52  254 253 HOH WAT A . 
E 4 HOH 53  255 254 HOH WAT A . 
E 4 HOH 54  256 255 HOH WAT A . 
E 4 HOH 55  257 256 HOH WAT A . 
E 4 HOH 56  258 257 HOH WAT A . 
E 4 HOH 57  259 258 HOH WAT A . 
E 4 HOH 58  260 259 HOH WAT A . 
E 4 HOH 59  261 260 HOH WAT A . 
E 4 HOH 60  262 261 HOH WAT A . 
E 4 HOH 61  263 262 HOH WAT A . 
E 4 HOH 62  264 263 HOH WAT A . 
E 4 HOH 63  265 264 HOH WAT A . 
E 4 HOH 64  266 265 HOH WAT A . 
E 4 HOH 65  267 266 HOH WAT A . 
E 4 HOH 66  268 267 HOH WAT A . 
E 4 HOH 67  269 268 HOH WAT A . 
E 4 HOH 68  270 269 HOH WAT A . 
E 4 HOH 69  271 270 HOH WAT A . 
E 4 HOH 70  272 271 HOH WAT A . 
E 4 HOH 71  273 272 HOH WAT A . 
E 4 HOH 72  274 273 HOH WAT A . 
E 4 HOH 73  275 274 HOH WAT A . 
E 4 HOH 74  276 275 HOH WAT A . 
E 4 HOH 75  277 276 HOH WAT A . 
E 4 HOH 76  278 278 HOH WAT A . 
E 4 HOH 77  279 279 HOH WAT A . 
E 4 HOH 78  280 280 HOH WAT A . 
E 4 HOH 79  281 281 HOH WAT A . 
E 4 HOH 80  282 282 HOH WAT A . 
E 4 HOH 81  283 283 HOH WAT A . 
E 4 HOH 82  284 284 HOH WAT A . 
E 4 HOH 83  285 285 HOH WAT A . 
E 4 HOH 84  286 286 HOH WAT A . 
E 4 HOH 85  287 287 HOH WAT A . 
E 4 HOH 86  288 288 HOH WAT A . 
E 4 HOH 87  289 289 HOH WAT A . 
E 4 HOH 88  290 290 HOH WAT A . 
E 4 HOH 89  291 291 HOH WAT A . 
E 4 HOH 90  292 292 HOH WAT A . 
E 4 HOH 91  293 293 HOH WAT A . 
E 4 HOH 92  294 294 HOH WAT A . 
E 4 HOH 93  295 295 HOH WAT A . 
E 4 HOH 94  296 296 HOH WAT A . 
E 4 HOH 95  297 297 HOH WAT A . 
E 4 HOH 96  298 298 HOH WAT A . 
E 4 HOH 97  299 299 HOH WAT A . 
E 4 HOH 98  300 300 HOH WAT A . 
E 4 HOH 99  301 301 HOH WAT A . 
E 4 HOH 100 302 302 HOH WAT A . 
E 4 HOH 101 303 303 HOH WAT A . 
E 4 HOH 102 304 304 HOH WAT A . 
E 4 HOH 103 305 305 HOH WAT A . 
E 4 HOH 104 306 307 HOH WAT A . 
E 4 HOH 105 307 308 HOH WAT A . 
E 4 HOH 106 308 309 HOH WAT A . 
E 4 HOH 107 309 310 HOH WAT A . 
E 4 HOH 108 310 311 HOH WAT A . 
E 4 HOH 109 311 312 HOH WAT A . 
E 4 HOH 110 312 313 HOH WAT A . 
E 4 HOH 111 313 314 HOH WAT A . 
E 4 HOH 112 314 315 HOH WAT A . 
E 4 HOH 113 315 316 HOH WAT A . 
E 4 HOH 114 316 317 HOH WAT A . 
E 4 HOH 115 317 318 HOH WAT A . 
E 4 HOH 116 318 319 HOH WAT A . 
E 4 HOH 117 319 320 HOH WAT A . 
E 4 HOH 118 320 321 HOH WAT A . 
E 4 HOH 119 321 322 HOH WAT A . 
E 4 HOH 120 322 323 HOH WAT A . 
E 4 HOH 121 323 324 HOH WAT A . 
E 4 HOH 122 324 325 HOH WAT A . 
E 4 HOH 123 325 326 HOH WAT A . 
E 4 HOH 124 326 327 HOH WAT A . 
E 4 HOH 125 327 328 HOH WAT A . 
E 4 HOH 126 328 329 HOH WAT A . 
E 4 HOH 127 329 330 HOH WAT A . 
E 4 HOH 128 330 331 HOH WAT A . 
E 4 HOH 129 331 332 HOH WAT A . 
E 4 HOH 130 332 333 HOH WAT A . 
E 4 HOH 131 333 334 HOH WAT A . 
E 4 HOH 132 334 335 HOH WAT A . 
E 4 HOH 133 335 336 HOH WAT A . 
E 4 HOH 134 336 337 HOH WAT A . 
E 4 HOH 135 337 338 HOH WAT A . 
E 4 HOH 136 338 339 HOH WAT A . 
E 4 HOH 137 339 340 HOH WAT A . 
E 4 HOH 138 340 341 HOH WAT A . 
E 4 HOH 139 341 342 HOH WAT A . 
E 4 HOH 140 342 343 HOH WAT A . 
E 4 HOH 141 343 344 HOH WAT A . 
E 4 HOH 142 344 345 HOH WAT A . 
E 4 HOH 143 345 346 HOH WAT A . 
E 4 HOH 144 346 347 HOH WAT A . 
E 4 HOH 145 347 348 HOH WAT A . 
E 4 HOH 146 348 349 HOH WAT A . 
E 4 HOH 147 349 350 HOH WAT A . 
E 4 HOH 148 350 351 HOH WAT A . 
E 4 HOH 149 351 352 HOH WAT A . 
E 4 HOH 150 352 353 HOH WAT A . 
E 4 HOH 151 353 354 HOH WAT A . 
E 4 HOH 152 354 355 HOH WAT A . 
E 4 HOH 153 355 356 HOH WAT A . 
E 4 HOH 154 356 357 HOH WAT A . 
E 4 HOH 155 357 358 HOH WAT A . 
E 4 HOH 156 358 359 HOH WAT A . 
E 4 HOH 157 359 361 HOH WAT A . 
E 4 HOH 158 360 362 HOH WAT A . 
E 4 HOH 159 361 363 HOH WAT A . 
E 4 HOH 160 362 364 HOH WAT A . 
E 4 HOH 161 363 365 HOH WAT A . 
E 4 HOH 162 364 366 HOH WAT A . 
E 4 HOH 163 365 367 HOH WAT A . 
E 4 HOH 164 366 368 HOH WAT A . 
E 4 HOH 165 367 369 HOH WAT A . 
E 4 HOH 166 368 370 HOH WAT A . 
E 4 HOH 167 369 371 HOH WAT A . 
E 4 HOH 168 370 372 HOH WAT A . 
E 4 HOH 169 371 373 HOH WAT A . 
E 4 HOH 170 372 374 HOH WAT A . 
E 4 HOH 171 373 375 HOH WAT A . 
E 4 HOH 172 374 376 HOH WAT A . 
E 4 HOH 173 375 377 HOH WAT A . 
E 4 HOH 174 376 379 HOH WAT A . 
E 4 HOH 175 377 380 HOH WAT A . 
E 4 HOH 176 378 381 HOH WAT A . 
E 4 HOH 177 379 382 HOH WAT A . 
E 4 HOH 178 380 383 HOH WAT A . 
E 4 HOH 179 381 384 HOH WAT A . 
E 4 HOH 180 382 385 HOH WAT A . 
E 4 HOH 181 383 386 HOH WAT A . 
E 4 HOH 182 384 387 HOH WAT A . 
E 4 HOH 183 385 388 HOH WAT A . 
E 4 HOH 184 386 389 HOH WAT A . 
E 4 HOH 185 387 390 HOH WAT A . 
E 4 HOH 186 388 391 HOH WAT A . 
E 4 HOH 187 389 392 HOH WAT A . 
E 4 HOH 188 390 393 HOH WAT A . 
E 4 HOH 189 391 394 HOH WAT A . 
E 4 HOH 190 392 395 HOH WAT A . 
E 4 HOH 191 393 396 HOH WAT A . 
E 4 HOH 192 394 397 HOH WAT A . 
E 4 HOH 193 395 398 HOH WAT A . 
E 4 HOH 194 396 399 HOH WAT A . 
E 4 HOH 195 397 400 HOH WAT A . 
E 4 HOH 196 398 401 HOH WAT A . 
E 4 HOH 197 399 402 HOH WAT A . 
E 4 HOH 198 400 403 HOH WAT A . 
E 4 HOH 199 401 404 HOH WAT A . 
E 4 HOH 200 402 405 HOH WAT A . 
E 4 HOH 201 403 406 HOH WAT A . 
E 4 HOH 202 404 407 HOH WAT A . 
E 4 HOH 203 405 408 HOH WAT A . 
E 4 HOH 204 406 409 HOH WAT A . 
E 4 HOH 205 407 410 HOH WAT A . 
E 4 HOH 206 408 411 HOH WAT A . 
E 4 HOH 207 409 412 HOH WAT A . 
E 4 HOH 208 410 413 HOH WAT A . 
E 4 HOH 209 411 414 HOH WAT A . 
E 4 HOH 210 412 415 HOH WAT A . 
E 4 HOH 211 413 416 HOH WAT A . 
E 4 HOH 212 414 417 HOH WAT A . 
E 4 HOH 213 415 418 HOH WAT A . 
E 4 HOH 214 416 419 HOH WAT A . 
E 4 HOH 215 417 420 HOH WAT A . 
E 4 HOH 216 418 421 HOH WAT A . 
E 4 HOH 217 419 422 HOH WAT A . 
E 4 HOH 218 420 423 HOH WAT A . 
E 4 HOH 219 421 424 HOH WAT A . 
E 4 HOH 220 422 425 HOH WAT A . 
E 4 HOH 221 423 426 HOH WAT A . 
E 4 HOH 222 424 427 HOH WAT A . 
E 4 HOH 223 425 428 HOH WAT A . 
E 4 HOH 224 426 429 HOH WAT A . 
E 4 HOH 225 427 430 HOH WAT A . 
E 4 HOH 226 428 431 HOH WAT A . 
E 4 HOH 227 429 432 HOH WAT A . 
E 4 HOH 228 430 433 HOH WAT A . 
E 4 HOH 229 431 435 HOH WAT A . 
E 4 HOH 230 432 436 HOH WAT A . 
E 4 HOH 231 433 437 HOH WAT A . 
E 4 HOH 232 434 438 HOH WAT A . 
E 4 HOH 233 435 439 HOH WAT A . 
E 4 HOH 234 436 440 HOH WAT A . 
E 4 HOH 235 437 441 HOH WAT A . 
E 4 HOH 236 438 442 HOH WAT A . 
E 4 HOH 237 439 443 HOH WAT A . 
E 4 HOH 238 440 444 HOH WAT A . 
E 4 HOH 239 441 445 HOH WAT A . 
E 4 HOH 240 442 446 HOH WAT A . 
E 4 HOH 241 443 447 HOH WAT A . 
# 
loop_
_software.name 
_software.classification 
_software.version 
_software.citation_id 
_software.pdbx_ordinal 
MOSFLM 'data reduction' .         ? 1 
SCALA  'data scaling'   .         ? 2 
CNS    refinement       .         ? 3 
CCP4   'data scaling'   '(SCALA)' ? 4 
CNS    phasing          .         ? 5 
# 
_cell.entry_id           1ZNG 
_cell.length_a           53.607 
_cell.length_b           53.607 
_cell.length_c           137.381 
_cell.angle_alpha        90.00 
_cell.angle_beta         90.00 
_cell.angle_gamma        90.00 
_cell.Z_PDB              8 
_cell.pdbx_unique_axis   ? 
# 
_symmetry.entry_id                         1ZNG 
_symmetry.space_group_name_H-M             'P 43 21 2' 
_symmetry.pdbx_full_space_group_name_H-M   ? 
_symmetry.cell_setting                     ? 
_symmetry.Int_Tables_number                96 
_symmetry.space_group_name_Hall            ? 
# 
_exptl.entry_id          1ZNG 
_exptl.method            'X-RAY DIFFRACTION' 
_exptl.crystals_number   1 
# 
_exptl_crystal.id                    1 
_exptl_crystal.density_meas          ? 
_exptl_crystal.density_Matthews      2.75 
_exptl_crystal.density_percent_sol   54.9 
_exptl_crystal.description           ? 
_exptl_crystal.F_000                 ? 
_exptl_crystal.preparation           ? 
# 
_exptl_crystal_grow.crystal_id      1 
_exptl_crystal_grow.method          'VAPOR DIFFUSION, HANGING DROP' 
_exptl_crystal_grow.temp            291 
_exptl_crystal_grow.temp_details    ? 
_exptl_crystal_grow.pH              4.9 
_exptl_crystal_grow.pdbx_details    'CdCl, malate, HCl, pH 4.9, VAPOR DIFFUSION, HANGING DROP, temperature 291K' 
_exptl_crystal_grow.pdbx_pH_range   . 
# 
_diffrn.id                     1 
_diffrn.ambient_temp           100 
_diffrn.ambient_temp_details   ? 
_diffrn.crystal_id             1 
# 
_diffrn_detector.diffrn_id              1 
_diffrn_detector.detector               'IMAGE PLATE' 
_diffrn_detector.type                   'RIGAKU RAXIS IV' 
_diffrn_detector.pdbx_collection_date   2005-04-13 
_diffrn_detector.details                'confocal max fluc (osmic)' 
# 
_diffrn_radiation.diffrn_id                        1 
_diffrn_radiation.wavelength_id                    1 
_diffrn_radiation.pdbx_monochromatic_or_laue_m_l   M 
_diffrn_radiation.monochromator                    'Ni filter' 
_diffrn_radiation.pdbx_diffrn_protocol             'SINGLE WAVELENGTH' 
_diffrn_radiation.pdbx_scattering_type             x-ray 
# 
_diffrn_radiation_wavelength.id           1 
_diffrn_radiation_wavelength.wavelength   1.5418 
_diffrn_radiation_wavelength.wt           1.0 
# 
_diffrn_source.diffrn_id                   1 
_diffrn_source.source                      'ROTATING ANODE' 
_diffrn_source.type                        RIGAKU 
_diffrn_source.pdbx_synchrotron_site       ? 
_diffrn_source.pdbx_synchrotron_beamline   ? 
_diffrn_source.pdbx_wavelength             ? 
_diffrn_source.pdbx_wavelength_list        1.5418 
# 
_reflns.entry_id                     1ZNG 
_reflns.observed_criterion_sigma_F   0 
_reflns.observed_criterion_sigma_I   0 
_reflns.d_resolution_high            1.6 
_reflns.d_resolution_low             19.6 
_reflns.number_all                   26290 
_reflns.number_obs                   26290 
_reflns.percent_possible_obs         96.2 
_reflns.pdbx_Rmerge_I_obs            ? 
_reflns.pdbx_Rsym_value              0.076 
_reflns.pdbx_netI_over_sigmaI        5.3 
_reflns.B_iso_Wilson_estimate        19.8 
_reflns.pdbx_redundancy              3.9 
_reflns.R_free_details               ? 
_reflns.limit_h_max                  ? 
_reflns.limit_h_min                  ? 
_reflns.limit_k_max                  ? 
_reflns.limit_k_min                  ? 
_reflns.limit_l_max                  ? 
_reflns.limit_l_min                  ? 
_reflns.observed_criterion_F_max     ? 
_reflns.observed_criterion_F_min     ? 
_reflns.pdbx_chi_squared             ? 
_reflns.pdbx_scaling_rejects         ? 
_reflns.pdbx_diffrn_id               1 
_reflns.pdbx_ordinal                 1 
# 
_reflns_shell.d_res_high             1.6 
_reflns_shell.d_res_low              1.69 
_reflns_shell.percent_possible_all   97.1 
_reflns_shell.Rmerge_I_obs           ? 
_reflns_shell.pdbx_Rsym_value        0.225 
_reflns_shell.meanI_over_sigI_obs    3.0 
_reflns_shell.pdbx_redundancy        3.5 
_reflns_shell.percent_possible_obs   ? 
_reflns_shell.number_unique_all      3773 
_reflns_shell.number_measured_all    ? 
_reflns_shell.number_measured_obs    ? 
_reflns_shell.number_unique_obs      ? 
_reflns_shell.pdbx_chi_squared       ? 
_reflns_shell.pdbx_diffrn_id         ? 
_reflns_shell.pdbx_ordinal           1 
# 
_refine.entry_id                                 1ZNG 
_refine.ls_d_res_high                            1.6 
_refine.ls_d_res_low                             19.6 
_refine.pdbx_ls_sigma_F                          0 
_refine.pdbx_ls_sigma_I                          0 
_refine.ls_number_reflns_all                     26290 
_refine.ls_number_reflns_obs                     26290 
_refine.ls_number_reflns_R_free                  1312 
_refine.ls_percent_reflns_obs                    96.2 
_refine.ls_R_factor_all                          0.1895 
_refine.ls_R_factor_obs                          0.1895 
_refine.ls_R_factor_R_work                       0.1881 
_refine.ls_R_factor_R_free                       0.2156 
_refine.ls_redundancy_reflns_obs                 ? 
_refine.pdbx_data_cutoff_high_absF               ? 
_refine.pdbx_data_cutoff_low_absF                ? 
_refine.ls_number_parameters                     ? 
_refine.ls_number_restraints                     ? 
_refine.ls_percent_reflns_R_free                 ? 
_refine.ls_R_factor_R_free_error                 ? 
_refine.ls_R_factor_R_free_error_details         ? 
_refine.pdbx_method_to_determine_struct          'MOLECULAR REPLACEMENT' 
_refine.pdbx_starting_model                      1QY0 
_refine.pdbx_ls_cross_valid_method               THROUGHOUT 
_refine.pdbx_R_Free_selection_details            random 
_refine.pdbx_stereochem_target_val_spec_case     ? 
_refine.pdbx_stereochemistry_target_values       'Engh & Huber' 
_refine.solvent_model_details                    ? 
_refine.solvent_model_param_bsol                 ? 
_refine.solvent_model_param_ksol                 ? 
_refine.occupancy_max                            ? 
_refine.occupancy_min                            ? 
_refine.pdbx_isotropic_thermal_model             isotropic 
_refine.B_iso_mean                               25.3 
_refine.aniso_B[1][1]                            -1.594 
_refine.aniso_B[1][2]                            0 
_refine.aniso_B[1][3]                            0 
_refine.aniso_B[2][2]                            -1.594 
_refine.aniso_B[2][3]                            0 
_refine.aniso_B[3][3]                            3.188 
_refine.details                                  ? 
_refine.B_iso_min                                ? 
_refine.B_iso_max                                ? 
_refine.correlation_coeff_Fo_to_Fc               ? 
_refine.correlation_coeff_Fo_to_Fc_free          ? 
_refine.pdbx_solvent_vdw_probe_radii             ? 
_refine.pdbx_solvent_ion_probe_radii             ? 
_refine.pdbx_solvent_shrinkage_radii             ? 
_refine.overall_SU_R_Cruickshank_DPI             ? 
_refine.overall_SU_R_free                        ? 
_refine.overall_SU_ML                            ? 
_refine.overall_SU_B                             ? 
_refine.pdbx_overall_ESU_R_Free                  ? 
_refine.pdbx_data_cutoff_high_rms_absF           ? 
_refine.pdbx_overall_ESU_R                       ? 
_refine.ls_wR_factor_R_free                      ? 
_refine.ls_wR_factor_R_work                      ? 
_refine.overall_FOM_free_R_set                   ? 
_refine.overall_FOM_work_R_set                   ? 
_refine.pdbx_refine_id                           'X-RAY DIFFRACTION' 
_refine.pdbx_diffrn_id                           1 
_refine.pdbx_TLS_residual_ADP_flag               ? 
_refine.pdbx_overall_phase_error                 ? 
_refine.pdbx_overall_SU_R_free_Cruickshank_DPI   ? 
_refine.pdbx_overall_SU_R_Blow_DPI               ? 
_refine.pdbx_overall_SU_R_free_Blow_DPI          ? 
# 
_refine_analyze.entry_id                        1ZNG 
_refine_analyze.Luzzati_coordinate_error_obs    0.17 
_refine_analyze.Luzzati_sigma_a_obs             0.09 
_refine_analyze.Luzzati_d_res_low_obs           5 
_refine_analyze.Luzzati_coordinate_error_free   0.20 
_refine_analyze.Luzzati_sigma_a_free            0.09 
_refine_analyze.Luzzati_d_res_low_free          ? 
_refine_analyze.number_disordered_residues      ? 
_refine_analyze.occupancy_sum_non_hydrogen      ? 
_refine_analyze.occupancy_sum_hydrogen          ? 
_refine_analyze.pdbx_Luzzati_d_res_high_obs     ? 
_refine_analyze.pdbx_refine_id                  'X-RAY DIFFRACTION' 
# 
_refine_hist.pdbx_refine_id                   'X-RAY DIFFRACTION' 
_refine_hist.cycle_id                         LAST 
_refine_hist.pdbx_number_atoms_protein        1272 
_refine_hist.pdbx_number_atoms_nucleic_acid   0 
_refine_hist.pdbx_number_atoms_ligand         10 
_refine_hist.number_atoms_solvent             241 
_refine_hist.number_atoms_total               1523 
_refine_hist.d_res_high                       1.6 
_refine_hist.d_res_low                        19.6 
# 
loop_
_refine_ls_restr.type 
_refine_ls_restr.dev_ideal 
_refine_ls_restr.dev_ideal_target 
_refine_ls_restr.weight 
_refine_ls_restr.number 
_refine_ls_restr.pdbx_refine_id 
_refine_ls_restr.pdbx_restraint_function 
c_bond_d    0.011 ? ? ? 'X-RAY DIFFRACTION' ? 
c_angle_deg 1.536 ? ? ? 'X-RAY DIFFRACTION' ? 
# 
_refine_ls_shell.pdbx_total_number_of_bins_used   ? 
_refine_ls_shell.d_res_high                       1.6 
_refine_ls_shell.d_res_low                        1.66 
_refine_ls_shell.number_reflns_R_work             ? 
_refine_ls_shell.R_factor_R_work                  0.354 
_refine_ls_shell.percent_reflns_obs               96.2 
_refine_ls_shell.R_factor_R_free                  0.397 
_refine_ls_shell.R_factor_R_free_error            0.036 
_refine_ls_shell.percent_reflns_R_free            ? 
_refine_ls_shell.number_reflns_R_free             123 
_refine_ls_shell.number_reflns_obs                2565 
_refine_ls_shell.redundancy_reflns_obs            ? 
_refine_ls_shell.number_reflns_all                ? 
_refine_ls_shell.pdbx_refine_id                   'X-RAY DIFFRACTION' 
_refine_ls_shell.R_factor_all                     ? 
# 
_struct.entry_id                  1ZNG 
_struct.title                     'Strong Solute-Solute Dispersive Interactions in a Protein-Ligand Complex' 
_struct.pdbx_model_details        ? 
_struct.pdbx_CASP_flag            ? 
_struct.pdbx_model_type_details   ? 
# 
_struct_keywords.entry_id        1ZNG 
_struct_keywords.pdbx_keywords   'TRANSPORT PROTEIN' 
_struct_keywords.text            'lipocalin, beta-barrel, Transport Protein' 
# 
loop_
_struct_asym.id 
_struct_asym.pdbx_blank_PDB_chainid_flag 
_struct_asym.pdbx_modified 
_struct_asym.entity_id 
_struct_asym.details 
A N N 1 ? 
B N N 2 ? 
C N N 2 ? 
D N N 3 ? 
E N N 4 ? 
# 
_struct_ref.id                         1 
_struct_ref.db_name                    UNP 
_struct_ref.db_code                    MUP2_MOUSE 
_struct_ref.pdbx_db_accession          P11589 
_struct_ref.entity_id                  1 
_struct_ref.pdbx_seq_one_letter_code   
;EEASSTGRNFNVEKINGEWHTIILASDKREKIEDNGNFRLFLEQIHVLEKSLVLKFHTVRDEECSELSMVADKTEKAGEY
SVTYDGFNTFTIPKTDYDNFLMAHLINEKDGETFQLMGLYGREPDLSSDIKERFAQLCEEHGILRENIIDLSNANRCLQA
RE
;
_struct_ref.pdbx_align_begin           19 
_struct_ref.pdbx_db_isoform            ? 
# 
_struct_ref_seq.align_id                      1 
_struct_ref_seq.ref_id                        1 
_struct_ref_seq.pdbx_PDB_id_code              1ZNG 
_struct_ref_seq.pdbx_strand_id                A 
_struct_ref_seq.seq_align_beg                 13 
_struct_ref_seq.pdbx_seq_align_beg_ins_code   ? 
_struct_ref_seq.seq_align_end                 174 
_struct_ref_seq.pdbx_seq_align_end_ins_code   ? 
_struct_ref_seq.pdbx_db_accession             P11589 
_struct_ref_seq.db_align_beg                  19 
_struct_ref_seq.pdbx_db_align_beg_ins_code    ? 
_struct_ref_seq.db_align_end                  180 
_struct_ref_seq.pdbx_db_align_end_ins_code    ? 
_struct_ref_seq.pdbx_auth_seq_align_beg       1 
_struct_ref_seq.pdbx_auth_seq_align_end       162 
# 
loop_
_struct_ref_seq_dif.align_id 
_struct_ref_seq_dif.pdbx_pdb_id_code 
_struct_ref_seq_dif.mon_id 
_struct_ref_seq_dif.pdbx_pdb_strand_id 
_struct_ref_seq_dif.seq_num 
_struct_ref_seq_dif.pdbx_pdb_ins_code 
_struct_ref_seq_dif.pdbx_seq_db_name 
_struct_ref_seq_dif.pdbx_seq_db_accession_code 
_struct_ref_seq_dif.db_mon_id 
_struct_ref_seq_dif.pdbx_seq_db_seq_num 
_struct_ref_seq_dif.details 
_struct_ref_seq_dif.pdbx_auth_seq_num 
_struct_ref_seq_dif.pdbx_ordinal 
1 1ZNG MET A 1  ? UNP P11589 ? ? 'cloning artifact' -11 1  
1 1ZNG ARG A 2  ? UNP P11589 ? ? 'cloning artifact' -10 2  
1 1ZNG GLY A 3  ? UNP P11589 ? ? 'cloning artifact' -9  3  
1 1ZNG SER A 4  ? UNP P11589 ? ? 'cloning artifact' -8  4  
1 1ZNG HIS A 5  ? UNP P11589 ? ? 'expression tag'   -7  5  
1 1ZNG HIS A 6  ? UNP P11589 ? ? 'expression tag'   -6  6  
1 1ZNG HIS A 7  ? UNP P11589 ? ? 'expression tag'   -5  7  
1 1ZNG HIS A 8  ? UNP P11589 ? ? 'expression tag'   -4  8  
1 1ZNG HIS A 9  ? UNP P11589 ? ? 'expression tag'   -3  9  
1 1ZNG HIS A 10 ? UNP P11589 ? ? 'expression tag'   -2  10 
1 1ZNG GLY A 11 ? UNP P11589 ? ? 'cloning artifact' -1  11 
1 1ZNG SER A 12 ? UNP P11589 ? ? 'cloning artifact' 0   12 
# 
_pdbx_struct_assembly.id                   1 
_pdbx_struct_assembly.details              author_defined_assembly 
_pdbx_struct_assembly.method_details       ? 
_pdbx_struct_assembly.oligomeric_details   monomeric 
_pdbx_struct_assembly.oligomeric_count     1 
# 
_pdbx_struct_assembly_gen.assembly_id       1 
_pdbx_struct_assembly_gen.oper_expression   1 
_pdbx_struct_assembly_gen.asym_id_list      A,B,C,D,E 
# 
_pdbx_struct_oper_list.id                   1 
_pdbx_struct_oper_list.type                 'identity operation' 
_pdbx_struct_oper_list.name                 1_555 
_pdbx_struct_oper_list.symmetry_operation   x,y,z 
_pdbx_struct_oper_list.matrix[1][1]         1.0000000000 
_pdbx_struct_oper_list.matrix[1][2]         0.0000000000 
_pdbx_struct_oper_list.matrix[1][3]         0.0000000000 
_pdbx_struct_oper_list.vector[1]            0.0000000000 
_pdbx_struct_oper_list.matrix[2][1]         0.0000000000 
_pdbx_struct_oper_list.matrix[2][2]         1.0000000000 
_pdbx_struct_oper_list.matrix[2][3]         0.0000000000 
_pdbx_struct_oper_list.vector[2]            0.0000000000 
_pdbx_struct_oper_list.matrix[3][1]         0.0000000000 
_pdbx_struct_oper_list.matrix[3][2]         0.0000000000 
_pdbx_struct_oper_list.matrix[3][3]         1.0000000000 
_pdbx_struct_oper_list.vector[3]            0.0000000000 
# 
_struct_biol.id                    1 
_struct_biol.pdbx_parent_biol_id   ? 
_struct_biol.details               ? 
# 
loop_
_struct_conf.conf_type_id 
_struct_conf.id 
_struct_conf.pdbx_PDB_helix_id 
_struct_conf.beg_label_comp_id 
_struct_conf.beg_label_asym_id 
_struct_conf.beg_label_seq_id 
_struct_conf.pdbx_beg_PDB_ins_code 
_struct_conf.end_label_comp_id 
_struct_conf.end_label_asym_id 
_struct_conf.end_label_seq_id 
_struct_conf.pdbx_end_PDB_ins_code 
_struct_conf.beg_auth_comp_id 
_struct_conf.beg_auth_asym_id 
_struct_conf.beg_auth_seq_id 
_struct_conf.end_auth_comp_id 
_struct_conf.end_auth_asym_id 
_struct_conf.end_auth_seq_id 
_struct_conf.pdbx_PDB_helix_class 
_struct_conf.details 
_struct_conf.pdbx_PDB_helix_length 
HELX_P HELX_P1 1 ASN A 23  ? ASN A 28  ? ASN A 11  ASN A 16  5 ? 6  
HELX_P HELX_P2 2 LYS A 40  ? GLU A 45  ? LYS A 28  GLU A 33  5 ? 6  
HELX_P HELX_P3 3 SER A 139 ? HIS A 153 ? SER A 127 HIS A 141 1 ? 15 
HELX_P HELX_P4 4 LEU A 156 ? GLU A 158 ? LEU A 144 GLU A 146 5 ? 3  
# 
_struct_conf_type.id          HELX_P 
_struct_conf_type.criteria    ? 
_struct_conf_type.reference   ? 
# 
loop_
_struct_conn.id 
_struct_conn.conn_type_id 
_struct_conn.pdbx_leaving_atom_flag 
_struct_conn.pdbx_PDB_id 
_struct_conn.ptnr1_label_asym_id 
_struct_conn.ptnr1_label_comp_id 
_struct_conn.ptnr1_label_seq_id 
_struct_conn.ptnr1_label_atom_id 
_struct_conn.pdbx_ptnr1_label_alt_id 
_struct_conn.pdbx_ptnr1_PDB_ins_code 
_struct_conn.pdbx_ptnr1_standard_comp_id 
_struct_conn.ptnr1_symmetry 
_struct_conn.ptnr2_label_asym_id 
_struct_conn.ptnr2_label_comp_id 
_struct_conn.ptnr2_label_seq_id 
_struct_conn.ptnr2_label_atom_id 
_struct_conn.pdbx_ptnr2_label_alt_id 
_struct_conn.pdbx_ptnr2_PDB_ins_code 
_struct_conn.ptnr1_auth_asym_id 
_struct_conn.ptnr1_auth_comp_id 
_struct_conn.ptnr1_auth_seq_id 
_struct_conn.ptnr2_auth_asym_id 
_struct_conn.ptnr2_auth_comp_id 
_struct_conn.ptnr2_auth_seq_id 
_struct_conn.ptnr2_symmetry 
_struct_conn.pdbx_ptnr3_label_atom_id 
_struct_conn.pdbx_ptnr3_label_seq_id 
_struct_conn.pdbx_ptnr3_label_comp_id 
_struct_conn.pdbx_ptnr3_label_asym_id 
_struct_conn.pdbx_ptnr3_label_alt_id 
_struct_conn.pdbx_ptnr3_PDB_ins_code 
_struct_conn.details 
_struct_conn.pdbx_dist_value 
_struct_conn.pdbx_value_order 
_struct_conn.pdbx_role 
disulf1  disulf ? ? A CYS 76  SG  ? ? ? 1_555 A CYS 169 SG ? ? A CYS 64  A CYS 157 1_555 ? ? ? ? ? ? ? 2.030 ? ? 
metalc1  metalc ? ? A GLU 25  OE2 ? ? ? 1_555 C CD  .   CD ? ? A GLU 13  A CD  201 1_555 ? ? ? ? ? ? ? 2.551 ? ? 
metalc2  metalc ? ? A GLU 25  OE1 ? ? ? 1_555 C CD  .   CD ? ? A GLU 13  A CD  201 1_555 ? ? ? ? ? ? ? 2.291 ? ? 
metalc3  metalc ? ? A GLU 30  OE2 ? ? ? 5_645 B CD  .   CD ? ? A GLU 18  A CD  200 1_555 ? ? ? ? ? ? ? 2.296 ? ? 
metalc4  metalc ? ? A GLU 30  OE1 ? ? ? 5_645 B CD  .   CD ? ? A GLU 18  A CD  200 1_555 ? ? ? ? ? ? ? 2.404 ? ? 
metalc5  metalc ? ? A ASP 122 OD2 ? ? ? 8_675 C CD  .   CD ? ? A ASP 110 A CD  201 1_555 ? ? ? ? ? ? ? 2.266 ? ? 
metalc6  metalc ? ? A GLU 151 OE1 ? ? ? 1_555 B CD  .   CD ? ? A GLU 139 A CD  200 1_555 ? ? ? ? ? ? ? 2.218 ? ? 
metalc7  metalc ? ? A GLU 151 OE2 ? ? ? 1_555 B CD  .   CD ? ? A GLU 139 A CD  200 1_555 ? ? ? ? ? ? ? 2.492 ? ? 
metalc8  metalc ? ? B CD  .   CD  ? ? ? 1_555 E HOH .   O  ? ? A CD  200 A HOH 436 1_555 ? ? ? ? ? ? ? 2.346 ? ? 
metalc9  metalc ? ? B CD  .   CD  ? ? ? 1_555 E HOH .   O  ? ? A CD  200 A HOH 438 1_555 ? ? ? ? ? ? ? 2.282 ? ? 
metalc10 metalc ? ? B CD  .   CD  ? ? ? 1_555 E HOH .   O  ? ? A CD  200 A HOH 439 1_555 ? ? ? ? ? ? ? 2.355 ? ? 
metalc11 metalc ? ? C CD  .   CD  ? ? ? 1_555 E HOH .   O  ? ? A CD  201 A HOH 221 1_555 ? ? ? ? ? ? ? 2.223 ? ? 
metalc12 metalc ? ? C CD  .   CD  ? ? ? 1_555 E HOH .   O  ? ? A CD  201 A HOH 440 1_555 ? ? ? ? ? ? ? 2.353 ? ? 
# 
loop_
_struct_conn_type.id 
_struct_conn_type.criteria 
_struct_conn_type.reference 
disulf ? ? 
metalc ? ? 
# 
loop_
_pdbx_struct_conn_angle.id 
_pdbx_struct_conn_angle.ptnr1_label_atom_id 
_pdbx_struct_conn_angle.ptnr1_label_alt_id 
_pdbx_struct_conn_angle.ptnr1_label_asym_id 
_pdbx_struct_conn_angle.ptnr1_label_comp_id 
_pdbx_struct_conn_angle.ptnr1_label_seq_id 
_pdbx_struct_conn_angle.ptnr1_auth_atom_id 
_pdbx_struct_conn_angle.ptnr1_auth_asym_id 
_pdbx_struct_conn_angle.ptnr1_auth_comp_id 
_pdbx_struct_conn_angle.ptnr1_auth_seq_id 
_pdbx_struct_conn_angle.ptnr1_PDB_ins_code 
_pdbx_struct_conn_angle.ptnr1_symmetry 
_pdbx_struct_conn_angle.ptnr2_label_atom_id 
_pdbx_struct_conn_angle.ptnr2_label_alt_id 
_pdbx_struct_conn_angle.ptnr2_label_asym_id 
_pdbx_struct_conn_angle.ptnr2_label_comp_id 
_pdbx_struct_conn_angle.ptnr2_label_seq_id 
_pdbx_struct_conn_angle.ptnr2_auth_atom_id 
_pdbx_struct_conn_angle.ptnr2_auth_asym_id 
_pdbx_struct_conn_angle.ptnr2_auth_comp_id 
_pdbx_struct_conn_angle.ptnr2_auth_seq_id 
_pdbx_struct_conn_angle.ptnr2_PDB_ins_code 
_pdbx_struct_conn_angle.ptnr2_symmetry 
_pdbx_struct_conn_angle.ptnr3_label_atom_id 
_pdbx_struct_conn_angle.ptnr3_label_alt_id 
_pdbx_struct_conn_angle.ptnr3_label_asym_id 
_pdbx_struct_conn_angle.ptnr3_label_comp_id 
_pdbx_struct_conn_angle.ptnr3_label_seq_id 
_pdbx_struct_conn_angle.ptnr3_auth_atom_id 
_pdbx_struct_conn_angle.ptnr3_auth_asym_id 
_pdbx_struct_conn_angle.ptnr3_auth_comp_id 
_pdbx_struct_conn_angle.ptnr3_auth_seq_id 
_pdbx_struct_conn_angle.ptnr3_PDB_ins_code 
_pdbx_struct_conn_angle.ptnr3_symmetry 
_pdbx_struct_conn_angle.value 
_pdbx_struct_conn_angle.value_esd 
1  OE2 ? A GLU 25  ? A GLU 13  ? 1_555 CD ? C CD . ? A CD 201 ? 1_555 OE1 ? A GLU 25  ? A GLU 13  ? 1_555 53.8  ? 
2  OE2 ? A GLU 25  ? A GLU 13  ? 1_555 CD ? C CD . ? A CD 201 ? 1_555 OD2 ? A ASP 122 ? A ASP 110 ? 8_675 81.3  ? 
3  OE1 ? A GLU 25  ? A GLU 13  ? 1_555 CD ? C CD . ? A CD 201 ? 1_555 OD2 ? A ASP 122 ? A ASP 110 ? 8_675 121.1 ? 
4  OE2 ? A GLU 25  ? A GLU 13  ? 1_555 CD ? C CD . ? A CD 201 ? 1_555 O   ? E HOH .   ? A HOH 221 ? 1_555 107.0 ? 
5  OE1 ? A GLU 25  ? A GLU 13  ? 1_555 CD ? C CD . ? A CD 201 ? 1_555 O   ? E HOH .   ? A HOH 221 ? 1_555 85.3  ? 
6  OD2 ? A ASP 122 ? A ASP 110 ? 8_675 CD ? C CD . ? A CD 201 ? 1_555 O   ? E HOH .   ? A HOH 221 ? 1_555 72.6  ? 
7  OE2 ? A GLU 25  ? A GLU 13  ? 1_555 CD ? C CD . ? A CD 201 ? 1_555 O   ? E HOH .   ? A HOH 440 ? 1_555 150.1 ? 
8  OE1 ? A GLU 25  ? A GLU 13  ? 1_555 CD ? C CD . ? A CD 201 ? 1_555 O   ? E HOH .   ? A HOH 440 ? 1_555 148.9 ? 
9  OD2 ? A ASP 122 ? A ASP 110 ? 8_675 CD ? C CD . ? A CD 201 ? 1_555 O   ? E HOH .   ? A HOH 440 ? 1_555 88.7  ? 
10 O   ? E HOH .   ? A HOH 221 ? 1_555 CD ? C CD . ? A CD 201 ? 1_555 O   ? E HOH .   ? A HOH 440 ? 1_555 96.6  ? 
11 OE2 ? A GLU 30  ? A GLU 18  ? 5_645 CD ? B CD . ? A CD 200 ? 1_555 OE1 ? A GLU 30  ? A GLU 18  ? 5_645 54.6  ? 
12 OE2 ? A GLU 30  ? A GLU 18  ? 5_645 CD ? B CD . ? A CD 200 ? 1_555 OE1 ? A GLU 151 ? A GLU 139 ? 1_555 163.0 ? 
13 OE1 ? A GLU 30  ? A GLU 18  ? 5_645 CD ? B CD . ? A CD 200 ? 1_555 OE1 ? A GLU 151 ? A GLU 139 ? 1_555 142.2 ? 
14 OE2 ? A GLU 30  ? A GLU 18  ? 5_645 CD ? B CD . ? A CD 200 ? 1_555 OE2 ? A GLU 151 ? A GLU 139 ? 1_555 141.5 ? 
15 OE1 ? A GLU 30  ? A GLU 18  ? 5_645 CD ? B CD . ? A CD 200 ? 1_555 OE2 ? A GLU 151 ? A GLU 139 ? 1_555 87.0  ? 
16 OE1 ? A GLU 151 ? A GLU 139 ? 1_555 CD ? B CD . ? A CD 200 ? 1_555 OE2 ? A GLU 151 ? A GLU 139 ? 1_555 55.2  ? 
17 OE2 ? A GLU 30  ? A GLU 18  ? 5_645 CD ? B CD . ? A CD 200 ? 1_555 O   ? E HOH .   ? A HOH 436 ? 1_555 92.4  ? 
18 OE1 ? A GLU 30  ? A GLU 18  ? 5_645 CD ? B CD . ? A CD 200 ? 1_555 O   ? E HOH .   ? A HOH 436 ? 1_555 83.1  ? 
19 OE1 ? A GLU 151 ? A GLU 139 ? 1_555 CD ? B CD . ? A CD 200 ? 1_555 O   ? E HOH .   ? A HOH 436 ? 1_555 93.4  ? 
20 OE2 ? A GLU 151 ? A GLU 139 ? 1_555 CD ? B CD . ? A CD 200 ? 1_555 O   ? E HOH .   ? A HOH 436 ? 1_555 83.4  ? 
21 OE2 ? A GLU 30  ? A GLU 18  ? 5_645 CD ? B CD . ? A CD 200 ? 1_555 O   ? E HOH .   ? A HOH 438 ? 1_555 80.6  ? 
22 OE1 ? A GLU 30  ? A GLU 18  ? 5_645 CD ? B CD . ? A CD 200 ? 1_555 O   ? E HOH .   ? A HOH 438 ? 1_555 135.0 ? 
23 OE1 ? A GLU 151 ? A GLU 139 ? 1_555 CD ? B CD . ? A CD 200 ? 1_555 O   ? E HOH .   ? A HOH 438 ? 1_555 82.5  ? 
24 OE2 ? A GLU 151 ? A GLU 139 ? 1_555 CD ? B CD . ? A CD 200 ? 1_555 O   ? E HOH .   ? A HOH 438 ? 1_555 137.6 ? 
25 O   ? E HOH .   ? A HOH 436 ? 1_555 CD ? B CD . ? A CD 200 ? 1_555 O   ? E HOH .   ? A HOH 438 ? 1_555 104.2 ? 
26 OE2 ? A GLU 30  ? A GLU 18  ? 5_645 CD ? B CD . ? A CD 200 ? 1_555 O   ? E HOH .   ? A HOH 439 ? 1_555 90.8  ? 
27 OE1 ? A GLU 30  ? A GLU 18  ? 5_645 CD ? B CD . ? A CD 200 ? 1_555 O   ? E HOH .   ? A HOH 439 ? 1_555 87.1  ? 
28 OE1 ? A GLU 151 ? A GLU 139 ? 1_555 CD ? B CD . ? A CD 200 ? 1_555 O   ? E HOH .   ? A HOH 439 ? 1_555 87.6  ? 
29 OE2 ? A GLU 151 ? A GLU 139 ? 1_555 CD ? B CD . ? A CD 200 ? 1_555 O   ? E HOH .   ? A HOH 439 ? 1_555 85.2  ? 
30 O   ? E HOH .   ? A HOH 436 ? 1_555 CD ? B CD . ? A CD 200 ? 1_555 O   ? E HOH .   ? A HOH 439 ? 1_555 165.3 ? 
31 O   ? E HOH .   ? A HOH 438 ? 1_555 CD ? B CD . ? A CD 200 ? 1_555 O   ? E HOH .   ? A HOH 439 ? 1_555 90.4  ? 
# 
_pdbx_modification_feature.ordinal                            1 
_pdbx_modification_feature.label_comp_id                      CYS 
_pdbx_modification_feature.label_asym_id                      A 
_pdbx_modification_feature.label_seq_id                       76 
_pdbx_modification_feature.label_alt_id                       ? 
_pdbx_modification_feature.modified_residue_label_comp_id     CYS 
_pdbx_modification_feature.modified_residue_label_asym_id     A 
_pdbx_modification_feature.modified_residue_label_seq_id      169 
_pdbx_modification_feature.modified_residue_label_alt_id      ? 
_pdbx_modification_feature.auth_comp_id                       CYS 
_pdbx_modification_feature.auth_asym_id                       A 
_pdbx_modification_feature.auth_seq_id                        64 
_pdbx_modification_feature.PDB_ins_code                       ? 
_pdbx_modification_feature.symmetry                           1_555 
_pdbx_modification_feature.modified_residue_auth_comp_id      CYS 
_pdbx_modification_feature.modified_residue_auth_asym_id      A 
_pdbx_modification_feature.modified_residue_auth_seq_id       157 
_pdbx_modification_feature.modified_residue_PDB_ins_code      ? 
_pdbx_modification_feature.modified_residue_symmetry          1_555 
_pdbx_modification_feature.comp_id_linking_atom               SG 
_pdbx_modification_feature.modified_residue_id_linking_atom   SG 
_pdbx_modification_feature.modified_residue_id                . 
_pdbx_modification_feature.ref_pcm_id                         . 
_pdbx_modification_feature.ref_comp_id                        . 
_pdbx_modification_feature.type                               None 
_pdbx_modification_feature.category                           'Disulfide bridge' 
# 
_struct_sheet.id               A 
_struct_sheet.type             ? 
_struct_sheet.number_strands   10 
_struct_sheet.details          ? 
# 
loop_
_struct_sheet_order.sheet_id 
_struct_sheet_order.range_id_1 
_struct_sheet_order.range_id_2 
_struct_sheet_order.offset 
_struct_sheet_order.sense 
A 1 2  ? anti-parallel 
A 2 3  ? anti-parallel 
A 3 4  ? anti-parallel 
A 4 5  ? anti-parallel 
A 5 6  ? anti-parallel 
A 6 7  ? anti-parallel 
A 7 8  ? anti-parallel 
A 8 9  ? anti-parallel 
A 9 10 ? anti-parallel 
# 
loop_
_struct_sheet_range.sheet_id 
_struct_sheet_range.id 
_struct_sheet_range.beg_label_comp_id 
_struct_sheet_range.beg_label_asym_id 
_struct_sheet_range.beg_label_seq_id 
_struct_sheet_range.pdbx_beg_PDB_ins_code 
_struct_sheet_range.end_label_comp_id 
_struct_sheet_range.end_label_asym_id 
_struct_sheet_range.end_label_seq_id 
_struct_sheet_range.pdbx_end_PDB_ins_code 
_struct_sheet_range.beg_auth_comp_id 
_struct_sheet_range.beg_auth_asym_id 
_struct_sheet_range.beg_auth_seq_id 
_struct_sheet_range.end_auth_comp_id 
_struct_sheet_range.end_auth_asym_id 
_struct_sheet_range.end_auth_seq_id 
A 1  GLY A 29  ? GLU A 30  ? GLY A 17  GLU A 18  
A 2  PHE A 53  ? LEU A 60  ? PHE A 41  LEU A 48  
A 3  SER A 63  ? ARG A 72  ? SER A 51  ARG A 60  
A 4  GLU A 75  ? LYS A 85  ? GLU A 63  LYS A 73  
A 5  TYR A 92  ? THR A 95  ? TYR A 80  THR A 83  
A 6  PHE A 99  ? THR A 107 ? PHE A 87  THR A 95  
A 7  PHE A 112 ? LYS A 121 ? PHE A 100 LYS A 109 
A 8  GLU A 124 ? GLY A 133 ? GLU A 112 GLY A 121 
A 9  HIS A 32  ? SER A 38  ? HIS A 20  SER A 26  
A 10 ILE A 160 ? ASP A 162 ? ILE A 148 ASP A 150 
# 
loop_
_pdbx_struct_sheet_hbond.sheet_id 
_pdbx_struct_sheet_hbond.range_id_1 
_pdbx_struct_sheet_hbond.range_id_2 
_pdbx_struct_sheet_hbond.range_1_label_atom_id 
_pdbx_struct_sheet_hbond.range_1_label_comp_id 
_pdbx_struct_sheet_hbond.range_1_label_asym_id 
_pdbx_struct_sheet_hbond.range_1_label_seq_id 
_pdbx_struct_sheet_hbond.range_1_PDB_ins_code 
_pdbx_struct_sheet_hbond.range_1_auth_atom_id 
_pdbx_struct_sheet_hbond.range_1_auth_comp_id 
_pdbx_struct_sheet_hbond.range_1_auth_asym_id 
_pdbx_struct_sheet_hbond.range_1_auth_seq_id 
_pdbx_struct_sheet_hbond.range_2_label_atom_id 
_pdbx_struct_sheet_hbond.range_2_label_comp_id 
_pdbx_struct_sheet_hbond.range_2_label_asym_id 
_pdbx_struct_sheet_hbond.range_2_label_seq_id 
_pdbx_struct_sheet_hbond.range_2_PDB_ins_code 
_pdbx_struct_sheet_hbond.range_2_auth_atom_id 
_pdbx_struct_sheet_hbond.range_2_auth_comp_id 
_pdbx_struct_sheet_hbond.range_2_auth_asym_id 
_pdbx_struct_sheet_hbond.range_2_auth_seq_id 
A 1 2  N GLY A 29  ? N GLY A 17  O ILE A 57  ? O ILE A 45  
A 2 3  N GLU A 55  ? N GLU A 43  O LYS A 67  ? O LYS A 55  
A 3 4  N PHE A 68  ? N PHE A 56  O LEU A 79  ? O LEU A 67  
A 4 5  N ASP A 84  ? N ASP A 72  O SER A 93  ? O SER A 81  
A 5 6  N TYR A 92  ? N TYR A 80  O PHE A 102 ? O PHE A 90  
A 6 7  N PHE A 99  ? N PHE A 87  O GLU A 120 ? O GLU A 108 
A 7 8  N LEU A 117 ? N LEU A 105 O LEU A 128 ? O LEU A 116 
A 8 9  O LEU A 131 ? O LEU A 119 N ILE A 34  ? N ILE A 22  
A 9 10 N LEU A 36  ? N LEU A 24  O ILE A 161 ? O ILE A 149 
# 
loop_
_struct_site.id 
_struct_site.pdbx_evidence_code 
_struct_site.pdbx_auth_asym_id 
_struct_site.pdbx_auth_comp_id 
_struct_site.pdbx_auth_seq_id 
_struct_site.pdbx_auth_ins_code 
_struct_site.pdbx_num_residues 
_struct_site.details 
AC1 Software A CD  200 ? 5 'BINDING SITE FOR RESIDUE CD A 200'  
AC2 Software A CD  201 ? 4 'BINDING SITE FOR RESIDUE CD A 201'  
AC3 Software A HE4 202 ? 5 'BINDING SITE FOR RESIDUE HE4 A 202' 
# 
loop_
_struct_site_gen.id 
_struct_site_gen.site_id 
_struct_site_gen.pdbx_num_res 
_struct_site_gen.label_comp_id 
_struct_site_gen.label_asym_id 
_struct_site_gen.label_seq_id 
_struct_site_gen.pdbx_auth_ins_code 
_struct_site_gen.auth_comp_id 
_struct_site_gen.auth_asym_id 
_struct_site_gen.auth_seq_id 
_struct_site_gen.label_atom_id 
_struct_site_gen.label_alt_id 
_struct_site_gen.symmetry 
_struct_site_gen.details 
1  AC1 5 GLU A 30  ? GLU A 18  . ? 5_645 ? 
2  AC1 5 GLU A 151 ? GLU A 139 . ? 1_555 ? 
3  AC1 5 HOH E .   ? HOH A 436 . ? 1_555 ? 
4  AC1 5 HOH E .   ? HOH A 438 . ? 1_555 ? 
5  AC1 5 HOH E .   ? HOH A 439 . ? 1_555 ? 
6  AC2 4 GLU A 25  ? GLU A 13  . ? 1_555 ? 
7  AC2 4 ASP A 122 ? ASP A 110 . ? 8_675 ? 
8  AC2 4 HOH E .   ? HOH A 221 . ? 1_555 ? 
9  AC2 4 HOH E .   ? HOH A 440 . ? 1_555 ? 
10 AC3 5 ILE A 57  ? ILE A 45  . ? 1_555 ? 
11 AC3 5 ALA A 115 ? ALA A 103 . ? 1_555 ? 
12 AC3 5 LEU A 128 ? LEU A 116 . ? 1_555 ? 
13 AC3 5 GLY A 130 ? GLY A 118 . ? 1_555 ? 
14 AC3 5 TYR A 132 ? TYR A 120 . ? 1_555 ? 
# 
_pdbx_entry_details.entry_id                   1ZNG 
_pdbx_entry_details.compound_details           ? 
_pdbx_entry_details.source_details             ? 
_pdbx_entry_details.nonpolymer_details         ? 
_pdbx_entry_details.sequence_details           ? 
_pdbx_entry_details.has_ligand_of_interest     ? 
_pdbx_entry_details.has_protein_modification   Y 
# 
loop_
_pdbx_validate_torsion.id 
_pdbx_validate_torsion.PDB_model_num 
_pdbx_validate_torsion.auth_comp_id 
_pdbx_validate_torsion.auth_asym_id 
_pdbx_validate_torsion.auth_seq_id 
_pdbx_validate_torsion.PDB_ins_code 
_pdbx_validate_torsion.label_alt_id 
_pdbx_validate_torsion.phi 
_pdbx_validate_torsion.psi 
1 1 TYR A 84  ? ? -166.34 115.17 
2 1 TYR A 97  ? ? 66.19   -43.58 
3 1 ASN A 99  ? ? -128.45 -53.69 
4 1 ALA A 154 ? ? -150.44 19.64  
# 
loop_
_pdbx_struct_special_symmetry.id 
_pdbx_struct_special_symmetry.PDB_model_num 
_pdbx_struct_special_symmetry.auth_asym_id 
_pdbx_struct_special_symmetry.auth_comp_id 
_pdbx_struct_special_symmetry.auth_seq_id 
_pdbx_struct_special_symmetry.PDB_ins_code 
_pdbx_struct_special_symmetry.label_asym_id 
_pdbx_struct_special_symmetry.label_comp_id 
_pdbx_struct_special_symmetry.label_seq_id 
1 1 A HOH 437 ? E HOH . 
2 1 A HOH 441 ? E HOH . 
# 
loop_
_pdbx_unobs_or_zero_occ_residues.id 
_pdbx_unobs_or_zero_occ_residues.PDB_model_num 
_pdbx_unobs_or_zero_occ_residues.polymer_flag 
_pdbx_unobs_or_zero_occ_residues.occupancy_flag 
_pdbx_unobs_or_zero_occ_residues.auth_asym_id 
_pdbx_unobs_or_zero_occ_residues.auth_comp_id 
_pdbx_unobs_or_zero_occ_residues.auth_seq_id 
_pdbx_unobs_or_zero_occ_residues.PDB_ins_code 
_pdbx_unobs_or_zero_occ_residues.label_asym_id 
_pdbx_unobs_or_zero_occ_residues.label_comp_id 
_pdbx_unobs_or_zero_occ_residues.label_seq_id 
1  1 Y 1 A MET -11 ? A MET 1   
2  1 Y 1 A ARG -10 ? A ARG 2   
3  1 Y 1 A GLY -9  ? A GLY 3   
4  1 Y 1 A SER -8  ? A SER 4   
5  1 Y 1 A HIS -7  ? A HIS 5   
6  1 Y 1 A HIS -6  ? A HIS 6   
7  1 Y 1 A HIS -5  ? A HIS 7   
8  1 Y 1 A HIS -4  ? A HIS 8   
9  1 Y 1 A HIS -3  ? A HIS 9   
10 1 Y 1 A HIS -2  ? A HIS 10  
11 1 Y 1 A GLY -1  ? A GLY 11  
12 1 Y 1 A SER 0   ? A SER 12  
13 1 Y 1 A LEU 158 ? A LEU 170 
14 1 Y 1 A GLN 159 ? A GLN 171 
15 1 Y 1 A ALA 160 ? A ALA 172 
16 1 Y 1 A ARG 161 ? A ARG 173 
17 1 Y 1 A GLU 162 ? A GLU 174 
# 
loop_
_chem_comp_atom.comp_id 
_chem_comp_atom.atom_id 
_chem_comp_atom.type_symbol 
_chem_comp_atom.pdbx_aromatic_flag 
_chem_comp_atom.pdbx_stereo_config 
_chem_comp_atom.pdbx_ordinal 
ALA N    N  N N 1   
ALA CA   C  N S 2   
ALA C    C  N N 3   
ALA O    O  N N 4   
ALA CB   C  N N 5   
ALA OXT  O  N N 6   
ALA H    H  N N 7   
ALA H2   H  N N 8   
ALA HA   H  N N 9   
ALA HB1  H  N N 10  
ALA HB2  H  N N 11  
ALA HB3  H  N N 12  
ALA HXT  H  N N 13  
ARG N    N  N N 14  
ARG CA   C  N S 15  
ARG C    C  N N 16  
ARG O    O  N N 17  
ARG CB   C  N N 18  
ARG CG   C  N N 19  
ARG CD   C  N N 20  
ARG NE   N  N N 21  
ARG CZ   C  N N 22  
ARG NH1  N  N N 23  
ARG NH2  N  N N 24  
ARG OXT  O  N N 25  
ARG H    H  N N 26  
ARG H2   H  N N 27  
ARG HA   H  N N 28  
ARG HB2  H  N N 29  
ARG HB3  H  N N 30  
ARG HG2  H  N N 31  
ARG HG3  H  N N 32  
ARG HD2  H  N N 33  
ARG HD3  H  N N 34  
ARG HE   H  N N 35  
ARG HH11 H  N N 36  
ARG HH12 H  N N 37  
ARG HH21 H  N N 38  
ARG HH22 H  N N 39  
ARG HXT  H  N N 40  
ASN N    N  N N 41  
ASN CA   C  N S 42  
ASN C    C  N N 43  
ASN O    O  N N 44  
ASN CB   C  N N 45  
ASN CG   C  N N 46  
ASN OD1  O  N N 47  
ASN ND2  N  N N 48  
ASN OXT  O  N N 49  
ASN H    H  N N 50  
ASN H2   H  N N 51  
ASN HA   H  N N 52  
ASN HB2  H  N N 53  
ASN HB3  H  N N 54  
ASN HD21 H  N N 55  
ASN HD22 H  N N 56  
ASN HXT  H  N N 57  
ASP N    N  N N 58  
ASP CA   C  N S 59  
ASP C    C  N N 60  
ASP O    O  N N 61  
ASP CB   C  N N 62  
ASP CG   C  N N 63  
ASP OD1  O  N N 64  
ASP OD2  O  N N 65  
ASP OXT  O  N N 66  
ASP H    H  N N 67  
ASP H2   H  N N 68  
ASP HA   H  N N 69  
ASP HB2  H  N N 70  
ASP HB3  H  N N 71  
ASP HD2  H  N N 72  
ASP HXT  H  N N 73  
CD  CD   CD N N 74  
CYS N    N  N N 75  
CYS CA   C  N R 76  
CYS C    C  N N 77  
CYS O    O  N N 78  
CYS CB   C  N N 79  
CYS SG   S  N N 80  
CYS OXT  O  N N 81  
CYS H    H  N N 82  
CYS H2   H  N N 83  
CYS HA   H  N N 84  
CYS HB2  H  N N 85  
CYS HB3  H  N N 86  
CYS HG   H  N N 87  
CYS HXT  H  N N 88  
GLN N    N  N N 89  
GLN CA   C  N S 90  
GLN C    C  N N 91  
GLN O    O  N N 92  
GLN CB   C  N N 93  
GLN CG   C  N N 94  
GLN CD   C  N N 95  
GLN OE1  O  N N 96  
GLN NE2  N  N N 97  
GLN OXT  O  N N 98  
GLN H    H  N N 99  
GLN H2   H  N N 100 
GLN HA   H  N N 101 
GLN HB2  H  N N 102 
GLN HB3  H  N N 103 
GLN HG2  H  N N 104 
GLN HG3  H  N N 105 
GLN HE21 H  N N 106 
GLN HE22 H  N N 107 
GLN HXT  H  N N 108 
GLU N    N  N N 109 
GLU CA   C  N S 110 
GLU C    C  N N 111 
GLU O    O  N N 112 
GLU CB   C  N N 113 
GLU CG   C  N N 114 
GLU CD   C  N N 115 
GLU OE1  O  N N 116 
GLU OE2  O  N N 117 
GLU OXT  O  N N 118 
GLU H    H  N N 119 
GLU H2   H  N N 120 
GLU HA   H  N N 121 
GLU HB2  H  N N 122 
GLU HB3  H  N N 123 
GLU HG2  H  N N 124 
GLU HG3  H  N N 125 
GLU HE2  H  N N 126 
GLU HXT  H  N N 127 
GLY N    N  N N 128 
GLY CA   C  N N 129 
GLY C    C  N N 130 
GLY O    O  N N 131 
GLY OXT  O  N N 132 
GLY H    H  N N 133 
GLY H2   H  N N 134 
GLY HA2  H  N N 135 
GLY HA3  H  N N 136 
GLY HXT  H  N N 137 
HE4 CAA  C  N N 138 
HE4 CAC  C  N N 139 
HE4 CAE  C  N N 140 
HE4 CAG  C  N N 141 
HE4 CAH  C  N N 142 
HE4 CAF  C  N N 143 
HE4 CAD  C  N N 144 
HE4 OAB  O  N N 145 
HE4 HAA1 H  N N 146 
HE4 HAA2 H  N N 147 
HE4 HAA3 H  N N 148 
HE4 HAC1 H  N N 149 
HE4 HAC2 H  N N 150 
HE4 HAE1 H  N N 151 
HE4 HAE2 H  N N 152 
HE4 HAG1 H  N N 153 
HE4 HAG2 H  N N 154 
HE4 HAH1 H  N N 155 
HE4 HAH2 H  N N 156 
HE4 HAF1 H  N N 157 
HE4 HAF2 H  N N 158 
HE4 HAD1 H  N N 159 
HE4 HAD2 H  N N 160 
HE4 HAB  H  N N 161 
HIS N    N  N N 162 
HIS CA   C  N S 163 
HIS C    C  N N 164 
HIS O    O  N N 165 
HIS CB   C  N N 166 
HIS CG   C  Y N 167 
HIS ND1  N  Y N 168 
HIS CD2  C  Y N 169 
HIS CE1  C  Y N 170 
HIS NE2  N  Y N 171 
HIS OXT  O  N N 172 
HIS H    H  N N 173 
HIS H2   H  N N 174 
HIS HA   H  N N 175 
HIS HB2  H  N N 176 
HIS HB3  H  N N 177 
HIS HD1  H  N N 178 
HIS HD2  H  N N 179 
HIS HE1  H  N N 180 
HIS HE2  H  N N 181 
HIS HXT  H  N N 182 
HOH O    O  N N 183 
HOH H1   H  N N 184 
HOH H2   H  N N 185 
ILE N    N  N N 186 
ILE CA   C  N S 187 
ILE C    C  N N 188 
ILE O    O  N N 189 
ILE CB   C  N S 190 
ILE CG1  C  N N 191 
ILE CG2  C  N N 192 
ILE CD1  C  N N 193 
ILE OXT  O  N N 194 
ILE H    H  N N 195 
ILE H2   H  N N 196 
ILE HA   H  N N 197 
ILE HB   H  N N 198 
ILE HG12 H  N N 199 
ILE HG13 H  N N 200 
ILE HG21 H  N N 201 
ILE HG22 H  N N 202 
ILE HG23 H  N N 203 
ILE HD11 H  N N 204 
ILE HD12 H  N N 205 
ILE HD13 H  N N 206 
ILE HXT  H  N N 207 
LEU N    N  N N 208 
LEU CA   C  N S 209 
LEU C    C  N N 210 
LEU O    O  N N 211 
LEU CB   C  N N 212 
LEU CG   C  N N 213 
LEU CD1  C  N N 214 
LEU CD2  C  N N 215 
LEU OXT  O  N N 216 
LEU H    H  N N 217 
LEU H2   H  N N 218 
LEU HA   H  N N 219 
LEU HB2  H  N N 220 
LEU HB3  H  N N 221 
LEU HG   H  N N 222 
LEU HD11 H  N N 223 
LEU HD12 H  N N 224 
LEU HD13 H  N N 225 
LEU HD21 H  N N 226 
LEU HD22 H  N N 227 
LEU HD23 H  N N 228 
LEU HXT  H  N N 229 
LYS N    N  N N 230 
LYS CA   C  N S 231 
LYS C    C  N N 232 
LYS O    O  N N 233 
LYS CB   C  N N 234 
LYS CG   C  N N 235 
LYS CD   C  N N 236 
LYS CE   C  N N 237 
LYS NZ   N  N N 238 
LYS OXT  O  N N 239 
LYS H    H  N N 240 
LYS H2   H  N N 241 
LYS HA   H  N N 242 
LYS HB2  H  N N 243 
LYS HB3  H  N N 244 
LYS HG2  H  N N 245 
LYS HG3  H  N N 246 
LYS HD2  H  N N 247 
LYS HD3  H  N N 248 
LYS HE2  H  N N 249 
LYS HE3  H  N N 250 
LYS HZ1  H  N N 251 
LYS HZ2  H  N N 252 
LYS HZ3  H  N N 253 
LYS HXT  H  N N 254 
MET N    N  N N 255 
MET CA   C  N S 256 
MET C    C  N N 257 
MET O    O  N N 258 
MET CB   C  N N 259 
MET CG   C  N N 260 
MET SD   S  N N 261 
MET CE   C  N N 262 
MET OXT  O  N N 263 
MET H    H  N N 264 
MET H2   H  N N 265 
MET HA   H  N N 266 
MET HB2  H  N N 267 
MET HB3  H  N N 268 
MET HG2  H  N N 269 
MET HG3  H  N N 270 
MET HE1  H  N N 271 
MET HE2  H  N N 272 
MET HE3  H  N N 273 
MET HXT  H  N N 274 
PHE N    N  N N 275 
PHE CA   C  N S 276 
PHE C    C  N N 277 
PHE O    O  N N 278 
PHE CB   C  N N 279 
PHE CG   C  Y N 280 
PHE CD1  C  Y N 281 
PHE CD2  C  Y N 282 
PHE CE1  C  Y N 283 
PHE CE2  C  Y N 284 
PHE CZ   C  Y N 285 
PHE OXT  O  N N 286 
PHE H    H  N N 287 
PHE H2   H  N N 288 
PHE HA   H  N N 289 
PHE HB2  H  N N 290 
PHE HB3  H  N N 291 
PHE HD1  H  N N 292 
PHE HD2  H  N N 293 
PHE HE1  H  N N 294 
PHE HE2  H  N N 295 
PHE HZ   H  N N 296 
PHE HXT  H  N N 297 
PRO N    N  N N 298 
PRO CA   C  N S 299 
PRO C    C  N N 300 
PRO O    O  N N 301 
PRO CB   C  N N 302 
PRO CG   C  N N 303 
PRO CD   C  N N 304 
PRO OXT  O  N N 305 
PRO H    H  N N 306 
PRO HA   H  N N 307 
PRO HB2  H  N N 308 
PRO HB3  H  N N 309 
PRO HG2  H  N N 310 
PRO HG3  H  N N 311 
PRO HD2  H  N N 312 
PRO HD3  H  N N 313 
PRO HXT  H  N N 314 
SER N    N  N N 315 
SER CA   C  N S 316 
SER C    C  N N 317 
SER O    O  N N 318 
SER CB   C  N N 319 
SER OG   O  N N 320 
SER OXT  O  N N 321 
SER H    H  N N 322 
SER H2   H  N N 323 
SER HA   H  N N 324 
SER HB2  H  N N 325 
SER HB3  H  N N 326 
SER HG   H  N N 327 
SER HXT  H  N N 328 
THR N    N  N N 329 
THR CA   C  N S 330 
THR C    C  N N 331 
THR O    O  N N 332 
THR CB   C  N R 333 
THR OG1  O  N N 334 
THR CG2  C  N N 335 
THR OXT  O  N N 336 
THR H    H  N N 337 
THR H2   H  N N 338 
THR HA   H  N N 339 
THR HB   H  N N 340 
THR HG1  H  N N 341 
THR HG21 H  N N 342 
THR HG22 H  N N 343 
THR HG23 H  N N 344 
THR HXT  H  N N 345 
TRP N    N  N N 346 
TRP CA   C  N S 347 
TRP C    C  N N 348 
TRP O    O  N N 349 
TRP CB   C  N N 350 
TRP CG   C  Y N 351 
TRP CD1  C  Y N 352 
TRP CD2  C  Y N 353 
TRP NE1  N  Y N 354 
TRP CE2  C  Y N 355 
TRP CE3  C  Y N 356 
TRP CZ2  C  Y N 357 
TRP CZ3  C  Y N 358 
TRP CH2  C  Y N 359 
TRP OXT  O  N N 360 
TRP H    H  N N 361 
TRP H2   H  N N 362 
TRP HA   H  N N 363 
TRP HB2  H  N N 364 
TRP HB3  H  N N 365 
TRP HD1  H  N N 366 
TRP HE1  H  N N 367 
TRP HE3  H  N N 368 
TRP HZ2  H  N N 369 
TRP HZ3  H  N N 370 
TRP HH2  H  N N 371 
TRP HXT  H  N N 372 
TYR N    N  N N 373 
TYR CA   C  N S 374 
TYR C    C  N N 375 
TYR O    O  N N 376 
TYR CB   C  N N 377 
TYR CG   C  Y N 378 
TYR CD1  C  Y N 379 
TYR CD2  C  Y N 380 
TYR CE1  C  Y N 381 
TYR CE2  C  Y N 382 
TYR CZ   C  Y N 383 
TYR OH   O  N N 384 
TYR OXT  O  N N 385 
TYR H    H  N N 386 
TYR H2   H  N N 387 
TYR HA   H  N N 388 
TYR HB2  H  N N 389 
TYR HB3  H  N N 390 
TYR HD1  H  N N 391 
TYR HD2  H  N N 392 
TYR HE1  H  N N 393 
TYR HE2  H  N N 394 
TYR HH   H  N N 395 
TYR HXT  H  N N 396 
VAL N    N  N N 397 
VAL CA   C  N S 398 
VAL C    C  N N 399 
VAL O    O  N N 400 
VAL CB   C  N N 401 
VAL CG1  C  N N 402 
VAL CG2  C  N N 403 
VAL OXT  O  N N 404 
VAL H    H  N N 405 
VAL H2   H  N N 406 
VAL HA   H  N N 407 
VAL HB   H  N N 408 
VAL HG11 H  N N 409 
VAL HG12 H  N N 410 
VAL HG13 H  N N 411 
VAL HG21 H  N N 412 
VAL HG22 H  N N 413 
VAL HG23 H  N N 414 
VAL HXT  H  N N 415 
# 
loop_
_chem_comp_bond.comp_id 
_chem_comp_bond.atom_id_1 
_chem_comp_bond.atom_id_2 
_chem_comp_bond.value_order 
_chem_comp_bond.pdbx_aromatic_flag 
_chem_comp_bond.pdbx_stereo_config 
_chem_comp_bond.pdbx_ordinal 
ALA N   CA   sing N N 1   
ALA N   H    sing N N 2   
ALA N   H2   sing N N 3   
ALA CA  C    sing N N 4   
ALA CA  CB   sing N N 5   
ALA CA  HA   sing N N 6   
ALA C   O    doub N N 7   
ALA C   OXT  sing N N 8   
ALA CB  HB1  sing N N 9   
ALA CB  HB2  sing N N 10  
ALA CB  HB3  sing N N 11  
ALA OXT HXT  sing N N 12  
ARG N   CA   sing N N 13  
ARG N   H    sing N N 14  
ARG N   H2   sing N N 15  
ARG CA  C    sing N N 16  
ARG CA  CB   sing N N 17  
ARG CA  HA   sing N N 18  
ARG C   O    doub N N 19  
ARG C   OXT  sing N N 20  
ARG CB  CG   sing N N 21  
ARG CB  HB2  sing N N 22  
ARG CB  HB3  sing N N 23  
ARG CG  CD   sing N N 24  
ARG CG  HG2  sing N N 25  
ARG CG  HG3  sing N N 26  
ARG CD  NE   sing N N 27  
ARG CD  HD2  sing N N 28  
ARG CD  HD3  sing N N 29  
ARG NE  CZ   sing N N 30  
ARG NE  HE   sing N N 31  
ARG CZ  NH1  sing N N 32  
ARG CZ  NH2  doub N N 33  
ARG NH1 HH11 sing N N 34  
ARG NH1 HH12 sing N N 35  
ARG NH2 HH21 sing N N 36  
ARG NH2 HH22 sing N N 37  
ARG OXT HXT  sing N N 38  
ASN N   CA   sing N N 39  
ASN N   H    sing N N 40  
ASN N   H2   sing N N 41  
ASN CA  C    sing N N 42  
ASN CA  CB   sing N N 43  
ASN CA  HA   sing N N 44  
ASN C   O    doub N N 45  
ASN C   OXT  sing N N 46  
ASN CB  CG   sing N N 47  
ASN CB  HB2  sing N N 48  
ASN CB  HB3  sing N N 49  
ASN CG  OD1  doub N N 50  
ASN CG  ND2  sing N N 51  
ASN ND2 HD21 sing N N 52  
ASN ND2 HD22 sing N N 53  
ASN OXT HXT  sing N N 54  
ASP N   CA   sing N N 55  
ASP N   H    sing N N 56  
ASP N   H2   sing N N 57  
ASP CA  C    sing N N 58  
ASP CA  CB   sing N N 59  
ASP CA  HA   sing N N 60  
ASP C   O    doub N N 61  
ASP C   OXT  sing N N 62  
ASP CB  CG   sing N N 63  
ASP CB  HB2  sing N N 64  
ASP CB  HB3  sing N N 65  
ASP CG  OD1  doub N N 66  
ASP CG  OD2  sing N N 67  
ASP OD2 HD2  sing N N 68  
ASP OXT HXT  sing N N 69  
CYS N   CA   sing N N 70  
CYS N   H    sing N N 71  
CYS N   H2   sing N N 72  
CYS CA  C    sing N N 73  
CYS CA  CB   sing N N 74  
CYS CA  HA   sing N N 75  
CYS C   O    doub N N 76  
CYS C   OXT  sing N N 77  
CYS CB  SG   sing N N 78  
CYS CB  HB2  sing N N 79  
CYS CB  HB3  sing N N 80  
CYS SG  HG   sing N N 81  
CYS OXT HXT  sing N N 82  
GLN N   CA   sing N N 83  
GLN N   H    sing N N 84  
GLN N   H2   sing N N 85  
GLN CA  C    sing N N 86  
GLN CA  CB   sing N N 87  
GLN CA  HA   sing N N 88  
GLN C   O    doub N N 89  
GLN C   OXT  sing N N 90  
GLN CB  CG   sing N N 91  
GLN CB  HB2  sing N N 92  
GLN CB  HB3  sing N N 93  
GLN CG  CD   sing N N 94  
GLN CG  HG2  sing N N 95  
GLN CG  HG3  sing N N 96  
GLN CD  OE1  doub N N 97  
GLN CD  NE2  sing N N 98  
GLN NE2 HE21 sing N N 99  
GLN NE2 HE22 sing N N 100 
GLN OXT HXT  sing N N 101 
GLU N   CA   sing N N 102 
GLU N   H    sing N N 103 
GLU N   H2   sing N N 104 
GLU CA  C    sing N N 105 
GLU CA  CB   sing N N 106 
GLU CA  HA   sing N N 107 
GLU C   O    doub N N 108 
GLU C   OXT  sing N N 109 
GLU CB  CG   sing N N 110 
GLU CB  HB2  sing N N 111 
GLU CB  HB3  sing N N 112 
GLU CG  CD   sing N N 113 
GLU CG  HG2  sing N N 114 
GLU CG  HG3  sing N N 115 
GLU CD  OE1  doub N N 116 
GLU CD  OE2  sing N N 117 
GLU OE2 HE2  sing N N 118 
GLU OXT HXT  sing N N 119 
GLY N   CA   sing N N 120 
GLY N   H    sing N N 121 
GLY N   H2   sing N N 122 
GLY CA  C    sing N N 123 
GLY CA  HA2  sing N N 124 
GLY CA  HA3  sing N N 125 
GLY C   O    doub N N 126 
GLY C   OXT  sing N N 127 
GLY OXT HXT  sing N N 128 
HE4 CAA CAC  sing N N 129 
HE4 CAA HAA1 sing N N 130 
HE4 CAA HAA2 sing N N 131 
HE4 CAA HAA3 sing N N 132 
HE4 CAC CAE  sing N N 133 
HE4 CAC HAC1 sing N N 134 
HE4 CAC HAC2 sing N N 135 
HE4 CAE CAG  sing N N 136 
HE4 CAE HAE1 sing N N 137 
HE4 CAE HAE2 sing N N 138 
HE4 CAG CAH  sing N N 139 
HE4 CAG HAG1 sing N N 140 
HE4 CAG HAG2 sing N N 141 
HE4 CAH CAF  sing N N 142 
HE4 CAH HAH1 sing N N 143 
HE4 CAH HAH2 sing N N 144 
HE4 CAF CAD  sing N N 145 
HE4 CAF HAF1 sing N N 146 
HE4 CAF HAF2 sing N N 147 
HE4 CAD OAB  sing N N 148 
HE4 CAD HAD1 sing N N 149 
HE4 CAD HAD2 sing N N 150 
HE4 OAB HAB  sing N N 151 
HIS N   CA   sing N N 152 
HIS N   H    sing N N 153 
HIS N   H2   sing N N 154 
HIS CA  C    sing N N 155 
HIS CA  CB   sing N N 156 
HIS CA  HA   sing N N 157 
HIS C   O    doub N N 158 
HIS C   OXT  sing N N 159 
HIS CB  CG   sing N N 160 
HIS CB  HB2  sing N N 161 
HIS CB  HB3  sing N N 162 
HIS CG  ND1  sing Y N 163 
HIS CG  CD2  doub Y N 164 
HIS ND1 CE1  doub Y N 165 
HIS ND1 HD1  sing N N 166 
HIS CD2 NE2  sing Y N 167 
HIS CD2 HD2  sing N N 168 
HIS CE1 NE2  sing Y N 169 
HIS CE1 HE1  sing N N 170 
HIS NE2 HE2  sing N N 171 
HIS OXT HXT  sing N N 172 
HOH O   H1   sing N N 173 
HOH O   H2   sing N N 174 
ILE N   CA   sing N N 175 
ILE N   H    sing N N 176 
ILE N   H2   sing N N 177 
ILE CA  C    sing N N 178 
ILE CA  CB   sing N N 179 
ILE CA  HA   sing N N 180 
ILE C   O    doub N N 181 
ILE C   OXT  sing N N 182 
ILE CB  CG1  sing N N 183 
ILE CB  CG2  sing N N 184 
ILE CB  HB   sing N N 185 
ILE CG1 CD1  sing N N 186 
ILE CG1 HG12 sing N N 187 
ILE CG1 HG13 sing N N 188 
ILE CG2 HG21 sing N N 189 
ILE CG2 HG22 sing N N 190 
ILE CG2 HG23 sing N N 191 
ILE CD1 HD11 sing N N 192 
ILE CD1 HD12 sing N N 193 
ILE CD1 HD13 sing N N 194 
ILE OXT HXT  sing N N 195 
LEU N   CA   sing N N 196 
LEU N   H    sing N N 197 
LEU N   H2   sing N N 198 
LEU CA  C    sing N N 199 
LEU CA  CB   sing N N 200 
LEU CA  HA   sing N N 201 
LEU C   O    doub N N 202 
LEU C   OXT  sing N N 203 
LEU CB  CG   sing N N 204 
LEU CB  HB2  sing N N 205 
LEU CB  HB3  sing N N 206 
LEU CG  CD1  sing N N 207 
LEU CG  CD2  sing N N 208 
LEU CG  HG   sing N N 209 
LEU CD1 HD11 sing N N 210 
LEU CD1 HD12 sing N N 211 
LEU CD1 HD13 sing N N 212 
LEU CD2 HD21 sing N N 213 
LEU CD2 HD22 sing N N 214 
LEU CD2 HD23 sing N N 215 
LEU OXT HXT  sing N N 216 
LYS N   CA   sing N N 217 
LYS N   H    sing N N 218 
LYS N   H2   sing N N 219 
LYS CA  C    sing N N 220 
LYS CA  CB   sing N N 221 
LYS CA  HA   sing N N 222 
LYS C   O    doub N N 223 
LYS C   OXT  sing N N 224 
LYS CB  CG   sing N N 225 
LYS CB  HB2  sing N N 226 
LYS CB  HB3  sing N N 227 
LYS CG  CD   sing N N 228 
LYS CG  HG2  sing N N 229 
LYS CG  HG3  sing N N 230 
LYS CD  CE   sing N N 231 
LYS CD  HD2  sing N N 232 
LYS CD  HD3  sing N N 233 
LYS CE  NZ   sing N N 234 
LYS CE  HE2  sing N N 235 
LYS CE  HE3  sing N N 236 
LYS NZ  HZ1  sing N N 237 
LYS NZ  HZ2  sing N N 238 
LYS NZ  HZ3  sing N N 239 
LYS OXT HXT  sing N N 240 
MET N   CA   sing N N 241 
MET N   H    sing N N 242 
MET N   H2   sing N N 243 
MET CA  C    sing N N 244 
MET CA  CB   sing N N 245 
MET CA  HA   sing N N 246 
MET C   O    doub N N 247 
MET C   OXT  sing N N 248 
MET CB  CG   sing N N 249 
MET CB  HB2  sing N N 250 
MET CB  HB3  sing N N 251 
MET CG  SD   sing N N 252 
MET CG  HG2  sing N N 253 
MET CG  HG3  sing N N 254 
MET SD  CE   sing N N 255 
MET CE  HE1  sing N N 256 
MET CE  HE2  sing N N 257 
MET CE  HE3  sing N N 258 
MET OXT HXT  sing N N 259 
PHE N   CA   sing N N 260 
PHE N   H    sing N N 261 
PHE N   H2   sing N N 262 
PHE CA  C    sing N N 263 
PHE CA  CB   sing N N 264 
PHE CA  HA   sing N N 265 
PHE C   O    doub N N 266 
PHE C   OXT  sing N N 267 
PHE CB  CG   sing N N 268 
PHE CB  HB2  sing N N 269 
PHE CB  HB3  sing N N 270 
PHE CG  CD1  doub Y N 271 
PHE CG  CD2  sing Y N 272 
PHE CD1 CE1  sing Y N 273 
PHE CD1 HD1  sing N N 274 
PHE CD2 CE2  doub Y N 275 
PHE CD2 HD2  sing N N 276 
PHE CE1 CZ   doub Y N 277 
PHE CE1 HE1  sing N N 278 
PHE CE2 CZ   sing Y N 279 
PHE CE2 HE2  sing N N 280 
PHE CZ  HZ   sing N N 281 
PHE OXT HXT  sing N N 282 
PRO N   CA   sing N N 283 
PRO N   CD   sing N N 284 
PRO N   H    sing N N 285 
PRO CA  C    sing N N 286 
PRO CA  CB   sing N N 287 
PRO CA  HA   sing N N 288 
PRO C   O    doub N N 289 
PRO C   OXT  sing N N 290 
PRO CB  CG   sing N N 291 
PRO CB  HB2  sing N N 292 
PRO CB  HB3  sing N N 293 
PRO CG  CD   sing N N 294 
PRO CG  HG2  sing N N 295 
PRO CG  HG3  sing N N 296 
PRO CD  HD2  sing N N 297 
PRO CD  HD3  sing N N 298 
PRO OXT HXT  sing N N 299 
SER N   CA   sing N N 300 
SER N   H    sing N N 301 
SER N   H2   sing N N 302 
SER CA  C    sing N N 303 
SER CA  CB   sing N N 304 
SER CA  HA   sing N N 305 
SER C   O    doub N N 306 
SER C   OXT  sing N N 307 
SER CB  OG   sing N N 308 
SER CB  HB2  sing N N 309 
SER CB  HB3  sing N N 310 
SER OG  HG   sing N N 311 
SER OXT HXT  sing N N 312 
THR N   CA   sing N N 313 
THR N   H    sing N N 314 
THR N   H2   sing N N 315 
THR CA  C    sing N N 316 
THR CA  CB   sing N N 317 
THR CA  HA   sing N N 318 
THR C   O    doub N N 319 
THR C   OXT  sing N N 320 
THR CB  OG1  sing N N 321 
THR CB  CG2  sing N N 322 
THR CB  HB   sing N N 323 
THR OG1 HG1  sing N N 324 
THR CG2 HG21 sing N N 325 
THR CG2 HG22 sing N N 326 
THR CG2 HG23 sing N N 327 
THR OXT HXT  sing N N 328 
TRP N   CA   sing N N 329 
TRP N   H    sing N N 330 
TRP N   H2   sing N N 331 
TRP CA  C    sing N N 332 
TRP CA  CB   sing N N 333 
TRP CA  HA   sing N N 334 
TRP C   O    doub N N 335 
TRP C   OXT  sing N N 336 
TRP CB  CG   sing N N 337 
TRP CB  HB2  sing N N 338 
TRP CB  HB3  sing N N 339 
TRP CG  CD1  doub Y N 340 
TRP CG  CD2  sing Y N 341 
TRP CD1 NE1  sing Y N 342 
TRP CD1 HD1  sing N N 343 
TRP CD2 CE2  doub Y N 344 
TRP CD2 CE3  sing Y N 345 
TRP NE1 CE2  sing Y N 346 
TRP NE1 HE1  sing N N 347 
TRP CE2 CZ2  sing Y N 348 
TRP CE3 CZ3  doub Y N 349 
TRP CE3 HE3  sing N N 350 
TRP CZ2 CH2  doub Y N 351 
TRP CZ2 HZ2  sing N N 352 
TRP CZ3 CH2  sing Y N 353 
TRP CZ3 HZ3  sing N N 354 
TRP CH2 HH2  sing N N 355 
TRP OXT HXT  sing N N 356 
TYR N   CA   sing N N 357 
TYR N   H    sing N N 358 
TYR N   H2   sing N N 359 
TYR CA  C    sing N N 360 
TYR CA  CB   sing N N 361 
TYR CA  HA   sing N N 362 
TYR C   O    doub N N 363 
TYR C   OXT  sing N N 364 
TYR CB  CG   sing N N 365 
TYR CB  HB2  sing N N 366 
TYR CB  HB3  sing N N 367 
TYR CG  CD1  doub Y N 368 
TYR CG  CD2  sing Y N 369 
TYR CD1 CE1  sing Y N 370 
TYR CD1 HD1  sing N N 371 
TYR CD2 CE2  doub Y N 372 
TYR CD2 HD2  sing N N 373 
TYR CE1 CZ   doub Y N 374 
TYR CE1 HE1  sing N N 375 
TYR CE2 CZ   sing Y N 376 
TYR CE2 HE2  sing N N 377 
TYR CZ  OH   sing N N 378 
TYR OH  HH   sing N N 379 
TYR OXT HXT  sing N N 380 
VAL N   CA   sing N N 381 
VAL N   H    sing N N 382 
VAL N   H2   sing N N 383 
VAL CA  C    sing N N 384 
VAL CA  CB   sing N N 385 
VAL CA  HA   sing N N 386 
VAL C   O    doub N N 387 
VAL C   OXT  sing N N 388 
VAL CB  CG1  sing N N 389 
VAL CB  CG2  sing N N 390 
VAL CB  HB   sing N N 391 
VAL CG1 HG11 sing N N 392 
VAL CG1 HG12 sing N N 393 
VAL CG1 HG13 sing N N 394 
VAL CG2 HG21 sing N N 395 
VAL CG2 HG22 sing N N 396 
VAL CG2 HG23 sing N N 397 
VAL OXT HXT  sing N N 398 
# 
_pdbx_initial_refinement_model.id               1 
_pdbx_initial_refinement_model.entity_id_list   ? 
_pdbx_initial_refinement_model.type             'experimental model' 
_pdbx_initial_refinement_model.source_name      PDB 
_pdbx_initial_refinement_model.accession_code   1QY0 
_pdbx_initial_refinement_model.details          ? 
# 
_atom_sites.entry_id                    1ZNG 
_atom_sites.fract_transf_matrix[1][1]   -0.00538129 
_atom_sites.fract_transf_matrix[1][2]   -0.01686626 
_atom_sites.fract_transf_matrix[1][3]   -0.00587730 
_atom_sites.fract_transf_matrix[2][1]   0.01491161 
_atom_sites.fract_transf_matrix[2][2]   -0.00762125 
_atom_sites.fract_transf_matrix[2][3]   0.00821779 
_atom_sites.fract_transf_matrix[3][1]   -0.00383634 
_atom_sites.fract_transf_matrix[3][2]   -0.00090823 
_atom_sites.fract_transf_matrix[3][3]   0.00611894 
_atom_sites.fract_transf_vector[1]      0.876263 
_atom_sites.fract_transf_vector[2]      0.434935 
_atom_sites.fract_transf_vector[3]      0.312026 
# 
loop_
_atom_type.symbol 
C  
CD 
N  
O  
S  
# 
loop_
_atom_site.group_PDB 
_atom_site.id 
_atom_site.type_symbol 
_atom_site.label_atom_id 
_atom_site.label_alt_id 
_atom_site.label_comp_id 
_atom_site.label_asym_id 
_atom_site.label_entity_id 
_atom_site.label_seq_id 
_atom_site.pdbx_PDB_ins_code 
_atom_site.Cartn_x 
_atom_site.Cartn_y 
_atom_site.Cartn_z 
_atom_site.occupancy 
_atom_site.B_iso_or_equiv 
_atom_site.pdbx_formal_charge 
_atom_site.auth_seq_id 
_atom_site.auth_comp_id 
_atom_site.auth_asym_id 
_atom_site.auth_atom_id 
_atom_site.pdbx_PDB_model_num 
ATOM   1    N  N   . GLU A 1 13  ? 7.749   12.460  13.938  1.00 47.70 ? 1   GLU A N   1 
ATOM   2    C  CA  . GLU A 1 13  ? 8.268   13.022  12.662  1.00 47.27 ? 1   GLU A CA  1 
ATOM   3    C  C   . GLU A 1 13  ? 7.689   12.252  11.481  1.00 42.85 ? 1   GLU A C   1 
ATOM   4    O  O   . GLU A 1 13  ? 7.337   11.072  11.604  1.00 41.18 ? 1   GLU A O   1 
ATOM   5    C  CB  . GLU A 1 13  ? 9.800   12.947  12.616  1.00 54.50 ? 1   GLU A CB  1 
ATOM   6    C  CG  . GLU A 1 13  ? 10.380  11.545  12.412  1.00 66.34 ? 1   GLU A CG  1 
ATOM   7    C  CD  . GLU A 1 13  ? 10.358  10.683  13.667  1.00 71.58 ? 1   GLU A CD  1 
ATOM   8    O  OE1 . GLU A 1 13  ? 10.809  9.519   13.586  1.00 73.56 ? 1   GLU A OE1 1 
ATOM   9    O  OE2 . GLU A 1 13  ? 9.900   11.164  14.728  1.00 76.08 ? 1   GLU A OE2 1 
ATOM   10   N  N   . GLU A 1 14  ? 7.589   12.921  10.338  1.00 32.55 ? 2   GLU A N   1 
ATOM   11   C  CA  . GLU A 1 14  ? 7.046   12.293  9.146   1.00 24.29 ? 2   GLU A CA  1 
ATOM   12   C  C   . GLU A 1 14  ? 8.023   12.409  7.994   1.00 26.14 ? 2   GLU A C   1 
ATOM   13   O  O   . GLU A 1 14  ? 8.817   13.359  7.920   1.00 27.56 ? 2   GLU A O   1 
ATOM   14   C  CB  . GLU A 1 14  ? 5.719   12.938  8.801   1.00 19.72 ? 2   GLU A CB  1 
ATOM   15   C  CG  . GLU A 1 14  ? 4.686   12.653  9.882   1.00 25.29 ? 2   GLU A CG  1 
ATOM   16   C  CD  . GLU A 1 14  ? 3.302   13.132  9.536   1.00 26.27 ? 2   GLU A CD  1 
ATOM   17   O  OE1 . GLU A 1 14  ? 3.130   13.732  8.447   1.00 30.13 ? 2   GLU A OE1 1 
ATOM   18   O  OE2 . GLU A 1 14  ? 2.392   12.904  10.371  1.00 25.41 ? 2   GLU A OE2 1 
ATOM   19   N  N   . ALA A 1 15  ? 7.956   11.441  7.088   1.00 19.08 ? 3   ALA A N   1 
ATOM   20   C  CA  . ALA A 1 15  ? 8.865   11.405  5.965   1.00 18.86 ? 3   ALA A CA  1 
ATOM   21   C  C   . ALA A 1 15  ? 8.203   10.797  4.747   1.00 17.79 ? 3   ALA A C   1 
ATOM   22   O  O   . ALA A 1 15  ? 7.130   10.216  4.834   1.00 16.85 ? 3   ALA A O   1 
ATOM   23   C  CB  . ALA A 1 15  ? 10.087  10.564  6.330   1.00 23.51 ? 3   ALA A CB  1 
ATOM   24   N  N   . SER A 1 16  ? 8.864   10.958  3.610   1.00 18.93 ? 4   SER A N   1 
ATOM   25   C  CA  . SER A 1 16  ? 8.425   10.398  2.337   1.00 16.01 ? 4   SER A CA  1 
ATOM   26   C  C   . SER A 1 16  ? 9.627   9.554   1.893   1.00 15.93 ? 4   SER A C   1 
ATOM   27   O  O   . SER A 1 16  ? 10.774  9.910   2.180   1.00 18.00 ? 4   SER A O   1 
ATOM   28   C  CB  . SER A 1 16  ? 8.148   11.522  1.326   1.00 18.42 ? 4   SER A CB  1 
ATOM   29   O  OG  . SER A 1 16  ? 8.125   10.989  0.007   1.00 34.91 ? 4   SER A OG  1 
ATOM   30   N  N   . SER A 1 17  ? 9.391   8.445   1.202   1.00 14.30 ? 5   SER A N   1 
ATOM   31   C  CA  . SER A 1 17  ? 10.499  7.581   0.775   1.00 15.75 ? 5   SER A CA  1 
ATOM   32   C  C   . SER A 1 17  ? 11.418  8.279   -0.213  1.00 18.34 ? 5   SER A C   1 
ATOM   33   O  O   . SER A 1 17  ? 12.598  7.916   -0.328  1.00 19.19 ? 5   SER A O   1 
ATOM   34   C  CB  . SER A 1 17  ? 9.976   6.265   0.161   1.00 15.66 ? 5   SER A CB  1 
ATOM   35   O  OG  . SER A 1 17  ? 9.257   6.498   -1.046  1.00 15.91 ? 5   SER A OG  1 
ATOM   36   N  N   . THR A 1 18  ? 10.882  9.285   -0.897  1.00 16.79 ? 6   THR A N   1 
ATOM   37   C  CA  . THR A 1 18  ? 11.653  10.044  -1.876  1.00 22.15 ? 6   THR A CA  1 
ATOM   38   C  C   . THR A 1 18  ? 12.403  11.215  -1.220  1.00 26.59 ? 6   THR A C   1 
ATOM   39   O  O   . THR A 1 18  ? 13.212  11.879  -1.870  1.00 28.11 ? 6   THR A O   1 
ATOM   40   C  CB  . THR A 1 18  ? 10.734  10.572  -2.991  1.00 20.89 ? 6   THR A CB  1 
ATOM   41   O  OG1 . THR A 1 18  ? 9.649   11.302  -2.409  1.00 29.59 ? 6   THR A OG1 1 
ATOM   42   C  CG2 . THR A 1 18  ? 10.182  9.416   -3.821  1.00 26.20 ? 6   THR A CG2 1 
ATOM   43   N  N   . GLY A 1 19  ? 12.144  11.456  0.063   1.00 24.02 ? 7   GLY A N   1 
ATOM   44   C  CA  . GLY A 1 19  ? 12.816  12.541  0.776   1.00 29.12 ? 7   GLY A CA  1 
ATOM   45   C  C   . GLY A 1 19  ? 14.223  12.207  1.259   1.00 28.10 ? 7   GLY A C   1 
ATOM   46   O  O   . GLY A 1 19  ? 14.569  11.047  1.485   1.00 29.70 ? 7   GLY A O   1 
ATOM   47   N  N   . ARG A 1 20  ? 15.040  13.233  1.455   1.00 33.09 ? 8   ARG A N   1 
ATOM   48   C  CA  . ARG A 1 20  ? 16.420  13.024  1.882   1.00 38.28 ? 8   ARG A CA  1 
ATOM   49   C  C   . ARG A 1 20  ? 16.573  12.390  3.263   1.00 35.77 ? 8   ARG A C   1 
ATOM   50   O  O   . ARG A 1 20  ? 17.511  11.626  3.499   1.00 40.98 ? 8   ARG A O   1 
ATOM   51   C  CB  . ARG A 1 20  ? 17.173  14.352  1.852   1.00 46.44 ? 8   ARG A CB  1 
ATOM   52   C  CG  . ARG A 1 20  ? 18.680  14.198  1.811   1.00 59.80 ? 8   ARG A CG  1 
ATOM   53   C  CD  . ARG A 1 20  ? 19.111  13.406  0.584   1.00 69.07 ? 8   ARG A CD  1 
ATOM   54   N  NE  . ARG A 1 20  ? 20.551  13.500  0.362   1.00 79.01 ? 8   ARG A NE  1 
ATOM   55   C  CZ  . ARG A 1 20  ? 21.189  14.632  0.075   1.00 82.64 ? 8   ARG A CZ  1 
ATOM   56   N  NH1 . ARG A 1 20  ? 20.515  15.770  -0.028  1.00 84.93 ? 8   ARG A NH1 1 
ATOM   57   N  NH2 . ARG A 1 20  ? 22.503  14.626  -0.104  1.00 85.58 ? 8   ARG A NH2 1 
ATOM   58   N  N   . ASN A 1 21  ? 15.650  12.688  4.167   1.00 32.17 ? 9   ASN A N   1 
ATOM   59   C  CA  . ASN A 1 21  ? 15.732  12.144  5.516   1.00 33.08 ? 9   ASN A CA  1 
ATOM   60   C  C   . ASN A 1 21  ? 14.952  10.840  5.730   1.00 30.72 ? 9   ASN A C   1 
ATOM   61   O  O   . ASN A 1 21  ? 14.684  10.474  6.873   1.00 30.94 ? 9   ASN A O   1 
ATOM   62   C  CB  . ASN A 1 21  ? 15.242  13.180  6.527   1.00 36.57 ? 9   ASN A CB  1 
ATOM   63   C  CG  . ASN A 1 21  ? 13.798  13.574  6.298   1.00 46.58 ? 9   ASN A CG  1 
ATOM   64   O  OD1 . ASN A 1 21  ? 13.145  14.151  7.175   1.00 51.84 ? 9   ASN A OD1 1 
ATOM   65   N  ND2 . ASN A 1 21  ? 13.288  13.273  5.107   1.00 47.36 ? 9   ASN A ND2 1 
ATOM   66   N  N   . PHE A 1 22  ? 14.594  10.132  4.655   1.00 23.81 ? 10  PHE A N   1 
ATOM   67   C  CA  . PHE A 1 22  ? 13.835  8.879   4.825   1.00 20.45 ? 10  PHE A CA  1 
ATOM   68   C  C   . PHE A 1 22  ? 14.702  7.791   5.450   1.00 22.08 ? 10  PHE A C   1 
ATOM   69   O  O   . PHE A 1 22  ? 15.853  7.597   5.047   1.00 24.27 ? 10  PHE A O   1 
ATOM   70   C  CB  . PHE A 1 22  ? 13.318  8.387   3.475   1.00 17.64 ? 10  PHE A CB  1 
ATOM   71   C  CG  . PHE A 1 22  ? 12.459  7.143   3.555   1.00 16.56 ? 10  PHE A CG  1 
ATOM   72   C  CD1 . PHE A 1 22  ? 11.267  7.143   4.283   1.00 18.20 ? 10  PHE A CD1 1 
ATOM   73   C  CD2 . PHE A 1 22  ? 12.821  5.997   2.862   1.00 18.12 ? 10  PHE A CD2 1 
ATOM   74   C  CE1 . PHE A 1 22  ? 10.455  6.009   4.309   1.00 17.25 ? 10  PHE A CE1 1 
ATOM   75   C  CE2 . PHE A 1 22  ? 12.012  4.862   2.881   1.00 20.97 ? 10  PHE A CE2 1 
ATOM   76   C  CZ  . PHE A 1 22  ? 10.826  4.873   3.611   1.00 17.70 ? 10  PHE A CZ  1 
ATOM   77   N  N   . ASN A 1 23  ? 14.151  7.078   6.432   1.00 19.90 ? 11  ASN A N   1 
ATOM   78   C  CA  . ASN A 1 23  ? 14.895  5.996   7.079   1.00 18.81 ? 11  ASN A CA  1 
ATOM   79   C  C   . ASN A 1 23  ? 14.097  4.708   6.863   1.00 17.95 ? 11  ASN A C   1 
ATOM   80   O  O   . ASN A 1 23  ? 13.222  4.353   7.666   1.00 21.20 ? 11  ASN A O   1 
ATOM   81   C  CB  . ASN A 1 23  ? 15.040  6.292   8.566   1.00 26.47 ? 11  ASN A CB  1 
ATOM   82   C  CG  . ASN A 1 23  ? 15.932  5.288   9.277   1.00 28.87 ? 11  ASN A CG  1 
ATOM   83   O  OD1 . ASN A 1 23  ? 16.280  5.480   10.440  1.00 34.97 ? 11  ASN A OD1 1 
ATOM   84   N  ND2 . ASN A 1 23  ? 16.299  4.216   8.587   1.00 24.81 ? 11  ASN A ND2 1 
ATOM   85   N  N   . VAL A 1 24  ? 14.410  4.001   5.779   1.00 17.12 ? 12  VAL A N   1 
ATOM   86   C  CA  . VAL A 1 24  ? 13.673  2.798   5.408   1.00 16.35 ? 12  VAL A CA  1 
ATOM   87   C  C   . VAL A 1 24  ? 13.630  1.712   6.472   1.00 20.03 ? 12  VAL A C   1 
ATOM   88   O  O   . VAL A 1 24  ? 12.654  0.966   6.575   1.00 14.34 ? 12  VAL A O   1 
ATOM   89   C  CB  . VAL A 1 24  ? 14.205  2.234   4.048   1.00 20.66 ? 12  VAL A CB  1 
ATOM   90   C  CG1 . VAL A 1 24  ? 15.627  1.701   4.220   1.00 21.81 ? 12  VAL A CG1 1 
ATOM   91   C  CG2 . VAL A 1 24  ? 13.232  1.153   3.497   1.00 18.81 ? 12  VAL A CG2 1 
ATOM   92   N  N   . GLU A 1 25  ? 14.660  1.628   7.305   1.00 17.04 ? 13  GLU A N   1 
ATOM   93   C  CA  . GLU A 1 25  ? 14.635  0.608   8.346   1.00 18.72 ? 13  GLU A CA  1 
ATOM   94   C  C   . GLU A 1 25  ? 13.454  0.788   9.270   1.00 14.05 ? 13  GLU A C   1 
ATOM   95   O  O   . GLU A 1 25  ? 12.973  -0.189  9.843   1.00 17.47 ? 13  GLU A O   1 
ATOM   96   C  CB  . GLU A 1 25  ? 15.903  0.646   9.212   1.00 19.34 ? 13  GLU A CB  1 
ATOM   97   C  CG  . GLU A 1 25  ? 17.141  0.176   8.523   1.00 24.56 ? 13  GLU A CG  1 
ATOM   98   C  CD  . GLU A 1 25  ? 18.357  0.300   9.438   1.00 24.93 ? 13  GLU A CD  1 
ATOM   99   O  OE1 . GLU A 1 25  ? 18.451  1.323   10.149  1.00 19.34 ? 13  GLU A OE1 1 
ATOM   100  O  OE2 . GLU A 1 25  ? 19.196  -0.621  9.426   1.00 37.21 ? 13  GLU A OE2 1 
ATOM   101  N  N   . LYS A 1 26  ? 13.001  2.025   9.442   1.00 16.02 ? 14  LYS A N   1 
ATOM   102  C  CA  . LYS A 1 26  ? 11.893  2.315   10.348  1.00 14.45 ? 14  LYS A CA  1 
ATOM   103  C  C   . LYS A 1 26  ? 10.524  1.857   9.860   1.00 14.66 ? 14  LYS A C   1 
ATOM   104  O  O   . LYS A 1 26  ? 9.570   1.912   10.628  1.00 15.53 ? 14  LYS A O   1 
ATOM   105  C  CB  . LYS A 1 26  ? 11.883  3.803   10.732  1.00 18.22 ? 14  LYS A CB  1 
ATOM   106  C  CG  . LYS A 1 26  ? 13.047  4.127   11.694  1.00 25.48 ? 14  LYS A CG  1 
ATOM   107  C  CD  . LYS A 1 26  ? 12.964  5.534   12.317  1.00 30.27 ? 14  LYS A CD  1 
ATOM   108  C  CE  . LYS A 1 26  ? 14.010  5.666   13.438  1.00 37.85 ? 14  LYS A CE  1 
ATOM   109  N  NZ  . LYS A 1 26  ? 13.875  6.894   14.281  1.00 42.13 ? 14  LYS A NZ  1 
ATOM   110  N  N   . ILE A 1 27  ? 10.417  1.388   8.611   1.00 15.12 ? 15  ILE A N   1 
ATOM   111  C  CA  . ILE A 1 27  ? 9.113   0.864   8.170   1.00 13.40 ? 15  ILE A CA  1 
ATOM   112  C  C   . ILE A 1 27  ? 9.108   -0.651  8.285   1.00 12.81 ? 15  ILE A C   1 
ATOM   113  O  O   . ILE A 1 27  ? 8.154   -1.313  7.910   1.00 15.01 ? 15  ILE A O   1 
ATOM   114  C  CB  . ILE A 1 27  ? 8.728   1.248   6.707   1.00 13.13 ? 15  ILE A CB  1 
ATOM   115  C  CG1 . ILE A 1 27  ? 9.648   0.560   5.692   1.00 13.94 ? 15  ILE A CG1 1 
ATOM   116  C  CG2 . ILE A 1 27  ? 8.718   2.764   6.591   1.00 12.97 ? 15  ILE A CG2 1 
ATOM   117  C  CD1 . ILE A 1 27  ? 9.150   0.713   4.230   1.00 17.99 ? 15  ILE A CD1 1 
ATOM   118  N  N   . ASN A 1 28  ? 10.188  -1.215  8.822   1.00 14.54 ? 16  ASN A N   1 
ATOM   119  C  CA  . ASN A 1 28  ? 10.231  -2.651  8.994   1.00 14.71 ? 16  ASN A CA  1 
ATOM   120  C  C   . ASN A 1 28  ? 9.166   -3.103  9.999   1.00 13.84 ? 16  ASN A C   1 
ATOM   121  O  O   . ASN A 1 28  ? 8.800   -2.348  10.905  1.00 14.63 ? 16  ASN A O   1 
ATOM   122  C  CB  . ASN A 1 28  ? 11.629  -3.054  9.523   1.00 15.08 ? 16  ASN A CB  1 
ATOM   123  C  CG  . ASN A 1 28  ? 11.809  -4.563  9.629   1.00 16.18 ? 16  ASN A CG  1 
ATOM   124  O  OD1 . ASN A 1 28  ? 11.939  -5.260  8.612   1.00 17.56 ? 16  ASN A OD1 1 
ATOM   125  N  ND2 . ASN A 1 28  ? 11.818  -5.086  10.868  1.00 15.23 ? 16  ASN A ND2 1 
ATOM   126  N  N   . GLY A 1 29  ? 8.634   -4.305  9.795   1.00 12.08 ? 17  GLY A N   1 
ATOM   127  C  CA  . GLY A 1 29  ? 7.743   -4.887  10.790  1.00 12.24 ? 17  GLY A CA  1 
ATOM   128  C  C   . GLY A 1 29  ? 6.290   -5.064  10.454  1.00 12.00 ? 17  GLY A C   1 
ATOM   129  O  O   . GLY A 1 29  ? 5.925   -5.110  9.303   1.00 13.20 ? 17  GLY A O   1 
ATOM   130  N  N   . GLU A 1 30  ? 5.465   -5.128  11.501  1.00 11.97 ? 18  GLU A N   1 
ATOM   131  C  CA  . GLU A 1 30  ? 4.027   -5.338  11.389  1.00 11.65 ? 18  GLU A CA  1 
ATOM   132  C  C   . GLU A 1 30  ? 3.292   -4.164  10.756  1.00 11.86 ? 18  GLU A C   1 
ATOM   133  O  O   . GLU A 1 30  ? 3.524   -3.017  11.147  1.00 11.36 ? 18  GLU A O   1 
ATOM   134  C  CB  . GLU A 1 30  ? 3.452   -5.562  12.801  1.00 11.30 ? 18  GLU A CB  1 
ATOM   135  C  CG  . GLU A 1 30  ? 1.925   -5.707  12.869  1.00 10.44 ? 18  GLU A CG  1 
ATOM   136  C  CD  . GLU A 1 30  ? 1.361   -5.718  14.305  1.00 14.54 ? 18  GLU A CD  1 
ATOM   137  O  OE1 . GLU A 1 30  ? 2.098   -5.479  15.283  1.00 14.58 ? 18  GLU A OE1 1 
ATOM   138  O  OE2 . GLU A 1 30  ? 0.160   -5.926  14.453  1.00 12.00 ? 18  GLU A OE2 1 
ATOM   139  N  N   . TRP A 1 31  ? 2.421   -4.468  9.782   1.00 12.06 ? 19  TRP A N   1 
ATOM   140  C  CA  . TRP A 1 31  ? 1.554   -3.488  9.145   1.00 12.42 ? 19  TRP A CA  1 
ATOM   141  C  C   . TRP A 1 31  ? 0.243   -4.184  8.808   1.00 13.21 ? 19  TRP A C   1 
ATOM   142  O  O   . TRP A 1 31  ? 0.192   -5.424  8.706   1.00 18.51 ? 19  TRP A O   1 
ATOM   143  C  CB  . TRP A 1 31  ? 2.140   -2.906  7.841   1.00 13.82 ? 19  TRP A CB  1 
ATOM   144  C  CG  . TRP A 1 31  ? 3.298   -1.966  8.086   1.00 13.56 ? 19  TRP A CG  1 
ATOM   145  C  CD1 . TRP A 1 31  ? 4.654   -2.256  7.937   1.00 10.59 ? 19  TRP A CD1 1 
ATOM   146  C  CD2 . TRP A 1 31  ? 3.226   -0.611  8.533   1.00 12.81 ? 19  TRP A CD2 1 
ATOM   147  N  NE1 . TRP A 1 31  ? 5.406   -1.142  8.262   1.00 12.50 ? 19  TRP A NE1 1 
ATOM   148  C  CE2 . TRP A 1 31  ? 4.552   -0.125  8.631   1.00 12.51 ? 19  TRP A CE2 1 
ATOM   149  C  CE3 . TRP A 1 31  ? 2.162   0.250   8.868   1.00 9.58  ? 19  TRP A CE3 1 
ATOM   150  C  CZ2 . TRP A 1 31  ? 4.836   1.188   9.047   1.00 12.45 ? 19  TRP A CZ2 1 
ATOM   151  C  CZ3 . TRP A 1 31  ? 2.439   1.544   9.287   1.00 8.84  ? 19  TRP A CZ3 1 
ATOM   152  C  CH2 . TRP A 1 31  ? 3.772   2.001   9.372   1.00 11.58 ? 19  TRP A CH2 1 
ATOM   153  N  N   . HIS A 1 32  ? -0.823  -3.390  8.667   1.00 13.40 ? 20  HIS A N   1 
ATOM   154  C  CA  . HIS A 1 32  ? -2.137  -3.907  8.317   1.00 11.84 ? 20  HIS A CA  1 
ATOM   155  C  C   . HIS A 1 32  ? -2.743  -2.988  7.257   1.00 11.29 ? 20  HIS A C   1 
ATOM   156  O  O   . HIS A 1 32  ? -2.546  -1.779  7.296   1.00 10.95 ? 20  HIS A O   1 
ATOM   157  C  CB  . HIS A 1 32  ? -3.091  -3.879  9.532   1.00 14.71 ? 20  HIS A CB  1 
ATOM   158  C  CG  . HIS A 1 32  ? -2.613  -4.689  10.692  1.00 13.14 ? 20  HIS A CG  1 
ATOM   159  N  ND1 . HIS A 1 32  ? -2.991  -6.003  10.880  1.00 17.95 ? 20  HIS A ND1 1 
ATOM   160  C  CD2 . HIS A 1 32  ? -1.736  -4.401  11.681  1.00 13.41 ? 20  HIS A CD2 1 
ATOM   161  C  CE1 . HIS A 1 32  ? -2.371  -6.486  11.946  1.00 17.70 ? 20  HIS A CE1 1 
ATOM   162  N  NE2 . HIS A 1 32  ? -1.601  -5.535  12.450  1.00 14.81 ? 20  HIS A NE2 1 
ATOM   163  N  N   . THR A 1 33  ? -3.480  -3.569  6.324   1.00 10.22 ? 21  THR A N   1 
ATOM   164  C  CA  . THR A 1 33  ? -4.169  -2.765  5.313   1.00 11.15 ? 21  THR A CA  1 
ATOM   165  C  C   . THR A 1 33  ? -5.371  -2.139  6.006   1.00 11.37 ? 21  THR A C   1 
ATOM   166  O  O   . THR A 1 33  ? -6.204  -2.852  6.556   1.00 14.66 ? 21  THR A O   1 
ATOM   167  C  CB  . THR A 1 33  ? -4.676  -3.649  4.151   1.00 13.16 ? 21  THR A CB  1 
ATOM   168  O  OG1 . THR A 1 33  ? -3.547  -4.160  3.430   1.00 12.73 ? 21  THR A OG1 1 
ATOM   169  C  CG2 . THR A 1 33  ? -5.557  -2.827  3.165   1.00 12.69 ? 21  THR A CG2 1 
ATOM   170  N  N   . ILE A 1 34  ? -5.461  -0.816  5.969   1.00 10.21 ? 22  ILE A N   1 
ATOM   171  C  CA  . ILE A 1 34  ? -6.579  -0.106  6.594   1.00 11.72 ? 22  ILE A CA  1 
ATOM   172  C  C   . ILE A 1 34  ? -7.536  0.384   5.519   1.00 12.63 ? 22  ILE A C   1 
ATOM   173  O  O   . ILE A 1 34  ? -8.742  0.138   5.591   1.00 13.08 ? 22  ILE A O   1 
ATOM   174  C  CB  . ILE A 1 34  ? -6.081  1.103   7.424   1.00 12.15 ? 22  ILE A CB  1 
ATOM   175  C  CG1 . ILE A 1 34  ? -4.990  0.649   8.419   1.00 14.10 ? 22  ILE A CG1 1 
ATOM   176  C  CG2 . ILE A 1 34  ? -7.266  1.721   8.230   1.00 13.84 ? 22  ILE A CG2 1 
ATOM   177  C  CD1 . ILE A 1 34  ? -5.364  -0.654  9.205   1.00 14.01 ? 22  ILE A CD1 1 
ATOM   178  N  N   . ILE A 1 35  ? -6.986  1.056   4.506   1.00 10.70 ? 23  ILE A N   1 
ATOM   179  C  CA  . ILE A 1 35  ? -7.801  1.554   3.400   1.00 10.60 ? 23  ILE A CA  1 
ATOM   180  C  C   . ILE A 1 35  ? -7.069  1.369   2.077   1.00 11.88 ? 23  ILE A C   1 
ATOM   181  O  O   . ILE A 1 35  ? -5.834  1.486   2.033   1.00 12.32 ? 23  ILE A O   1 
ATOM   182  C  CB  . ILE A 1 35  ? -8.086  3.061   3.578   1.00 11.34 ? 23  ILE A CB  1 
ATOM   183  C  CG1 . ILE A 1 35  ? -8.761  3.306   4.938   1.00 15.78 ? 23  ILE A CG1 1 
ATOM   184  C  CG2 . ILE A 1 35  ? -9.007  3.588   2.460   1.00 12.73 ? 23  ILE A CG2 1 
ATOM   185  C  CD1 . ILE A 1 35  ? -9.112  4.749   5.175   1.00 17.33 ? 23  ILE A CD1 1 
ATOM   186  N  N   . LEU A 1 36  ? -7.819  1.046   1.016   1.00 11.02 ? 24  LEU A N   1 
ATOM   187  C  CA  . LEU A 1 36  ? -7.247  0.972   -0.332  1.00 11.14 ? 24  LEU A CA  1 
ATOM   188  C  C   . LEU A 1 36  ? -8.029  1.912   -1.233  1.00 12.01 ? 24  LEU A C   1 
ATOM   189  O  O   . LEU A 1 36  ? -9.210  2.159   -1.033  1.00 11.75 ? 24  LEU A O   1 
ATOM   190  C  CB  . LEU A 1 36  ? -7.307  -0.442  -0.909  1.00 12.01 ? 24  LEU A CB  1 
ATOM   191  C  CG  . LEU A 1 36  ? -6.395  -1.437  -0.179  1.00 11.94 ? 24  LEU A CG  1 
ATOM   192  C  CD1 . LEU A 1 36  ? -6.569  -2.794  -0.834  1.00 13.64 ? 24  LEU A CD1 1 
ATOM   193  C  CD2 . LEU A 1 36  ? -4.933  -1.006  -0.231  1.00 13.23 ? 24  LEU A CD2 1 
ATOM   194  N  N   . ALA A 1 37  ? -7.365  2.439   -2.246  1.00 9.55  ? 25  ALA A N   1 
ATOM   195  C  CA  . ALA A 1 37  ? -8.022  3.379   -3.153  1.00 9.30  ? 25  ALA A CA  1 
ATOM   196  C  C   . ALA A 1 37  ? -7.488  3.182   -4.543  1.00 12.19 ? 25  ALA A C   1 
ATOM   197  O  O   . ALA A 1 37  ? -6.339  2.853   -4.714  1.00 12.41 ? 25  ALA A O   1 
ATOM   198  C  CB  . ALA A 1 37  ? -7.727  4.835   -2.688  1.00 11.22 ? 25  ALA A CB  1 
ATOM   199  N  N   . SER A 1 38  ? -8.305  3.442   -5.554  1.00 10.65 ? 26  SER A N   1 
ATOM   200  C  CA  . SER A 1 38  ? -7.785  3.275   -6.914  1.00 11.43 ? 26  SER A CA  1 
ATOM   201  C  C   . SER A 1 38  ? -8.605  4.039   -7.918  1.00 12.32 ? 26  SER A C   1 
ATOM   202  O  O   . SER A 1 38  ? -9.801  4.229   -7.707  1.00 14.75 ? 26  SER A O   1 
ATOM   203  C  CB  . SER A 1 38  ? -7.803  1.798   -7.302  1.00 12.62 ? 26  SER A CB  1 
ATOM   204  O  OG  . SER A 1 38  ? -7.320  1.645   -8.654  1.00 15.37 ? 26  SER A OG  1 
ATOM   205  N  N   . ASP A 1 39  ? -7.970  4.500   -9.006  1.00 11.40 ? 27  ASP A N   1 
ATOM   206  C  CA  . ASP A 1 39  ? -8.775  5.144   -10.028 1.00 15.67 ? 27  ASP A CA  1 
ATOM   207  C  C   . ASP A 1 39  ? -9.415  4.113   -10.986 1.00 17.24 ? 27  ASP A C   1 
ATOM   208  O  O   . ASP A 1 39  ? -10.061 4.492   -11.965 1.00 19.62 ? 27  ASP A O   1 
ATOM   209  C  CB  . ASP A 1 39  ? -8.013  6.274   -10.748 1.00 13.66 ? 27  ASP A CB  1 
ATOM   210  C  CG  . ASP A 1 39  ? -6.697  5.839   -11.353 1.00 18.26 ? 27  ASP A CG  1 
ATOM   211  O  OD1 . ASP A 1 39  ? -6.400  4.624   -11.360 1.00 15.60 ? 27  ASP A OD1 1 
ATOM   212  O  OD2 . ASP A 1 39  ? -5.971  6.755   -11.837 1.00 16.40 ? 27  ASP A OD2 1 
ATOM   213  N  N   . LYS A 1 40  ? -9.227  2.823   -10.686 1.00 13.81 ? 28  LYS A N   1 
ATOM   214  C  CA  . LYS A 1 40  ? -9.879  1.677   -11.368 1.00 15.16 ? 28  LYS A CA  1 
ATOM   215  C  C   . LYS A 1 40  ? -10.398 0.849   -10.180 1.00 16.54 ? 28  LYS A C   1 
ATOM   216  O  O   . LYS A 1 40  ? -9.767  -0.116  -9.733  1.00 15.45 ? 28  LYS A O   1 
ATOM   217  C  CB  . LYS A 1 40  ? -8.897  0.852   -12.219 1.00 19.62 ? 28  LYS A CB  1 
ATOM   218  C  CG  . LYS A 1 40  ? -8.664  1.479   -13.596 1.00 26.40 ? 28  LYS A CG  1 
ATOM   219  C  CD  . LYS A 1 40  ? -8.141  0.467   -14.635 1.00 29.16 ? 28  LYS A CD  1 
ATOM   220  C  CE  . LYS A 1 40  ? -7.801  1.209   -15.938 1.00 35.02 ? 28  LYS A CE  1 
ATOM   221  N  NZ  . LYS A 1 40  ? -7.098  0.377   -16.967 1.00 33.24 ? 28  LYS A NZ  1 
ATOM   222  N  N   . ARG A 1 41  ? -11.566 1.240   -9.680  1.00 17.48 ? 29  ARG A N   1 
ATOM   223  C  CA  . ARG A 1 41  ? -12.137 0.639   -8.466  1.00 17.78 ? 29  ARG A CA  1 
ATOM   224  C  C   . ARG A 1 41  ? -12.231 -0.884  -8.445  1.00 15.21 ? 29  ARG A C   1 
ATOM   225  O  O   . ARG A 1 41  ? -12.054 -1.515  -7.395  1.00 16.18 ? 29  ARG A O   1 
ATOM   226  C  CB  . ARG A 1 41  ? -13.523 1.235   -8.201  1.00 17.84 ? 29  ARG A CB  1 
ATOM   227  C  CG  . ARG A 1 41  ? -13.972 1.163   -6.738  1.00 18.72 ? 29  ARG A CG  1 
ATOM   228  C  CD  . ARG A 1 41  ? -15.311 1.837   -6.582  1.00 19.09 ? 29  ARG A CD  1 
ATOM   229  N  NE  . ARG A 1 41  ? -15.639 2.149   -5.196  1.00 20.11 ? 29  ARG A NE  1 
ATOM   230  C  CZ  . ARG A 1 41  ? -16.142 1.290   -4.321  1.00 20.51 ? 29  ARG A CZ  1 
ATOM   231  N  NH1 . ARG A 1 41  ? -16.383 0.030   -4.660  1.00 21.92 ? 29  ARG A NH1 1 
ATOM   232  N  NH2 . ARG A 1 41  ? -16.441 1.710   -3.102  1.00 19.91 ? 29  ARG A NH2 1 
ATOM   233  N  N   . GLU A 1 42  ? -12.498 -1.479  -9.598  1.00 16.47 ? 30  GLU A N   1 
ATOM   234  C  CA  . GLU A 1 42  ? -12.631 -2.938  -9.660  1.00 17.56 ? 30  GLU A CA  1 
ATOM   235  C  C   . GLU A 1 42  ? -11.397 -3.680  -9.143  1.00 19.70 ? 30  GLU A C   1 
ATOM   236  O  O   . GLU A 1 42  ? -11.501 -4.810  -8.661  1.00 18.22 ? 30  GLU A O   1 
ATOM   237  C  CB  . GLU A 1 42  ? -12.891 -3.374  -11.107 1.00 25.50 ? 30  GLU A CB  1 
ATOM   238  C  CG  . GLU A 1 42  ? -11.751 -2.960  -12.020 1.00 41.44 ? 30  GLU A CG  1 
ATOM   239  C  CD  . GLU A 1 42  ? -12.009 -3.222  -13.483 1.00 56.09 ? 30  GLU A CD  1 
ATOM   240  O  OE1 . GLU A 1 42  ? -12.139 -4.408  -13.865 1.00 63.86 ? 30  GLU A OE1 1 
ATOM   241  O  OE2 . GLU A 1 42  ? -12.075 -2.236  -14.251 1.00 60.20 ? 30  GLU A OE2 1 
ATOM   242  N  N   . LYS A 1 43  ? -10.230 -3.047  -9.237  1.00 16.10 ? 31  LYS A N   1 
ATOM   243  C  CA  . LYS A 1 43  ? -8.998  -3.710  -8.808  1.00 15.95 ? 31  LYS A CA  1 
ATOM   244  C  C   . LYS A 1 43  ? -8.917  -3.986  -7.312  1.00 14.03 ? 31  LYS A C   1 
ATOM   245  O  O   . LYS A 1 43  ? -8.163  -4.851  -6.882  1.00 16.09 ? 31  LYS A O   1 
ATOM   246  C  CB  . LYS A 1 43  ? -7.782  -2.873  -9.208  1.00 15.80 ? 31  LYS A CB  1 
ATOM   247  C  CG  . LYS A 1 43  ? -7.622  -2.669  -10.730 1.00 19.96 ? 31  LYS A CG  1 
ATOM   248  C  CD  . LYS A 1 43  ? -7.198  -3.991  -11.378 1.00 28.67 ? 31  LYS A CD  1 
ATOM   249  C  CE  . LYS A 1 43  ? -6.698  -3.809  -12.798 1.00 42.10 ? 31  LYS A CE  1 
ATOM   250  N  NZ  . LYS A 1 43  ? -7.735  -3.232  -13.677 1.00 50.76 ? 31  LYS A NZ  1 
ATOM   251  N  N   . ILE A 1 44  ? -9.689  -3.241  -6.529  1.00 15.81 ? 32  ILE A N   1 
ATOM   252  C  CA  . ILE A 1 44  ? -9.668  -3.389  -5.073  1.00 12.81 ? 32  ILE A CA  1 
ATOM   253  C  C   . ILE A 1 44  ? -11.006 -3.826  -4.499  1.00 16.82 ? 32  ILE A C   1 
ATOM   254  O  O   . ILE A 1 44  ? -11.196 -3.878  -3.267  1.00 18.70 ? 32  ILE A O   1 
ATOM   255  C  CB  . ILE A 1 44  ? -9.213  -2.057  -4.384  1.00 14.62 ? 32  ILE A CB  1 
ATOM   256  C  CG1 . ILE A 1 44  ? -10.082 -0.867  -4.824  1.00 16.19 ? 32  ILE A CG1 1 
ATOM   257  C  CG2 . ILE A 1 44  ? -7.748  -1.807  -4.730  1.00 15.28 ? 32  ILE A CG2 1 
ATOM   258  C  CD1 . ILE A 1 44  ? -9.864  0.426   -3.967  1.00 14.46 ? 32  ILE A CD1 1 
ATOM   259  N  N   . GLU A 1 45  ? -11.944 -4.124  -5.390  1.00 17.05 ? 33  GLU A N   1 
ATOM   260  C  CA  . GLU A 1 45  ? -13.247 -4.615  -4.945  1.00 18.83 ? 33  GLU A CA  1 
ATOM   261  C  C   . GLU A 1 45  ? -13.111 -6.077  -4.574  1.00 23.88 ? 33  GLU A C   1 
ATOM   262  O  O   . GLU A 1 45  ? -12.055 -6.677  -4.780  1.00 22.92 ? 33  GLU A O   1 
ATOM   263  C  CB  . GLU A 1 45  ? -14.306 -4.390  -6.037  1.00 19.39 ? 33  GLU A CB  1 
ATOM   264  C  CG  . GLU A 1 45  ? -14.795 -2.939  -5.992  1.00 21.08 ? 33  GLU A CG  1 
ATOM   265  C  CD  . GLU A 1 45  ? -15.654 -2.530  -7.169  1.00 25.23 ? 33  GLU A CD  1 
ATOM   266  O  OE1 . GLU A 1 45  ? -15.763 -3.297  -8.150  1.00 25.00 ? 33  GLU A OE1 1 
ATOM   267  O  OE2 . GLU A 1 45  ? -16.212 -1.421  -7.107  1.00 25.46 ? 33  GLU A OE2 1 
ATOM   268  N  N   . ASP A 1 46  ? -14.185 -6.652  -4.026  1.00 27.22 ? 34  ASP A N   1 
ATOM   269  C  CA  . ASP A 1 46  ? -14.179 -8.035  -3.555  1.00 32.12 ? 34  ASP A CA  1 
ATOM   270  C  C   . ASP A 1 46  ? -13.303 -9.085  -4.213  1.00 32.75 ? 34  ASP A C   1 
ATOM   271  O  O   . ASP A 1 46  ? -12.603 -9.818  -3.519  1.00 37.06 ? 34  ASP A O   1 
ATOM   272  C  CB  . ASP A 1 46  ? -15.609 -8.569  -3.463  1.00 37.70 ? 34  ASP A CB  1 
ATOM   273  C  CG  . ASP A 1 46  ? -16.292 -8.150  -2.179  1.00 43.01 ? 34  ASP A CG  1 
ATOM   274  O  OD1 . ASP A 1 46  ? -16.485 -6.935  -1.976  1.00 50.39 ? 34  ASP A OD1 1 
ATOM   275  O  OD2 . ASP A 1 46  ? -16.627 -9.035  -1.367  1.00 52.56 ? 34  ASP A OD2 1 
ATOM   276  N  N   . ASN A 1 47  ? -13.322 -9.209  -5.527  1.00 32.27 ? 35  ASN A N   1 
ATOM   277  C  CA  . ASN A 1 47  ? -12.455 -10.232 -6.092  1.00 35.95 ? 35  ASN A CA  1 
ATOM   278  C  C   . ASN A 1 47  ? -11.324 -9.619  -6.903  1.00 33.26 ? 35  ASN A C   1 
ATOM   279  O  O   . ASN A 1 47  ? -10.785 -10.244 -7.814  1.00 34.18 ? 35  ASN A O   1 
ATOM   280  C  CB  . ASN A 1 47  ? -13.276 -11.217 -6.931  1.00 42.82 ? 35  ASN A CB  1 
ATOM   281  C  CG  . ASN A 1 47  ? -14.154 -12.126 -6.066  1.00 48.66 ? 35  ASN A CG  1 
ATOM   282  O  OD1 . ASN A 1 47  ? -15.368 -12.207 -6.263  1.00 52.95 ? 35  ASN A OD1 1 
ATOM   283  N  ND2 . ASN A 1 47  ? -13.536 -12.815 -5.105  1.00 47.36 ? 35  ASN A ND2 1 
ATOM   284  N  N   . GLY A 1 48  ? -10.952 -8.391  -6.546  1.00 28.02 ? 36  GLY A N   1 
ATOM   285  C  CA  . GLY A 1 48  ? -9.882  -7.721  -7.257  1.00 23.78 ? 36  GLY A CA  1 
ATOM   286  C  C   . GLY A 1 48  ? -8.527  -8.267  -6.857  1.00 20.85 ? 36  GLY A C   1 
ATOM   287  O  O   . GLY A 1 48  ? -8.303  -8.630  -5.689  1.00 20.68 ? 36  GLY A O   1 
ATOM   288  N  N   . ASN A 1 49  ? -7.599  -8.289  -7.808  1.00 20.63 ? 37  ASN A N   1 
ATOM   289  C  CA  . ASN A 1 49  ? -6.267  -8.829  -7.547  1.00 19.33 ? 37  ASN A CA  1 
ATOM   290  C  C   . ASN A 1 49  ? -5.476  -7.935  -6.614  1.00 17.82 ? 37  ASN A C   1 
ATOM   291  O  O   . ASN A 1 49  ? -4.476  -8.368  -6.060  1.00 17.95 ? 37  ASN A O   1 
ATOM   292  C  CB  . ASN A 1 49  ? -5.472  -8.981  -8.848  1.00 21.68 ? 37  ASN A CB  1 
ATOM   293  C  CG  . ASN A 1 49  ? -5.875  -10.201 -9.638  1.00 29.08 ? 37  ASN A CG  1 
ATOM   294  O  OD1 . ASN A 1 49  ? -5.555  -10.317 -10.820 1.00 31.13 ? 37  ASN A OD1 1 
ATOM   295  N  ND2 . ASN A 1 49  ? -6.577  -11.127 -8.985  1.00 24.07 ? 37  ASN A ND2 1 
ATOM   296  N  N   . PHE A 1 50  ? -5.927  -6.693  -6.440  1.00 16.36 ? 38  PHE A N   1 
ATOM   297  C  CA  . PHE A 1 50  ? -5.181  -5.767  -5.580  1.00 15.83 ? 38  PHE A CA  1 
ATOM   298  C  C   . PHE A 1 50  ? -5.800  -5.526  -4.217  1.00 16.25 ? 38  PHE A C   1 
ATOM   299  O  O   . PHE A 1 50  ? -5.374  -4.642  -3.474  1.00 14.48 ? 38  PHE A O   1 
ATOM   300  C  CB  . PHE A 1 50  ? -4.925  -4.453  -6.327  1.00 13.81 ? 38  PHE A CB  1 
ATOM   301  C  CG  . PHE A 1 50  ? -3.941  -4.611  -7.455  1.00 15.68 ? 38  PHE A CG  1 
ATOM   302  C  CD1 . PHE A 1 50  ? -4.338  -5.176  -8.666  1.00 17.77 ? 38  PHE A CD1 1 
ATOM   303  C  CD2 . PHE A 1 50  ? -2.600  -4.294  -7.271  1.00 16.23 ? 38  PHE A CD2 1 
ATOM   304  C  CE1 . PHE A 1 50  ? -3.413  -5.421  -9.666  1.00 15.72 ? 38  PHE A CE1 1 
ATOM   305  C  CE2 . PHE A 1 50  ? -1.661  -4.541  -8.273  1.00 19.27 ? 38  PHE A CE2 1 
ATOM   306  C  CZ  . PHE A 1 50  ? -2.080  -5.109  -9.478  1.00 19.24 ? 38  PHE A CZ  1 
ATOM   307  N  N   . ARG A 1 51  ? -6.793  -6.339  -3.876  1.00 13.97 ? 39  ARG A N   1 
ATOM   308  C  CA  . ARG A 1 51  ? -7.427  -6.211  -2.557  1.00 14.80 ? 39  ARG A CA  1 
ATOM   309  C  C   . ARG A 1 51  ? -6.554  -7.116  -1.679  1.00 17.80 ? 39  ARG A C   1 
ATOM   310  O  O   . ARG A 1 51  ? -6.915  -8.265  -1.344  1.00 18.37 ? 39  ARG A O   1 
ATOM   311  C  CB  . ARG A 1 51  ? -8.870  -6.711  -2.620  1.00 14.22 ? 39  ARG A CB  1 
ATOM   312  C  CG  . ARG A 1 51  ? -9.681  -6.494  -1.333  1.00 18.44 ? 39  ARG A CG  1 
ATOM   313  C  CD  . ARG A 1 51  ? -11.114 -6.991  -1.584  1.00 21.46 ? 39  ARG A CD  1 
ATOM   314  N  NE  . ARG A 1 51  ? -12.043 -6.803  -0.466  1.00 24.37 ? 39  ARG A NE  1 
ATOM   315  C  CZ  . ARG A 1 51  ? -12.909 -5.794  -0.336  1.00 26.33 ? 39  ARG A CZ  1 
ATOM   316  N  NH1 . ARG A 1 51  ? -13.000 -4.810  -1.241  1.00 20.88 ? 39  ARG A NH1 1 
ATOM   317  N  NH2 . ARG A 1 51  ? -13.744 -5.801  0.697   1.00 30.02 ? 39  ARG A NH2 1 
ATOM   318  N  N   . LEU A 1 52  ? -5.384  -6.582  -1.334  1.00 17.06 ? 40  LEU A N   1 
ATOM   319  C  CA  . LEU A 1 52  ? -4.390  -7.311  -0.569  1.00 15.37 ? 40  LEU A CA  1 
ATOM   320  C  C   . LEU A 1 52  ? -4.225  -6.778  0.850   1.00 17.51 ? 40  LEU A C   1 
ATOM   321  O  O   . LEU A 1 52  ? -4.117  -5.569  1.083   1.00 16.17 ? 40  LEU A O   1 
ATOM   322  C  CB  . LEU A 1 52  ? -3.033  -7.275  -1.287  1.00 18.84 ? 40  LEU A CB  1 
ATOM   323  C  CG  . LEU A 1 52  ? -2.993  -7.892  -2.696  1.00 24.16 ? 40  LEU A CG  1 
ATOM   324  C  CD1 . LEU A 1 52  ? -1.563  -7.899  -3.191  1.00 25.96 ? 40  LEU A CD1 1 
ATOM   325  C  CD2 . LEU A 1 52  ? -3.550  -9.314  -2.679  1.00 24.66 ? 40  LEU A CD2 1 
ATOM   326  N  N   . PHE A 1 53  ? -4.198  -7.715  1.796   1.00 15.46 ? 41  PHE A N   1 
ATOM   327  C  CA  . PHE A 1 53  ? -4.069  -7.383  3.212   1.00 15.63 ? 41  PHE A CA  1 
ATOM   328  C  C   . PHE A 1 53  ? -2.628  -7.573  3.661   1.00 16.02 ? 41  PHE A C   1 
ATOM   329  O  O   . PHE A 1 53  ? -2.138  -8.698  3.797   1.00 15.82 ? 41  PHE A O   1 
ATOM   330  C  CB  . PHE A 1 53  ? -5.020  -8.263  4.024   1.00 15.18 ? 41  PHE A CB  1 
ATOM   331  C  CG  . PHE A 1 53  ? -6.465  -8.033  3.678   1.00 17.42 ? 41  PHE A CG  1 
ATOM   332  C  CD1 . PHE A 1 53  ? -7.078  -8.769  2.661   1.00 18.88 ? 41  PHE A CD1 1 
ATOM   333  C  CD2 . PHE A 1 53  ? -7.183  -7.030  4.306   1.00 16.76 ? 41  PHE A CD2 1 
ATOM   334  C  CE1 . PHE A 1 53  ? -8.397  -8.494  2.272   1.00 21.45 ? 41  PHE A CE1 1 
ATOM   335  C  CE2 . PHE A 1 53  ? -8.497  -6.748  3.923   1.00 21.55 ? 41  PHE A CE2 1 
ATOM   336  C  CZ  . PHE A 1 53  ? -9.098  -7.489  2.901   1.00 19.70 ? 41  PHE A CZ  1 
ATOM   337  N  N   . LEU A 1 54  ? -1.935  -6.459  3.867   1.00 14.16 ? 42  LEU A N   1 
ATOM   338  C  CA  . LEU A 1 54  ? -0.539  -6.509  4.274   1.00 14.65 ? 42  LEU A CA  1 
ATOM   339  C  C   . LEU A 1 54  ? -0.422  -7.032  5.709   1.00 14.98 ? 42  LEU A C   1 
ATOM   340  O  O   . LEU A 1 54  ? -1.286  -6.785  6.567   1.00 16.73 ? 42  LEU A O   1 
ATOM   341  C  CB  . LEU A 1 54  ? 0.077   -5.109  4.175   1.00 14.16 ? 42  LEU A CB  1 
ATOM   342  C  CG  . LEU A 1 54  ? 1.582   -4.973  4.439   1.00 11.63 ? 42  LEU A CG  1 
ATOM   343  C  CD1 . LEU A 1 54  ? 2.343   -5.782  3.372   1.00 15.56 ? 42  LEU A CD1 1 
ATOM   344  C  CD2 . LEU A 1 54  ? 2.008   -3.494  4.379   1.00 12.63 ? 42  LEU A CD2 1 
ATOM   345  N  N   . GLU A 1 55  ? 0.658   -7.768  5.962   1.00 14.18 ? 43  GLU A N   1 
ATOM   346  C  CA  . GLU A 1 55  ? 0.906   -8.315  7.291   1.00 14.81 ? 43  GLU A CA  1 
ATOM   347  C  C   . GLU A 1 55  ? 2.246   -7.829  7.836   1.00 15.58 ? 43  GLU A C   1 
ATOM   348  O  O   . GLU A 1 55  ? 2.377   -7.528  9.036   1.00 16.22 ? 43  GLU A O   1 
ATOM   349  C  CB  . GLU A 1 55  ? 0.916   -9.839  7.239   1.00 17.23 ? 43  GLU A CB  1 
ATOM   350  C  CG  . GLU A 1 55  ? -0.435  -10.405 6.864   1.00 21.33 ? 43  GLU A CG  1 
ATOM   351  C  CD  . GLU A 1 55  ? -0.385  -11.883 6.578   1.00 30.44 ? 43  GLU A CD  1 
ATOM   352  O  OE1 . GLU A 1 55  ? 0.687   -12.498 6.769   1.00 34.06 ? 43  GLU A OE1 1 
ATOM   353  O  OE2 . GLU A 1 55  ? -1.425  -12.422 6.160   1.00 32.75 ? 43  GLU A OE2 1 
ATOM   354  N  N   . GLN A 1 56  ? 3.249   -7.758  6.966   1.00 14.39 ? 44  GLN A N   1 
ATOM   355  C  CA  . GLN A 1 56  ? 4.541   -7.290  7.430   1.00 15.86 ? 44  GLN A CA  1 
ATOM   356  C  C   . GLN A 1 56  ? 5.447   -6.878  6.301   1.00 16.41 ? 44  GLN A C   1 
ATOM   357  O  O   . GLN A 1 56  ? 5.269   -7.302  5.156   1.00 18.81 ? 44  GLN A O   1 
ATOM   358  C  CB  . GLN A 1 56  ? 5.236   -8.352  8.274   1.00 28.00 ? 44  GLN A CB  1 
ATOM   359  C  CG  . GLN A 1 56  ? 5.627   -9.600  7.572   1.00 36.93 ? 44  GLN A CG  1 
ATOM   360  C  CD  . GLN A 1 56  ? 6.333   -10.546 8.525   1.00 49.21 ? 44  GLN A CD  1 
ATOM   361  O  OE1 . GLN A 1 56  ? 7.382   -10.211 9.081   1.00 52.54 ? 44  GLN A OE1 1 
ATOM   362  N  NE2 . GLN A 1 56  ? 5.758   -11.728 8.732   1.00 52.19 ? 44  GLN A NE2 1 
ATOM   363  N  N   . ILE A 1 57  ? 6.378   -5.995  6.618   1.00 14.55 ? 45  ILE A N   1 
ATOM   364  C  CA  . ILE A 1 57  ? 7.357   -5.539  5.647   1.00 13.49 ? 45  ILE A CA  1 
ATOM   365  C  C   . ILE A 1 57  ? 8.710   -5.929  6.224   1.00 17.29 ? 45  ILE A C   1 
ATOM   366  O  O   . ILE A 1 57  ? 8.996   -5.632  7.380   1.00 17.09 ? 45  ILE A O   1 
ATOM   367  C  CB  . ILE A 1 57  ? 7.341   -4.004  5.479   1.00 13.49 ? 45  ILE A CB  1 
ATOM   368  C  CG1 . ILE A 1 57  ? 6.000   -3.558  4.864   1.00 15.15 ? 45  ILE A CG1 1 
ATOM   369  C  CG2 . ILE A 1 57  ? 8.506   -3.576  4.525   1.00 17.45 ? 45  ILE A CG2 1 
ATOM   370  C  CD1 . ILE A 1 57  ? 5.893   -2.047  4.662   1.00 14.03 ? 45  ILE A CD1 1 
ATOM   371  N  N   . HIS A 1 58  ? 9.541   -6.620  5.456   1.00 17.12 ? 46  HIS A N   1 
ATOM   372  C  CA  . HIS A 1 58  ? 10.870  -6.942  5.949   1.00 22.49 ? 46  HIS A CA  1 
ATOM   373  C  C   . HIS A 1 58  ? 11.856  -6.135  5.108   1.00 22.02 ? 46  HIS A C   1 
ATOM   374  O  O   . HIS A 1 58  ? 11.959  -6.342  3.891   1.00 21.31 ? 46  HIS A O   1 
ATOM   375  C  CB  . HIS A 1 58  ? 11.143  -8.436  5.800   1.00 28.03 ? 46  HIS A CB  1 
ATOM   376  C  CG  . HIS A 1 58  ? 12.179  -8.950  6.749   1.00 43.60 ? 46  HIS A CG  1 
ATOM   377  N  ND1 . HIS A 1 58  ? 11.986  -8.981  8.116   1.00 48.75 ? 46  HIS A ND1 1 
ATOM   378  C  CD2 . HIS A 1 58  ? 13.424  -9.441  6.533   1.00 48.70 ? 46  HIS A CD2 1 
ATOM   379  C  CE1 . HIS A 1 58  ? 13.065  -9.473  8.698   1.00 43.50 ? 46  HIS A CE1 1 
ATOM   380  N  NE2 . HIS A 1 58  ? 13.952  -9.760  7.762   1.00 50.09 ? 46  HIS A NE2 1 
ATOM   381  N  N   . VAL A 1 59  ? 12.558  -5.191  5.737   1.00 17.73 ? 47  VAL A N   1 
ATOM   382  C  CA  . VAL A 1 59  ? 13.512  -4.363  5.033   1.00 19.64 ? 47  VAL A CA  1 
ATOM   383  C  C   . VAL A 1 59  ? 14.855  -5.049  4.857   1.00 24.99 ? 47  VAL A C   1 
ATOM   384  O  O   . VAL A 1 59  ? 15.443  -5.554  5.814   1.00 24.45 ? 47  VAL A O   1 
ATOM   385  C  CB  . VAL A 1 59  ? 13.715  -3.012  5.753   1.00 20.75 ? 47  VAL A CB  1 
ATOM   386  C  CG1 . VAL A 1 59  ? 14.735  -2.157  5.019   1.00 23.44 ? 47  VAL A CG1 1 
ATOM   387  C  CG2 . VAL A 1 59  ? 12.374  -2.251  5.828   1.00 19.35 ? 47  VAL A CG2 1 
ATOM   388  N  N   . LEU A 1 60  ? 15.312  -5.092  3.610   1.00 24.76 ? 48  LEU A N   1 
ATOM   389  C  CA  . LEU A 1 60  ? 16.619  -5.681  3.276   1.00 26.69 ? 48  LEU A CA  1 
ATOM   390  C  C   . LEU A 1 60  ? 17.444  -4.574  2.629   1.00 28.03 ? 48  LEU A C   1 
ATOM   391  O  O   . LEU A 1 60  ? 16.921  -3.494  2.359   1.00 27.75 ? 48  LEU A O   1 
ATOM   392  C  CB  . LEU A 1 60  ? 16.447  -6.871  2.318   1.00 22.66 ? 48  LEU A CB  1 
ATOM   393  C  CG  . LEU A 1 60  ? 15.674  -8.090  2.830   1.00 30.55 ? 48  LEU A CG  1 
ATOM   394  C  CD1 . LEU A 1 60  ? 15.677  -9.183  1.767   1.00 32.06 ? 48  LEU A CD1 1 
ATOM   395  C  CD2 . LEU A 1 60  ? 16.298  -8.619  4.120   1.00 34.29 ? 48  LEU A CD2 1 
ATOM   396  N  N   . GLU A 1 61  ? 18.729  -4.832  2.376   1.00 30.42 ? 49  GLU A N   1 
ATOM   397  C  CA  . GLU A 1 61  ? 19.615  -3.825  1.785   1.00 34.13 ? 49  GLU A CA  1 
ATOM   398  C  C   . GLU A 1 61  ? 19.082  -3.082  0.558   1.00 28.51 ? 49  GLU A C   1 
ATOM   399  O  O   . GLU A 1 61  ? 19.156  -1.856  0.488   1.00 32.38 ? 49  GLU A O   1 
ATOM   400  C  CB  . GLU A 1 61  ? 20.969  -4.448  1.402   1.00 42.98 ? 49  GLU A CB  1 
ATOM   401  C  CG  . GLU A 1 61  ? 21.840  -4.901  2.568   1.00 55.96 ? 49  GLU A CG  1 
ATOM   402  C  CD  . GLU A 1 61  ? 23.257  -5.266  2.123   1.00 63.64 ? 49  GLU A CD  1 
ATOM   403  O  OE1 . GLU A 1 61  ? 24.075  -5.682  2.976   1.00 68.30 ? 49  GLU A OE1 1 
ATOM   404  O  OE2 . GLU A 1 61  ? 23.555  -5.133  0.916   1.00 64.84 ? 49  GLU A OE2 1 
ATOM   405  N  N   . LYS A 1 62  ? 18.573  -3.815  -0.424  1.00 30.35 ? 50  LYS A N   1 
ATOM   406  C  CA  . LYS A 1 62  ? 18.070  -3.166  -1.631  1.00 31.56 ? 50  LYS A CA  1 
ATOM   407  C  C   . LYS A 1 62  ? 16.710  -3.688  -2.060  1.00 30.45 ? 50  LYS A C   1 
ATOM   408  O  O   . LYS A 1 62  ? 16.366  -3.676  -3.249  1.00 28.23 ? 50  LYS A O   1 
ATOM   409  C  CB  . LYS A 1 62  ? 19.080  -3.318  -2.783  1.00 38.84 ? 50  LYS A CB  1 
ATOM   410  C  CG  . LYS A 1 62  ? 20.374  -2.535  -2.558  1.00 46.88 ? 50  LYS A CG  1 
ATOM   411  C  CD  . LYS A 1 62  ? 21.207  -2.406  -3.824  1.00 53.40 ? 50  LYS A CD  1 
ATOM   412  C  CE  . LYS A 1 62  ? 22.277  -1.331  -3.647  1.00 56.46 ? 50  LYS A CE  1 
ATOM   413  N  NZ  . LYS A 1 62  ? 22.982  -0.988  -4.921  1.00 57.54 ? 50  LYS A NZ  1 
ATOM   414  N  N   . SER A 1 63  ? 15.926  -4.146  -1.092  1.00 22.91 ? 51  SER A N   1 
ATOM   415  C  CA  . SER A 1 63  ? 14.608  -4.653  -1.412  1.00 24.57 ? 51  SER A CA  1 
ATOM   416  C  C   . SER A 1 63  ? 13.749  -4.665  -0.173  1.00 22.68 ? 51  SER A C   1 
ATOM   417  O  O   . SER A 1 63  ? 14.232  -4.378  0.923   1.00 21.45 ? 51  SER A O   1 
ATOM   418  C  CB  . SER A 1 63  ? 14.705  -6.070  -1.979  1.00 27.86 ? 51  SER A CB  1 
ATOM   419  O  OG  . SER A 1 63  ? 15.287  -6.950  -1.040  1.00 27.98 ? 51  SER A OG  1 
ATOM   420  N  N   . LEU A 1 64  ? 12.466  -4.958  -0.376  1.00 18.46 ? 52  LEU A N   1 
ATOM   421  C  CA  . LEU A 1 64  ? 11.502  -5.078  0.713   1.00 18.72 ? 52  LEU A CA  1 
ATOM   422  C  C   . LEU A 1 64  ? 10.779  -6.389  0.464   1.00 20.02 ? 52  LEU A C   1 
ATOM   423  O  O   . LEU A 1 64  ? 10.399  -6.675  -0.673  1.00 20.18 ? 52  LEU A O   1 
ATOM   424  C  CB  . LEU A 1 64  ? 10.458  -3.942  0.688   1.00 15.41 ? 52  LEU A CB  1 
ATOM   425  C  CG  . LEU A 1 64  ? 10.917  -2.488  0.761   1.00 17.42 ? 52  LEU A CG  1 
ATOM   426  C  CD1 . LEU A 1 64  ? 9.703   -1.566  0.541   1.00 20.41 ? 52  LEU A CD1 1 
ATOM   427  C  CD2 . LEU A 1 64  ? 11.571  -2.196  2.119   1.00 17.24 ? 52  LEU A CD2 1 
ATOM   428  N  N   . VAL A 1 65  ? 10.615  -7.210  1.497   1.00 17.47 ? 53  VAL A N   1 
ATOM   429  C  CA  . VAL A 1 65  ? 9.862   -8.439  1.316   1.00 19.42 ? 53  VAL A CA  1 
ATOM   430  C  C   . VAL A 1 65  ? 8.494   -8.136  1.937   1.00 18.79 ? 53  VAL A C   1 
ATOM   431  O  O   . VAL A 1 65  ? 8.390   -7.804  3.127   1.00 21.08 ? 53  VAL A O   1 
ATOM   432  C  CB  . VAL A 1 65  ? 10.513  -9.638  2.021   1.00 20.72 ? 53  VAL A CB  1 
ATOM   433  C  CG1 . VAL A 1 65  ? 9.626   -10.860 1.851   1.00 24.42 ? 53  VAL A CG1 1 
ATOM   434  C  CG2 . VAL A 1 65  ? 11.906  -9.888  1.423   1.00 24.93 ? 53  VAL A CG2 1 
ATOM   435  N  N   . LEU A 1 66  ? 7.455   -8.254  1.124   1.00 17.24 ? 54  LEU A N   1 
ATOM   436  C  CA  . LEU A 1 66  ? 6.095   -7.943  1.554   1.00 15.96 ? 54  LEU A CA  1 
ATOM   437  C  C   . LEU A 1 66  ? 5.277   -9.199  1.763   1.00 17.64 ? 54  LEU A C   1 
ATOM   438  O  O   . LEU A 1 66  ? 5.193   -10.042 0.870   1.00 20.28 ? 54  LEU A O   1 
ATOM   439  C  CB  . LEU A 1 66  ? 5.435   -7.065  0.487   1.00 14.59 ? 54  LEU A CB  1 
ATOM   440  C  CG  . LEU A 1 66  ? 6.243   -5.852  0.004   1.00 15.43 ? 54  LEU A CG  1 
ATOM   441  C  CD1 . LEU A 1 66  ? 5.486   -5.190  -1.151  1.00 18.49 ? 54  LEU A CD1 1 
ATOM   442  C  CD2 . LEU A 1 66  ? 6.468   -4.874  1.165   1.00 19.08 ? 54  LEU A CD2 1 
ATOM   443  N  N   . LYS A 1 67  ? 4.686   -9.342  2.947   1.00 15.28 ? 55  LYS A N   1 
ATOM   444  C  CA  . LYS A 1 67  ? 3.853   -10.507 3.230   1.00 17.26 ? 55  LYS A CA  1 
ATOM   445  C  C   . LYS A 1 67  ? 2.411   -10.047 3.285   1.00 17.31 ? 55  LYS A C   1 
ATOM   446  O  O   . LYS A 1 67  ? 2.067   -9.121  4.044   1.00 16.82 ? 55  LYS A O   1 
ATOM   447  C  CB  . LYS A 1 67  ? 4.259   -11.159 4.556   1.00 23.16 ? 55  LYS A CB  1 
ATOM   448  C  CG  . LYS A 1 67  ? 5.675   -11.718 4.523   1.00 37.36 ? 55  LYS A CG  1 
ATOM   449  C  CD  . LYS A 1 67  ? 5.969   -12.572 5.750   1.00 46.19 ? 55  LYS A CD  1 
ATOM   450  C  CE  . LYS A 1 67  ? 7.375   -13.168 5.683   1.00 53.28 ? 55  LYS A CE  1 
ATOM   451  N  NZ  . LYS A 1 67  ? 7.657   -14.068 6.849   1.00 55.31 ? 55  LYS A NZ  1 
ATOM   452  N  N   . PHE A 1 68  ? 1.579   -10.669 2.454   1.00 18.00 ? 56  PHE A N   1 
ATOM   453  C  CA  . PHE A 1 68  ? 0.163   -10.338 2.375   1.00 18.02 ? 56  PHE A CA  1 
ATOM   454  C  C   . PHE A 1 68  ? -0.677  -11.587 2.470   1.00 22.67 ? 56  PHE A C   1 
ATOM   455  O  O   . PHE A 1 68  ? -0.171  -12.708 2.500   1.00 23.26 ? 56  PHE A O   1 
ATOM   456  C  CB  . PHE A 1 68  ? -0.238  -9.784  0.989   1.00 19.69 ? 56  PHE A CB  1 
ATOM   457  C  CG  . PHE A 1 68  ? 0.448   -8.528  0.578   1.00 16.06 ? 56  PHE A CG  1 
ATOM   458  C  CD1 . PHE A 1 68  ? 1.598   -8.580  -0.190  1.00 17.15 ? 56  PHE A CD1 1 
ATOM   459  C  CD2 . PHE A 1 68  ? -0.128  -7.286  0.839   1.00 20.12 ? 56  PHE A CD2 1 
ATOM   460  C  CE1 . PHE A 1 68  ? 2.168   -7.408  -0.711  1.00 17.79 ? 56  PHE A CE1 1 
ATOM   461  C  CE2 . PHE A 1 68  ? 0.439   -6.101  0.322   1.00 17.37 ? 56  PHE A CE2 1 
ATOM   462  C  CZ  . PHE A 1 68  ? 1.586   -6.173  -0.456  1.00 18.49 ? 56  PHE A CZ  1 
ATOM   463  N  N   . HIS A 1 69  ? -1.981  -11.367 2.512   1.00 23.36 ? 57  HIS A N   1 
ATOM   464  C  CA  . HIS A 1 69  ? -2.904  -12.478 2.364   1.00 24.81 ? 57  HIS A CA  1 
ATOM   465  C  C   . HIS A 1 69  ? -4.050  -11.925 1.523   1.00 26.46 ? 57  HIS A C   1 
ATOM   466  O  O   . HIS A 1 69  ? -4.293  -10.708 1.490   1.00 21.67 ? 57  HIS A O   1 
ATOM   467  C  CB  . HIS A 1 69  ? -3.387  -13.090 3.695   1.00 23.10 ? 57  HIS A CB  1 
ATOM   468  C  CG  . HIS A 1 69  ? -4.265  -12.207 4.519   1.00 24.53 ? 57  HIS A CG  1 
ATOM   469  N  ND1 . HIS A 1 69  ? -3.811  -11.557 5.644   1.00 25.39 ? 57  HIS A ND1 1 
ATOM   470  C  CD2 . HIS A 1 69  ? -5.587  -11.918 4.426   1.00 25.87 ? 57  HIS A CD2 1 
ATOM   471  C  CE1 . HIS A 1 69  ? -4.811  -10.913 6.217   1.00 23.68 ? 57  HIS A CE1 1 
ATOM   472  N  NE2 . HIS A 1 69  ? -5.902  -11.118 5.499   1.00 24.83 ? 57  HIS A NE2 1 
ATOM   473  N  N   . THR A 1 70  ? -4.692  -12.811 0.773   1.00 27.71 ? 58  THR A N   1 
ATOM   474  C  CA  . THR A 1 70  ? -5.841  -12.449 -0.038  1.00 30.00 ? 58  THR A CA  1 
ATOM   475  C  C   . THR A 1 70  ? -7.019  -13.181 0.606   1.00 31.60 ? 58  THR A C   1 
ATOM   476  O  O   . THR A 1 70  ? -6.820  -14.084 1.429   1.00 28.82 ? 58  THR A O   1 
ATOM   477  C  CB  . THR A 1 70  ? -5.691  -12.947 -1.486  1.00 34.65 ? 58  THR A CB  1 
ATOM   478  O  OG1 . THR A 1 70  ? -5.516  -14.377 -1.485  1.00 36.25 ? 58  THR A OG1 1 
ATOM   479  C  CG2 . THR A 1 70  ? -4.488  -12.304 -2.145  1.00 40.71 ? 58  THR A CG2 1 
ATOM   480  N  N   . VAL A 1 71  ? -8.232  -12.780 0.241   1.00 33.34 ? 59  VAL A N   1 
ATOM   481  C  CA  . VAL A 1 71  ? -9.447  -13.395 0.763   1.00 37.20 ? 59  VAL A CA  1 
ATOM   482  C  C   . VAL A 1 71  ? -10.350 -13.779 -0.401  1.00 42.64 ? 59  VAL A C   1 
ATOM   483  O  O   . VAL A 1 71  ? -10.448 -13.053 -1.393  1.00 41.82 ? 59  VAL A O   1 
ATOM   484  C  CB  . VAL A 1 71  ? -10.236 -12.430 1.685   1.00 36.05 ? 59  VAL A CB  1 
ATOM   485  C  CG1 . VAL A 1 71  ? -11.562 -13.062 2.106   1.00 39.75 ? 59  VAL A CG1 1 
ATOM   486  C  CG2 . VAL A 1 71  ? -9.427  -12.100 2.919   1.00 34.59 ? 59  VAL A CG2 1 
ATOM   487  N  N   . ARG A 1 72  ? -10.992 -14.934 -0.281  1.00 50.01 ? 60  ARG A N   1 
ATOM   488  C  CA  . ARG A 1 72  ? -11.914 -15.415 -1.299  1.00 58.70 ? 60  ARG A CA  1 
ATOM   489  C  C   . ARG A 1 72  ? -12.871 -16.407 -0.656  1.00 61.64 ? 60  ARG A C   1 
ATOM   490  O  O   . ARG A 1 72  ? -12.446 -17.368 -0.010  1.00 61.12 ? 60  ARG A O   1 
ATOM   491  C  CB  . ARG A 1 72  ? -11.155 -16.053 -2.472  1.00 63.58 ? 60  ARG A CB  1 
ATOM   492  C  CG  . ARG A 1 72  ? -10.070 -17.051 -2.093  1.00 72.07 ? 60  ARG A CG  1 
ATOM   493  C  CD  . ARG A 1 72  ? -10.639 -18.401 -1.684  1.00 80.60 ? 60  ARG A CD  1 
ATOM   494  N  NE  . ARG A 1 72  ? -11.414 -19.027 -2.754  1.00 86.75 ? 60  ARG A NE  1 
ATOM   495  C  CZ  . ARG A 1 72  ? -12.108 -20.151 -2.614  1.00 89.49 ? 60  ARG A CZ  1 
ATOM   496  N  NH1 . ARG A 1 72  ? -12.129 -20.778 -1.444  1.00 90.26 ? 60  ARG A NH1 1 
ATOM   497  N  NH2 . ARG A 1 72  ? -12.780 -20.652 -3.642  1.00 91.12 ? 60  ARG A NH2 1 
ATOM   498  N  N   . ASP A 1 73  ? -14.165 -16.155 -0.811  1.00 64.43 ? 61  ASP A N   1 
ATOM   499  C  CA  . ASP A 1 73  ? -15.174 -17.026 -0.229  1.00 67.36 ? 61  ASP A CA  1 
ATOM   500  C  C   . ASP A 1 73  ? -14.845 -17.253 1.243   1.00 67.64 ? 61  ASP A C   1 
ATOM   501  O  O   . ASP A 1 73  ? -14.954 -18.368 1.753   1.00 69.34 ? 61  ASP A O   1 
ATOM   502  C  CB  . ASP A 1 73  ? -15.216 -18.361 -0.984  1.00 71.48 ? 61  ASP A CB  1 
ATOM   503  C  CG  . ASP A 1 73  ? -15.743 -18.215 -2.406  1.00 74.09 ? 61  ASP A CG  1 
ATOM   504  O  OD1 . ASP A 1 73  ? -15.210 -17.377 -3.167  1.00 76.71 ? 61  ASP A OD1 1 
ATOM   505  O  OD2 . ASP A 1 73  ? -16.692 -18.942 -2.766  1.00 76.80 ? 61  ASP A OD2 1 
ATOM   506  N  N   . GLU A 1 74  ? -14.426 -16.181 1.909   1.00 66.20 ? 62  GLU A N   1 
ATOM   507  C  CA  . GLU A 1 74  ? -14.081 -16.223 3.328   1.00 64.68 ? 62  GLU A CA  1 
ATOM   508  C  C   . GLU A 1 74  ? -12.870 -17.094 3.654   1.00 61.93 ? 62  GLU A C   1 
ATOM   509  O  O   . GLU A 1 74  ? -12.718 -17.552 4.788   1.00 61.73 ? 62  GLU A O   1 
ATOM   510  C  CB  . GLU A 1 74  ? -15.285 -16.695 4.145   1.00 68.47 ? 62  GLU A CB  1 
ATOM   511  C  CG  . GLU A 1 74  ? -16.477 -15.753 4.084   1.00 74.42 ? 62  GLU A CG  1 
ATOM   512  C  CD  . GLU A 1 74  ? -17.617 -16.199 4.977   1.00 77.84 ? 62  GLU A CD  1 
ATOM   513  O  OE1 . GLU A 1 74  ? -17.386 -16.381 6.192   1.00 79.67 ? 62  GLU A OE1 1 
ATOM   514  O  OE2 . GLU A 1 74  ? -18.745 -16.364 4.466   1.00 79.94 ? 62  GLU A OE2 1 
ATOM   515  N  N   . GLU A 1 75  ? -12.003 -17.314 2.670   1.00 57.22 ? 63  GLU A N   1 
ATOM   516  C  CA  . GLU A 1 75  ? -10.812 -18.129 2.883   1.00 55.26 ? 63  GLU A CA  1 
ATOM   517  C  C   . GLU A 1 75  ? -9.537  -17.342 2.585   1.00 50.96 ? 63  GLU A C   1 
ATOM   518  O  O   . GLU A 1 75  ? -9.366  -16.812 1.489   1.00 49.37 ? 63  GLU A O   1 
ATOM   519  C  CB  . GLU A 1 75  ? -10.870 -19.380 2.003   1.00 60.43 ? 63  GLU A CB  1 
ATOM   520  C  CG  . GLU A 1 75  ? -9.661  -20.291 2.124   1.00 65.94 ? 63  GLU A CG  1 
ATOM   521  C  CD  . GLU A 1 75  ? -9.756  -21.503 1.209   1.00 71.45 ? 63  GLU A CD  1 
ATOM   522  O  OE1 . GLU A 1 75  ? -10.680 -22.323 1.404   1.00 73.37 ? 63  GLU A OE1 1 
ATOM   523  O  OE2 . GLU A 1 75  ? -8.910  -21.631 0.295   1.00 73.30 ? 63  GLU A OE2 1 
ATOM   524  N  N   . CYS A 1 76  ? -8.644  -17.273 3.567   1.00 46.19 ? 64  CYS A N   1 
ATOM   525  C  CA  . CYS A 1 76  ? -7.391  -16.548 3.406   1.00 42.20 ? 64  CYS A CA  1 
ATOM   526  C  C   . CYS A 1 76  ? -6.324  -17.365 2.701   1.00 41.12 ? 64  CYS A C   1 
ATOM   527  O  O   . CYS A 1 76  ? -6.275  -18.589 2.822   1.00 40.65 ? 64  CYS A O   1 
ATOM   528  C  CB  . CYS A 1 76  ? -6.869  -16.085 4.769   1.00 41.47 ? 64  CYS A CB  1 
ATOM   529  S  SG  . CYS A 1 76  ? -7.728  -14.603 5.394   1.00 42.07 ? 64  CYS A SG  1 
ATOM   530  N  N   . SER A 1 77  ? -5.475  -16.671 1.954   1.00 37.74 ? 65  SER A N   1 
ATOM   531  C  CA  . SER A 1 77  ? -4.381  -17.298 1.226   1.00 36.59 ? 65  SER A CA  1 
ATOM   532  C  C   . SER A 1 77  ? -3.176  -16.380 1.341   1.00 36.48 ? 65  SER A C   1 
ATOM   533  O  O   . SER A 1 77  ? -3.262  -15.190 1.040   1.00 37.20 ? 65  SER A O   1 
ATOM   534  C  CB  . SER A 1 77  ? -4.754  -17.487 -0.246  1.00 41.40 ? 65  SER A CB  1 
ATOM   535  O  OG  . SER A 1 77  ? -3.648  -17.958 -0.995  1.00 46.79 ? 65  SER A OG  1 
ATOM   536  N  N   . GLU A 1 78  ? -2.055  -16.927 1.789   1.00 33.23 ? 66  GLU A N   1 
ATOM   537  C  CA  . GLU A 1 78  ? -0.849  -16.133 1.944   1.00 35.27 ? 66  GLU A CA  1 
ATOM   538  C  C   . GLU A 1 78  ? -0.105  -15.875 0.637   1.00 35.35 ? 66  GLU A C   1 
ATOM   539  O  O   . GLU A 1 78  ? -0.153  -16.678 -0.305  1.00 34.84 ? 66  GLU A O   1 
ATOM   540  C  CB  . GLU A 1 78  ? 0.115   -16.825 2.912   1.00 37.14 ? 66  GLU A CB  1 
ATOM   541  C  CG  . GLU A 1 78  ? -0.342  -16.885 4.360   1.00 45.45 ? 66  GLU A CG  1 
ATOM   542  C  CD  . GLU A 1 78  ? -0.434  -15.511 5.008   1.00 51.59 ? 66  GLU A CD  1 
ATOM   543  O  OE1 . GLU A 1 78  ? -1.416  -14.794 4.737   1.00 55.48 ? 66  GLU A OE1 1 
ATOM   544  O  OE2 . GLU A 1 78  ? 0.476   -15.145 5.787   1.00 53.35 ? 66  GLU A OE2 1 
ATOM   545  N  N   . LEU A 1 79  ? 0.582   -14.744 0.574   1.00 31.93 ? 67  LEU A N   1 
ATOM   546  C  CA  . LEU A 1 79  ? 1.399   -14.436 -0.586  1.00 30.46 ? 67  LEU A CA  1 
ATOM   547  C  C   . LEU A 1 79  ? 2.514   -13.495 -0.186  1.00 32.23 ? 67  LEU A C   1 
ATOM   548  O  O   . LEU A 1 79  ? 2.319   -12.580 0.615   1.00 32.99 ? 67  LEU A O   1 
ATOM   549  C  CB  . LEU A 1 79  ? 0.582   -13.866 -1.749  1.00 36.57 ? 67  LEU A CB  1 
ATOM   550  C  CG  . LEU A 1 79  ? -0.358  -12.672 -1.666  1.00 41.56 ? 67  LEU A CG  1 
ATOM   551  C  CD1 . LEU A 1 79  ? -0.847  -12.347 -3.078  1.00 43.30 ? 67  LEU A CD1 1 
ATOM   552  C  CD2 . LEU A 1 79  ? -1.529  -12.987 -0.751  1.00 41.61 ? 67  LEU A CD2 1 
ATOM   553  N  N   . SER A 1 80  ? 3.706   -13.770 -0.702  1.00 27.86 ? 68  SER A N   1 
ATOM   554  C  CA  . SER A 1 80  ? 4.882   -12.960 -0.422  1.00 28.67 ? 68  SER A CA  1 
ATOM   555  C  C   . SER A 1 80  ? 5.394   -12.438 -1.744  1.00 29.43 ? 68  SER A C   1 
ATOM   556  O  O   . SER A 1 80  ? 5.328   -13.131 -2.762  1.00 30.21 ? 68  SER A O   1 
ATOM   557  C  CB  . SER A 1 80  ? 5.991   -13.784 0.244   1.00 28.92 ? 68  SER A CB  1 
ATOM   558  O  OG  . SER A 1 80  ? 5.550   -14.332 1.472   1.00 45.38 ? 68  SER A OG  1 
ATOM   559  N  N   . MET A 1 81  ? 5.894   -11.212 -1.721  1.00 23.47 ? 69  MET A N   1 
ATOM   560  C  CA  . MET A 1 81  ? 6.437   -10.569 -2.911  1.00 24.71 ? 69  MET A CA  1 
ATOM   561  C  C   . MET A 1 81  ? 7.716   -9.874  -2.531  1.00 23.10 ? 69  MET A C   1 
ATOM   562  O  O   . MET A 1 81  ? 7.872   -9.438  -1.396  1.00 22.45 ? 69  MET A O   1 
ATOM   563  C  CB  . MET A 1 81  ? 5.493   -9.481  -3.421  1.00 27.48 ? 69  MET A CB  1 
ATOM   564  C  CG  . MET A 1 81  ? 4.274   -9.943  -4.113  1.00 34.60 ? 69  MET A CG  1 
ATOM   565  S  SD  . MET A 1 81  ? 3.285   -8.461  -4.417  1.00 33.84 ? 69  MET A SD  1 
ATOM   566  C  CE  . MET A 1 81  ? 1.703   -9.078  -3.903  1.00 31.51 ? 69  MET A CE  1 
ATOM   567  N  N   . VAL A 1 82  ? 8.618   -9.728  -3.490  1.00 20.42 ? 70  VAL A N   1 
ATOM   568  C  CA  . VAL A 1 82  ? 9.857   -9.019  -3.246  1.00 20.62 ? 70  VAL A CA  1 
ATOM   569  C  C   . VAL A 1 82  ? 9.845   -7.748  -4.070  1.00 19.32 ? 70  VAL A C   1 
ATOM   570  O  O   . VAL A 1 82  ? 9.710   -7.809  -5.295  1.00 24.03 ? 70  VAL A O   1 
ATOM   571  C  CB  . VAL A 1 82  ? 11.102  -9.837  -3.667  1.00 22.92 ? 70  VAL A CB  1 
ATOM   572  C  CG1 . VAL A 1 82  ? 12.351  -9.015  -3.392  1.00 24.33 ? 70  VAL A CG1 1 
ATOM   573  C  CG2 . VAL A 1 82  ? 11.144  -11.151 -2.920  1.00 27.21 ? 70  VAL A CG2 1 
ATOM   574  N  N   . ALA A 1 83  ? 9.998   -6.594  -3.418  1.00 17.29 ? 71  ALA A N   1 
ATOM   575  C  CA  . ALA A 1 83  ? 10.018  -5.323  -4.138  1.00 17.71 ? 71  ALA A CA  1 
ATOM   576  C  C   . ALA A 1 83  ? 11.460  -4.825  -4.180  1.00 17.85 ? 71  ALA A C   1 
ATOM   577  O  O   . ALA A 1 83  ? 12.116  -4.652  -3.143  1.00 19.16 ? 71  ALA A O   1 
ATOM   578  C  CB  . ALA A 1 83  ? 9.100   -4.295  -3.431  1.00 15.88 ? 71  ALA A CB  1 
ATOM   579  N  N   . ASP A 1 84  ? 11.966  -4.597  -5.386  1.00 17.85 ? 72  ASP A N   1 
ATOM   580  C  CA  . ASP A 1 84  ? 13.338  -4.150  -5.558  1.00 19.70 ? 72  ASP A CA  1 
ATOM   581  C  C   . ASP A 1 84  ? 13.474  -2.636  -5.715  1.00 20.07 ? 72  ASP A C   1 
ATOM   582  O  O   . ASP A 1 84  ? 12.632  -1.986  -6.321  1.00 20.23 ? 72  ASP A O   1 
ATOM   583  C  CB  . ASP A 1 84  ? 13.944  -4.838  -6.800  1.00 20.42 ? 72  ASP A CB  1 
ATOM   584  C  CG  . ASP A 1 84  ? 14.092  -6.326  -6.617  1.00 28.11 ? 72  ASP A CG  1 
ATOM   585  O  OD1 . ASP A 1 84  ? 14.792  -6.737  -5.675  1.00 28.01 ? 72  ASP A OD1 1 
ATOM   586  O  OD2 . ASP A 1 84  ? 13.510  -7.091  -7.405  1.00 32.10 ? 72  ASP A OD2 1 
ATOM   587  N  N   . LYS A 1 85  ? 14.538  -2.063  -5.162  1.00 21.75 ? 73  LYS A N   1 
ATOM   588  C  CA  . LYS A 1 85  ? 14.764  -0.630  -5.338  1.00 24.97 ? 73  LYS A CA  1 
ATOM   589  C  C   . LYS A 1 85  ? 14.962  -0.335  -6.824  1.00 24.63 ? 73  LYS A C   1 
ATOM   590  O  O   . LYS A 1 85  ? 15.536  -1.148  -7.551  1.00 26.52 ? 73  LYS A O   1 
ATOM   591  C  CB  . LYS A 1 85  ? 16.037  -0.185  -4.615  1.00 30.88 ? 73  LYS A CB  1 
ATOM   592  C  CG  . LYS A 1 85  ? 15.981  -0.227  -3.116  1.00 30.57 ? 73  LYS A CG  1 
ATOM   593  C  CD  . LYS A 1 85  ? 17.161  0.538   -2.528  1.00 40.60 ? 73  LYS A CD  1 
ATOM   594  C  CE  . LYS A 1 85  ? 17.111  2.022   -2.905  1.00 46.81 ? 73  LYS A CE  1 
ATOM   595  N  NZ  . LYS A 1 85  ? 15.890  2.736   -2.386  1.00 50.29 ? 73  LYS A NZ  1 
ATOM   596  N  N   . THR A 1 86  ? 14.488  0.813   -7.290  1.00 25.25 ? 74  THR A N   1 
ATOM   597  C  CA  . THR A 1 86  ? 14.711  1.167   -8.688  1.00 23.14 ? 74  THR A CA  1 
ATOM   598  C  C   . THR A 1 86  ? 15.808  2.225   -8.680  1.00 26.90 ? 74  THR A C   1 
ATOM   599  O  O   . THR A 1 86  ? 16.426  2.492   -7.635  1.00 25.82 ? 74  THR A O   1 
ATOM   600  C  CB  . THR A 1 86  ? 13.455  1.757   -9.377  1.00 21.54 ? 74  THR A CB  1 
ATOM   601  O  OG1 . THR A 1 86  ? 13.201  3.061   -8.859  1.00 23.51 ? 74  THR A OG1 1 
ATOM   602  C  CG2 . THR A 1 86  ? 12.247  0.837   -9.193  1.00 22.92 ? 74  THR A CG2 1 
ATOM   603  N  N   . GLU A 1 87  ? 16.045  2.839   -9.834  1.00 29.50 ? 75  GLU A N   1 
ATOM   604  C  CA  . GLU A 1 87  ? 17.070  3.865   -9.933  1.00 33.79 ? 75  GLU A CA  1 
ATOM   605  C  C   . GLU A 1 87  ? 16.684  5.164   -9.245  1.00 35.48 ? 75  GLU A C   1 
ATOM   606  O  O   . GLU A 1 87  ? 17.527  6.032   -9.040  1.00 33.48 ? 75  GLU A O   1 
ATOM   607  C  CB  . GLU A 1 87  ? 17.412  4.120   -11.402 1.00 41.70 ? 75  GLU A CB  1 
ATOM   608  C  CG  . GLU A 1 87  ? 18.087  2.924   -12.065 1.00 51.72 ? 75  GLU A CG  1 
ATOM   609  C  CD  . GLU A 1 87  ? 18.403  3.162   -13.528 1.00 61.51 ? 75  GLU A CD  1 
ATOM   610  O  OE1 . GLU A 1 87  ? 17.450  3.273   -14.332 1.00 66.33 ? 75  GLU A OE1 1 
ATOM   611  O  OE2 . GLU A 1 87  ? 19.602  3.243   -13.875 1.00 66.31 ? 75  GLU A OE2 1 
ATOM   612  N  N   . LYS A 1 88  ? 15.413  5.322   -8.890  1.00 32.14 ? 76  LYS A N   1 
ATOM   613  C  CA  . LYS A 1 88  ? 15.041  6.549   -8.204  1.00 34.72 ? 76  LYS A CA  1 
ATOM   614  C  C   . LYS A 1 88  ? 14.876  6.262   -6.725  1.00 31.18 ? 76  LYS A C   1 
ATOM   615  O  O   . LYS A 1 88  ? 14.208  5.318   -6.338  1.00 26.75 ? 76  LYS A O   1 
ATOM   616  C  CB  . LYS A 1 88  ? 13.773  7.169   -8.804  1.00 40.30 ? 76  LYS A CB  1 
ATOM   617  C  CG  . LYS A 1 88  ? 12.596  6.261   -8.968  1.00 47.94 ? 76  LYS A CG  1 
ATOM   618  C  CD  . LYS A 1 88  ? 11.385  7.077   -9.434  1.00 54.08 ? 76  LYS A CD  1 
ATOM   619  C  CE  . LYS A 1 88  ? 11.593  7.656   -10.828 1.00 55.52 ? 76  LYS A CE  1 
ATOM   620  N  NZ  . LYS A 1 88  ? 11.715  6.595   -11.866 1.00 57.48 ? 76  LYS A NZ  1 
ATOM   621  N  N   . ALA A 1 89  ? 15.533  7.064   -5.897  1.00 30.59 ? 77  ALA A N   1 
ATOM   622  C  CA  . ALA A 1 89  ? 15.467  6.883   -4.455  1.00 29.23 ? 77  ALA A CA  1 
ATOM   623  C  C   . ALA A 1 89  ? 14.010  6.860   -3.985  1.00 25.13 ? 77  ALA A C   1 
ATOM   624  O  O   . ALA A 1 89  ? 13.167  7.610   -4.474  1.00 28.28 ? 77  ALA A O   1 
ATOM   625  C  CB  . ALA A 1 89  ? 16.239  8.012   -3.750  1.00 29.11 ? 77  ALA A CB  1 
ATOM   626  N  N   . GLY A 1 90  ? 13.728  5.979   -3.040  1.00 24.86 ? 78  GLY A N   1 
ATOM   627  C  CA  . GLY A 1 90  ? 12.380  5.891   -2.524  1.00 21.51 ? 78  GLY A CA  1 
ATOM   628  C  C   . GLY A 1 90  ? 11.404  5.138   -3.399  1.00 21.32 ? 78  GLY A C   1 
ATOM   629  O  O   . GLY A 1 90  ? 10.257  5.016   -3.006  1.00 16.19 ? 78  GLY A O   1 
ATOM   630  N  N   . GLU A 1 91  ? 11.823  4.642   -4.565  1.00 17.24 ? 79  GLU A N   1 
ATOM   631  C  CA  . GLU A 1 91  ? 10.901  3.898   -5.433  1.00 15.80 ? 79  GLU A CA  1 
ATOM   632  C  C   . GLU A 1 91  ? 11.302  2.438   -5.511  1.00 18.90 ? 79  GLU A C   1 
ATOM   633  O  O   . GLU A 1 91  ? 12.495  2.104   -5.518  1.00 20.54 ? 79  GLU A O   1 
ATOM   634  C  CB  . GLU A 1 91  ? 10.864  4.481   -6.860  1.00 16.92 ? 79  GLU A CB  1 
ATOM   635  C  CG  . GLU A 1 91  ? 9.834   3.797   -7.780  1.00 18.96 ? 79  GLU A CG  1 
ATOM   636  C  CD  . GLU A 1 91  ? 9.871   4.332   -9.204  1.00 28.55 ? 79  GLU A CD  1 
ATOM   637  O  OE1 . GLU A 1 91  ? 8.930   5.049   -9.599  1.00 29.60 ? 79  GLU A OE1 1 
ATOM   638  O  OE2 . GLU A 1 91  ? 10.852  4.044   -9.921  1.00 31.47 ? 79  GLU A OE2 1 
ATOM   639  N  N   . TYR A 1 92  ? 10.292  1.575   -5.582  1.00 14.68 ? 80  TYR A N   1 
ATOM   640  C  CA  . TYR A 1 92  ? 10.469  0.147   -5.647  1.00 13.47 ? 80  TYR A CA  1 
ATOM   641  C  C   . TYR A 1 92  ? 9.614   -0.432  -6.748  1.00 14.60 ? 80  TYR A C   1 
ATOM   642  O  O   . TYR A 1 92  ? 8.577   0.130   -7.102  1.00 15.70 ? 80  TYR A O   1 
ATOM   643  C  CB  . TYR A 1 92  ? 10.044  -0.506  -4.319  1.00 14.45 ? 80  TYR A CB  1 
ATOM   644  C  CG  . TYR A 1 92  ? 10.918  -0.156  -3.154  1.00 17.84 ? 80  TYR A CG  1 
ATOM   645  C  CD1 . TYR A 1 92  ? 10.737  1.030   -2.467  1.00 18.26 ? 80  TYR A CD1 1 
ATOM   646  C  CD2 . TYR A 1 92  ? 11.947  -1.013  -2.753  1.00 20.34 ? 80  TYR A CD2 1 
ATOM   647  C  CE1 . TYR A 1 92  ? 11.572  1.368   -1.394  1.00 22.45 ? 80  TYR A CE1 1 
ATOM   648  C  CE2 . TYR A 1 92  ? 12.779  -0.691  -1.689  1.00 21.14 ? 80  TYR A CE2 1 
ATOM   649  C  CZ  . TYR A 1 92  ? 12.582  0.502   -1.021  1.00 21.36 ? 80  TYR A CZ  1 
ATOM   650  O  OH  . TYR A 1 92  ? 13.415  0.846   0.016   1.00 28.24 ? 80  TYR A OH  1 
ATOM   651  N  N   . SER A 1 93  ? 10.032  -1.571  -7.284  1.00 15.66 ? 81  SER A N   1 
ATOM   652  C  CA  . SER A 1 93  ? 9.251   -2.219  -8.321  1.00 15.96 ? 81  SER A CA  1 
ATOM   653  C  C   . SER A 1 93  ? 8.988   -3.673  -7.976  1.00 17.89 ? 81  SER A C   1 
ATOM   654  O  O   . SER A 1 93  ? 9.728   -4.297  -7.218  1.00 17.04 ? 81  SER A O   1 
ATOM   655  C  CB  . SER A 1 93  ? 9.974   -2.125  -9.669  1.00 18.25 ? 81  SER A CB  1 
ATOM   656  O  OG  . SER A 1 93  ? 11.189  -2.847  -9.603  1.00 21.76 ? 81  SER A OG  1 
ATOM   657  N  N   . VAL A 1 94  ? 7.916   -4.214  -8.538  1.00 16.68 ? 82  VAL A N   1 
ATOM   658  C  CA  . VAL A 1 94  ? 7.566   -5.600  -8.301  1.00 17.36 ? 82  VAL A CA  1 
ATOM   659  C  C   . VAL A 1 94  ? 6.629   -6.083  -9.388  1.00 18.29 ? 82  VAL A C   1 
ATOM   660  O  O   . VAL A 1 94  ? 5.756   -5.343  -9.853  1.00 16.74 ? 82  VAL A O   1 
ATOM   661  C  CB  . VAL A 1 94  ? 6.890   -5.793  -6.899  1.00 23.66 ? 82  VAL A CB  1 
ATOM   662  C  CG1 . VAL A 1 94  ? 5.615   -5.005  -6.824  1.00 23.51 ? 82  VAL A CG1 1 
ATOM   663  C  CG2 . VAL A 1 94  ? 6.604   -7.266  -6.647  1.00 26.01 ? 82  VAL A CG2 1 
ATOM   664  N  N   . THR A 1 95  ? 6.841   -7.316  -9.821  1.00 17.40 ? 83  THR A N   1 
ATOM   665  C  CA  . THR A 1 95  ? 5.971   -7.912  -10.815 1.00 18.04 ? 83  THR A CA  1 
ATOM   666  C  C   . THR A 1 95  ? 4.837   -8.619  -10.096 1.00 19.79 ? 83  THR A C   1 
ATOM   667  O  O   . THR A 1 95  ? 5.063   -9.495  -9.263  1.00 20.44 ? 83  THR A O   1 
ATOM   668  C  CB  . THR A 1 95  ? 6.744   -8.912  -11.689 1.00 23.36 ? 83  THR A CB  1 
ATOM   669  O  OG1 . THR A 1 95  ? 7.709   -8.189  -12.457 1.00 23.39 ? 83  THR A OG1 1 
ATOM   670  C  CG2 . THR A 1 95  ? 5.794   -9.641  -12.650 1.00 21.36 ? 83  THR A CG2 1 
ATOM   671  N  N   . TYR A 1 96  ? 3.614   -8.188  -10.388 1.00 18.36 ? 84  TYR A N   1 
ATOM   672  C  CA  . TYR A 1 96  ? 2.407   -8.766  -9.813  1.00 17.84 ? 84  TYR A CA  1 
ATOM   673  C  C   . TYR A 1 96  ? 1.240   -8.246  -10.641 1.00 18.18 ? 84  TYR A C   1 
ATOM   674  O  O   . TYR A 1 96  ? 0.959   -7.038  -10.647 1.00 17.86 ? 84  TYR A O   1 
ATOM   675  C  CB  . TYR A 1 96  ? 2.222   -8.354  -8.348  1.00 16.89 ? 84  TYR A CB  1 
ATOM   676  C  CG  . TYR A 1 96  ? 0.918   -8.862  -7.763  1.00 19.18 ? 84  TYR A CG  1 
ATOM   677  C  CD1 . TYR A 1 96  ? 0.772   -10.195 -7.382  1.00 21.19 ? 84  TYR A CD1 1 
ATOM   678  C  CD2 . TYR A 1 96  ? -0.203  -8.018  -7.664  1.00 20.63 ? 84  TYR A CD2 1 
ATOM   679  C  CE1 . TYR A 1 96  ? -0.453  -10.688 -6.920  1.00 21.19 ? 84  TYR A CE1 1 
ATOM   680  C  CE2 . TYR A 1 96  ? -1.431  -8.495  -7.208  1.00 18.09 ? 84  TYR A CE2 1 
ATOM   681  C  CZ  . TYR A 1 96  ? -1.548  -9.838  -6.834  1.00 19.69 ? 84  TYR A CZ  1 
ATOM   682  O  OH  . TYR A 1 96  ? -2.753  -10.317 -6.361  1.00 20.59 ? 84  TYR A OH  1 
ATOM   683  N  N   . ASP A 1 97  ? 0.561   -9.162  -11.330 1.00 18.59 ? 85  ASP A N   1 
ATOM   684  C  CA  . ASP A 1 97  ? -0.555  -8.830  -12.217 1.00 14.43 ? 85  ASP A CA  1 
ATOM   685  C  C   . ASP A 1 97  ? -0.159  -7.603  -13.048 1.00 16.86 ? 85  ASP A C   1 
ATOM   686  O  O   . ASP A 1 97  ? -0.908  -6.620  -13.160 1.00 15.32 ? 85  ASP A O   1 
ATOM   687  C  CB  . ASP A 1 97  ? -1.836  -8.560  -11.411 1.00 17.78 ? 85  ASP A CB  1 
ATOM   688  C  CG  . ASP A 1 97  ? -3.080  -8.572  -12.289 1.00 22.78 ? 85  ASP A CG  1 
ATOM   689  O  OD1 . ASP A 1 97  ? -3.065  -9.336  -13.283 1.00 23.02 ? 85  ASP A OD1 1 
ATOM   690  O  OD2 . ASP A 1 97  ? -4.057  -7.842  -11.999 1.00 24.83 ? 85  ASP A OD2 1 
ATOM   691  N  N   . GLY A 1 98  ? 1.029   -7.696  -13.638 1.00 15.06 ? 86  GLY A N   1 
ATOM   692  C  CA  . GLY A 1 98  ? 1.579   -6.618  -14.437 1.00 15.74 ? 86  GLY A CA  1 
ATOM   693  C  C   . GLY A 1 98  ? 2.840   -6.099  -13.766 1.00 15.08 ? 86  GLY A C   1 
ATOM   694  O  O   . GLY A 1 98  ? 3.413   -6.741  -12.871 1.00 16.90 ? 86  GLY A O   1 
ATOM   695  N  N   . PHE A 1 99  ? 3.290   -4.934  -14.217 1.00 13.17 ? 87  PHE A N   1 
ATOM   696  C  CA  . PHE A 1 99  ? 4.502   -4.304  -13.688 1.00 12.57 ? 87  PHE A CA  1 
ATOM   697  C  C   . PHE A 1 99  ? 4.093   -3.144  -12.783 1.00 12.31 ? 87  PHE A C   1 
ATOM   698  O  O   . PHE A 1 99  ? 3.357   -2.250  -13.196 1.00 14.54 ? 87  PHE A O   1 
ATOM   699  C  CB  . PHE A 1 99  ? 5.364   -3.784  -14.841 1.00 14.64 ? 87  PHE A CB  1 
ATOM   700  C  CG  . PHE A 1 99  ? 6.573   -2.997  -14.407 1.00 15.05 ? 87  PHE A CG  1 
ATOM   701  C  CD1 . PHE A 1 99  ? 7.609   -3.611  -13.694 1.00 16.32 ? 87  PHE A CD1 1 
ATOM   702  C  CD2 . PHE A 1 99  ? 6.665   -1.633  -14.679 1.00 17.71 ? 87  PHE A CD2 1 
ATOM   703  C  CE1 . PHE A 1 99  ? 8.718   -2.868  -13.259 1.00 17.68 ? 87  PHE A CE1 1 
ATOM   704  C  CE2 . PHE A 1 99  ? 7.769   -0.878  -14.246 1.00 17.15 ? 87  PHE A CE2 1 
ATOM   705  C  CZ  . PHE A 1 99  ? 8.796   -1.510  -13.533 1.00 18.43 ? 87  PHE A CZ  1 
ATOM   706  N  N   . ASN A 1 100 ? 4.600   -3.165  -11.555 1.00 13.53 ? 88  ASN A N   1 
ATOM   707  C  CA  . ASN A 1 100 ? 4.273   -2.137  -10.570 1.00 15.10 ? 88  ASN A CA  1 
ATOM   708  C  C   . ASN A 1 100 ? 5.452   -1.334  -10.045 1.00 14.53 ? 88  ASN A C   1 
ATOM   709  O  O   . ASN A 1 100 ? 6.536   -1.881  -9.852  1.00 14.22 ? 88  ASN A O   1 
ATOM   710  C  CB  . ASN A 1 100 ? 3.659   -2.788  -9.335  1.00 12.00 ? 88  ASN A CB  1 
ATOM   711  C  CG  . ASN A 1 100 ? 2.487   -3.676  -9.661  1.00 12.54 ? 88  ASN A CG  1 
ATOM   712  O  OD1 . ASN A 1 100 ? 1.369   -3.196  -9.852  1.00 12.88 ? 88  ASN A OD1 1 
ATOM   713  N  ND2 . ASN A 1 100 ? 2.738   -4.995  -9.753  1.00 14.43 ? 88  ASN A ND2 1 
ATOM   714  N  N   . THR A 1 101 ? 5.259   -0.037  -9.840  1.00 12.73 ? 89  THR A N   1 
ATOM   715  C  CA  . THR A 1 101 ? 6.308   0.727   -9.159  1.00 13.17 ? 89  THR A CA  1 
ATOM   716  C  C   . THR A 1 101 ? 5.589   1.466   -8.044  1.00 14.21 ? 89  THR A C   1 
ATOM   717  O  O   . THR A 1 101 ? 4.427   1.854   -8.195  1.00 15.01 ? 89  THR A O   1 
ATOM   718  C  CB  . THR A 1 101 ? 7.000   1.761   -10.037 1.00 17.58 ? 89  THR A CB  1 
ATOM   719  O  OG1 . THR A 1 101 ? 6.028   2.666   -10.558 1.00 20.28 ? 89  THR A OG1 1 
ATOM   720  C  CG2 . THR A 1 101 ? 7.767   1.070   -11.161 1.00 20.39 ? 89  THR A CG2 1 
ATOM   721  N  N   . PHE A 1 102 ? 6.237   1.645   -6.902  1.00 11.20 ? 90  PHE A N   1 
ATOM   722  C  CA  . PHE A 1 102 ? 5.564   2.394   -5.849  1.00 11.63 ? 90  PHE A CA  1 
ATOM   723  C  C   . PHE A 1 102 ? 6.530   3.208   -5.012  1.00 12.86 ? 90  PHE A C   1 
ATOM   724  O  O   . PHE A 1 102 ? 7.737   2.960   -5.027  1.00 12.99 ? 90  PHE A O   1 
ATOM   725  C  CB  . PHE A 1 102 ? 4.704   1.455   -4.950  1.00 13.34 ? 90  PHE A CB  1 
ATOM   726  C  CG  . PHE A 1 102 ? 5.502   0.472   -4.122  1.00 11.27 ? 90  PHE A CG  1 
ATOM   727  C  CD1 . PHE A 1 102 ? 5.701   -0.836  -4.562  1.00 14.15 ? 90  PHE A CD1 1 
ATOM   728  C  CD2 . PHE A 1 102 ? 6.053   0.858   -2.905  1.00 15.66 ? 90  PHE A CD2 1 
ATOM   729  C  CE1 . PHE A 1 102 ? 6.445   -1.759  -3.782  1.00 14.64 ? 90  PHE A CE1 1 
ATOM   730  C  CE2 . PHE A 1 102 ? 6.799   -0.055  -2.125  1.00 14.06 ? 90  PHE A CE2 1 
ATOM   731  C  CZ  . PHE A 1 102 ? 6.987   -1.370  -2.574  1.00 15.02 ? 90  PHE A CZ  1 
ATOM   732  N  N   . THR A 1 103 ? 5.983   4.218   -4.330  1.00 12.53 ? 91  THR A N   1 
ATOM   733  C  CA  . THR A 1 103 ? 6.736   5.067   -3.405  1.00 11.13 ? 91  THR A CA  1 
ATOM   734  C  C   . THR A 1 103 ? 5.874   5.178   -2.156  1.00 13.31 ? 91  THR A C   1 
ATOM   735  O  O   . THR A 1 103 ? 4.722   4.712   -2.128  1.00 11.75 ? 91  THR A O   1 
ATOM   736  C  CB  . THR A 1 103 ? 6.964   6.490   -3.934  1.00 14.14 ? 91  THR A CB  1 
ATOM   737  O  OG1 . THR A 1 103 ? 5.704   7.103   -4.229  1.00 15.11 ? 91  THR A OG1 1 
ATOM   738  C  CG2 . THR A 1 103 ? 7.835   6.461   -5.230  1.00 16.50 ? 91  THR A CG2 1 
ATOM   739  N  N   . ILE A 1 104 ? 6.426   5.798   -1.122  1.00 12.63 ? 92  ILE A N   1 
ATOM   740  C  CA  . ILE A 1 104 ? 5.692   5.996   0.135   1.00 11.00 ? 92  ILE A CA  1 
ATOM   741  C  C   . ILE A 1 104 ? 5.688   7.522   0.330   1.00 11.88 ? 92  ILE A C   1 
ATOM   742  O  O   . ILE A 1 104 ? 6.596   8.095   0.954   1.00 14.28 ? 92  ILE A O   1 
ATOM   743  C  CB  . ILE A 1 104 ? 6.445   5.300   1.301   1.00 12.83 ? 92  ILE A CB  1 
ATOM   744  C  CG1 . ILE A 1 104 ? 6.450   3.775   1.063   1.00 13.01 ? 92  ILE A CG1 1 
ATOM   745  C  CG2 . ILE A 1 104 ? 5.788   5.659   2.640   1.00 12.62 ? 92  ILE A CG2 1 
ATOM   746  C  CD1 . ILE A 1 104 ? 7.335   3.009   2.050   1.00 18.91 ? 92  ILE A CD1 1 
ATOM   747  N  N   . PRO A 1 105 ? 4.652   8.203   -0.177  1.00 11.44 ? 93  PRO A N   1 
ATOM   748  C  CA  . PRO A 1 105 ? 4.621   9.671   -0.022  1.00 12.45 ? 93  PRO A CA  1 
ATOM   749  C  C   . PRO A 1 105 ? 4.572   10.200  1.408   1.00 13.77 ? 93  PRO A C   1 
ATOM   750  O  O   . PRO A 1 105 ? 5.003   11.319  1.648   1.00 14.18 ? 93  PRO A O   1 
ATOM   751  C  CB  . PRO A 1 105 ? 3.401   10.117  -0.836  1.00 15.20 ? 93  PRO A CB  1 
ATOM   752  C  CG  . PRO A 1 105 ? 2.590   8.858   -1.051  1.00 18.10 ? 93  PRO A CG  1 
ATOM   753  C  CD  . PRO A 1 105 ? 3.590   7.716   -1.079  1.00 13.53 ? 93  PRO A CD  1 
ATOM   754  N  N   . LYS A 1 106 ? 4.025   9.418   2.342   1.00 12.35 ? 94  LYS A N   1 
ATOM   755  C  CA  . LYS A 1 106 ? 3.971   9.911   3.723   1.00 12.17 ? 94  LYS A CA  1 
ATOM   756  C  C   . LYS A 1 106 ? 3.875   8.799   4.745   1.00 13.01 ? 94  LYS A C   1 
ATOM   757  O  O   . LYS A 1 106 ? 3.026   7.904   4.615   1.00 13.60 ? 94  LYS A O   1 
ATOM   758  C  CB  . LYS A 1 106 ? 2.748   10.834  3.874   1.00 15.87 ? 94  LYS A CB  1 
ATOM   759  C  CG  . LYS A 1 106 ? 2.771   11.692  5.150   1.00 23.10 ? 94  LYS A CG  1 
ATOM   760  C  CD  . LYS A 1 106 ? 4.033   12.573  5.223   1.00 31.09 ? 94  LYS A CD  1 
ATOM   761  C  CE  . LYS A 1 106 ? 4.071   13.612  4.100   1.00 38.82 ? 94  LYS A CE  1 
ATOM   762  N  NZ  . LYS A 1 106 ? 5.055   14.718  4.364   1.00 41.14 ? 94  LYS A NZ  1 
ATOM   763  N  N   . THR A 1 107 ? 4.758   8.813   5.749   1.00 12.01 ? 95  THR A N   1 
ATOM   764  C  CA  . THR A 1 107 ? 4.638   7.831   6.822   1.00 12.73 ? 95  THR A CA  1 
ATOM   765  C  C   . THR A 1 107 ? 5.181   8.489   8.087   1.00 14.30 ? 95  THR A C   1 
ATOM   766  O  O   . THR A 1 107 ? 6.025   9.363   7.982   1.00 13.45 ? 95  THR A O   1 
ATOM   767  C  CB  . THR A 1 107 ? 5.490   6.558   6.571   1.00 11.93 ? 95  THR A CB  1 
ATOM   768  O  OG1 . THR A 1 107 ? 5.365   5.695   7.714   1.00 13.09 ? 95  THR A OG1 1 
ATOM   769  C  CG2 . THR A 1 107 ? 6.971   6.897   6.343   1.00 13.21 ? 95  THR A CG2 1 
ATOM   770  N  N   . ASP A 1 108 ? 4.672   8.095   9.258   1.00 12.87 ? 96  ASP A N   1 
ATOM   771  C  CA  . ASP A 1 108 ? 5.226   8.598   10.512  1.00 14.59 ? 96  ASP A CA  1 
ATOM   772  C  C   . ASP A 1 108 ? 5.924   7.431   11.229  1.00 16.06 ? 96  ASP A C   1 
ATOM   773  O  O   . ASP A 1 108 ? 6.309   7.547   12.402  1.00 15.54 ? 96  ASP A O   1 
ATOM   774  C  CB  . ASP A 1 108 ? 4.140   9.250   11.387  1.00 14.53 ? 96  ASP A CB  1 
ATOM   775  C  CG  . ASP A 1 108 ? 3.225   8.254   12.034  1.00 14.36 ? 96  ASP A CG  1 
ATOM   776  O  OD1 . ASP A 1 108 ? 3.167   7.097   11.572  1.00 12.73 ? 96  ASP A OD1 1 
ATOM   777  O  OD2 . ASP A 1 108 ? 2.533   8.646   13.010  1.00 14.87 ? 96  ASP A OD2 1 
ATOM   778  N  N   . TYR A 1 109 ? 6.095   6.324   10.502  1.00 13.74 ? 97  TYR A N   1 
ATOM   779  C  CA  . TYR A 1 109 ? 6.774   5.100   10.973  1.00 13.99 ? 97  TYR A CA  1 
ATOM   780  C  C   . TYR A 1 109 ? 6.089   4.332   12.092  1.00 14.68 ? 97  TYR A C   1 
ATOM   781  O  O   . TYR A 1 109 ? 6.009   3.103   12.022  1.00 14.31 ? 97  TYR A O   1 
ATOM   782  C  CB  . TYR A 1 109 ? 8.204   5.406   11.446  1.00 16.04 ? 97  TYR A CB  1 
ATOM   783  C  CG  . TYR A 1 109 ? 9.088   6.097   10.447  1.00 15.02 ? 97  TYR A CG  1 
ATOM   784  C  CD1 . TYR A 1 109 ? 9.409   5.495   9.230   1.00 17.45 ? 97  TYR A CD1 1 
ATOM   785  C  CD2 . TYR A 1 109 ? 9.634   7.342   10.733  1.00 19.11 ? 97  TYR A CD2 1 
ATOM   786  C  CE1 . TYR A 1 109 ? 10.267  6.131   8.303   1.00 17.15 ? 97  TYR A CE1 1 
ATOM   787  C  CE2 . TYR A 1 109 ? 10.495  7.980   9.828   1.00 20.88 ? 97  TYR A CE2 1 
ATOM   788  C  CZ  . TYR A 1 109 ? 10.800  7.363   8.621   1.00 18.95 ? 97  TYR A CZ  1 
ATOM   789  O  OH  . TYR A 1 109 ? 11.656  7.985   7.747   1.00 18.75 ? 97  TYR A OH  1 
ATOM   790  N  N   . ASP A 1 110 ? 5.594   5.054   13.099  1.00 12.87 ? 98  ASP A N   1 
ATOM   791  C  CA  . ASP A 1 110 ? 4.966   4.447   14.278  1.00 15.18 ? 98  ASP A CA  1 
ATOM   792  C  C   . ASP A 1 110 ? 3.478   4.198   14.241  1.00 13.63 ? 98  ASP A C   1 
ATOM   793  O  O   . ASP A 1 110 ? 2.971   3.455   15.076  1.00 14.92 ? 98  ASP A O   1 
ATOM   794  C  CB  . ASP A 1 110 ? 5.201   5.299   15.521  1.00 15.49 ? 98  ASP A CB  1 
ATOM   795  C  CG  . ASP A 1 110 ? 6.625   5.534   15.806  1.00 24.63 ? 98  ASP A CG  1 
ATOM   796  O  OD1 . ASP A 1 110 ? 7.414   4.599   15.598  1.00 23.08 ? 98  ASP A OD1 1 
ATOM   797  O  OD2 . ASP A 1 110 ? 6.933   6.657   16.266  1.00 24.79 ? 98  ASP A OD2 1 
ATOM   798  N  N   . ASN A 1 111 ? 2.765   4.835   13.313  1.00 12.53 ? 99  ASN A N   1 
ATOM   799  C  CA  . ASN A 1 111 ? 1.327   4.658   13.220  1.00 12.55 ? 99  ASN A CA  1 
ATOM   800  C  C   . ASN A 1 111 ? 0.864   4.296   11.817  1.00 9.56  ? 99  ASN A C   1 
ATOM   801  O  O   . ASN A 1 111 ? 0.181   3.297   11.628  1.00 12.00 ? 99  ASN A O   1 
ATOM   802  C  CB  . ASN A 1 111 ? 0.576   5.937   13.592  1.00 14.61 ? 99  ASN A CB  1 
ATOM   803  C  CG  . ASN A 1 111 ? 0.600   6.231   15.080  1.00 18.02 ? 99  ASN A CG  1 
ATOM   804  O  OD1 . ASN A 1 111 ? -0.037  5.536   15.893  1.00 17.84 ? 99  ASN A OD1 1 
ATOM   805  N  ND2 . ASN A 1 111 ? 1.322   7.274   15.445  1.00 16.31 ? 99  ASN A ND2 1 
ATOM   806  N  N   . PHE A 1 112 ? 1.256   5.113   10.842  1.00 12.35 ? 100 PHE A N   1 
ATOM   807  C  CA  . PHE A 1 112 ? 0.726   4.913   9.498   1.00 11.18 ? 100 PHE A CA  1 
ATOM   808  C  C   . PHE A 1 112 ? 1.744   4.942   8.381   1.00 11.73 ? 100 PHE A C   1 
ATOM   809  O  O   . PHE A 1 112 ? 2.837   5.476   8.543   1.00 10.74 ? 100 PHE A O   1 
ATOM   810  C  CB  . PHE A 1 112 ? -0.340  6.009   9.206   1.00 13.01 ? 100 PHE A CB  1 
ATOM   811  C  CG  . PHE A 1 112 ? 0.238   7.383   8.983   1.00 11.42 ? 100 PHE A CG  1 
ATOM   812  C  CD1 . PHE A 1 112 ? 0.696   7.748   7.718   1.00 10.99 ? 100 PHE A CD1 1 
ATOM   813  C  CD2 . PHE A 1 112 ? 0.336   8.314   10.016  1.00 15.00 ? 100 PHE A CD2 1 
ATOM   814  C  CE1 . PHE A 1 112 ? 1.243   9.032   7.478   1.00 13.72 ? 100 PHE A CE1 1 
ATOM   815  C  CE2 . PHE A 1 112 ? 0.887   9.603   9.792   1.00 13.10 ? 100 PHE A CE2 1 
ATOM   816  C  CZ  . PHE A 1 112 ? 1.338   9.955   8.508   1.00 14.67 ? 100 PHE A CZ  1 
ATOM   817  N  N   . LEU A 1 113 ? 1.354   4.376   7.236   1.00 9.71  ? 101 LEU A N   1 
ATOM   818  C  CA  . LEU A 1 113 ? 2.200   4.370   6.060   1.00 10.40 ? 101 LEU A CA  1 
ATOM   819  C  C   . LEU A 1 113 ? 1.255   4.570   4.876   1.00 10.90 ? 101 LEU A C   1 
ATOM   820  O  O   . LEU A 1 113 ? 0.271   3.844   4.737   1.00 10.50 ? 101 LEU A O   1 
ATOM   821  C  CB  . LEU A 1 113 ? 2.952   3.038   5.945   1.00 11.35 ? 101 LEU A CB  1 
ATOM   822  C  CG  . LEU A 1 113 ? 4.038   2.980   4.846   1.00 12.73 ? 101 LEU A CG  1 
ATOM   823  C  CD1 . LEU A 1 113 ? 5.046   1.929   5.234   1.00 13.38 ? 101 LEU A CD1 1 
ATOM   824  C  CD2 . LEU A 1 113 ? 3.413   2.605   3.496   1.00 13.89 ? 101 LEU A CD2 1 
ATOM   825  N  N   . MET A 1 114 ? 1.507   5.592   4.061   1.00 10.63 ? 102 MET A N   1 
ATOM   826  C  CA  . MET A 1 114 ? 0.661   5.845   2.878   1.00 10.86 ? 102 MET A CA  1 
ATOM   827  C  C   . MET A 1 114 ? 1.528   5.576   1.654   1.00 11.04 ? 102 MET A C   1 
ATOM   828  O  O   . MET A 1 114 ? 2.596   6.214   1.497   1.00 11.54 ? 102 MET A O   1 
ATOM   829  C  CB  . MET A 1 114 ? 0.197   7.307   2.840   1.00 11.31 ? 102 MET A CB  1 
ATOM   830  C  CG  . MET A 1 114 ? -0.654  7.705   4.053   1.00 11.05 ? 102 MET A CG  1 
ATOM   831  S  SD  . MET A 1 114 ? -1.269  9.379   3.905   1.00 13.17 ? 102 MET A SD  1 
ATOM   832  C  CE  . MET A 1 114 ? -1.926  9.621   5.587   1.00 14.11 ? 102 MET A CE  1 
ATOM   833  N  N   . ALA A 1 115 ? 1.056   4.662   0.799   1.00 9.11  ? 103 ALA A N   1 
ATOM   834  C  CA  . ALA A 1 115 ? 1.801   4.296   -0.403  1.00 10.71 ? 103 ALA A CA  1 
ATOM   835  C  C   . ALA A 1 115 ? 1.055   4.663   -1.658  1.00 10.24 ? 103 ALA A C   1 
ATOM   836  O  O   . ALA A 1 115 ? -0.172  4.715   -1.662  1.00 10.75 ? 103 ALA A O   1 
ATOM   837  C  CB  . ALA A 1 115 ? 2.093   2.780   -0.416  1.00 12.98 ? 103 ALA A CB  1 
ATOM   838  N  N   . HIS A 1 116 ? 1.826   4.942   -2.716  1.00 9.51  ? 104 HIS A N   1 
ATOM   839  C  CA  . HIS A 1 116 ? 1.261   5.269   -4.031  1.00 11.37 ? 104 HIS A CA  1 
ATOM   840  C  C   . HIS A 1 116 ? 1.916   4.328   -5.042  1.00 11.14 ? 104 HIS A C   1 
ATOM   841  O  O   . HIS A 1 116 ? 3.143   4.248   -5.124  1.00 12.73 ? 104 HIS A O   1 
ATOM   842  C  CB  . HIS A 1 116 ? 1.516   6.734   -4.419  1.00 10.63 ? 104 HIS A CB  1 
ATOM   843  C  CG  . HIS A 1 116 ? 1.006   7.075   -5.789  1.00 13.77 ? 104 HIS A CG  1 
ATOM   844  N  ND1 . HIS A 1 116 ? 1.818   7.053   -6.902  1.00 18.14 ? 104 HIS A ND1 1 
ATOM   845  C  CD2 . HIS A 1 116 ? -0.234  7.409   -6.236  1.00 14.44 ? 104 HIS A CD2 1 
ATOM   846  C  CE1 . HIS A 1 116 ? 1.102   7.370   -7.976  1.00 17.22 ? 104 HIS A CE1 1 
ATOM   847  N  NE2 . HIS A 1 116 ? -0.147  7.592   -7.600  1.00 13.96 ? 104 HIS A NE2 1 
ATOM   848  N  N   . LEU A 1 117 ? 1.078   3.631   -5.802  1.00 9.66  ? 105 LEU A N   1 
ATOM   849  C  CA  . LEU A 1 117 ? 1.544   2.634   -6.757  1.00 11.03 ? 105 LEU A CA  1 
ATOM   850  C  C   . LEU A 1 117 ? 0.953   2.848   -8.143  1.00 9.32  ? 105 LEU A C   1 
ATOM   851  O  O   . LEU A 1 117 ? -0.191  3.278   -8.300  1.00 11.74 ? 105 LEU A O   1 
ATOM   852  C  CB  . LEU A 1 117 ? 1.160   1.225   -6.250  1.00 10.84 ? 105 LEU A CB  1 
ATOM   853  C  CG  . LEU A 1 117 ? 1.470   0.006   -7.141  1.00 14.37 ? 105 LEU A CG  1 
ATOM   854  C  CD1 . LEU A 1 117 ? 1.672   -1.235  -6.240  1.00 13.10 ? 105 LEU A CD1 1 
ATOM   855  C  CD2 . LEU A 1 117 ? 0.340   -0.244  -8.102  1.00 12.39 ? 105 LEU A CD2 1 
ATOM   856  N  N   . ILE A 1 118 ? 1.788   2.588   -9.147  1.00 9.18  ? 106 ILE A N   1 
ATOM   857  C  CA  . ILE A 1 118 ? 1.345   2.624   -10.546 1.00 10.49 ? 106 ILE A CA  1 
ATOM   858  C  C   . ILE A 1 118 ? 1.474   1.201   -11.105 1.00 10.30 ? 106 ILE A C   1 
ATOM   859  O  O   . ILE A 1 118 ? 2.546   0.589   -11.051 1.00 10.33 ? 106 ILE A O   1 
ATOM   860  C  CB  . ILE A 1 118 ? 2.239   3.534   -11.409 1.00 9.87  ? 106 ILE A CB  1 
ATOM   861  C  CG1 . ILE A 1 118 ? 2.095   4.999   -10.977 1.00 10.88 ? 106 ILE A CG1 1 
ATOM   862  C  CG2 . ILE A 1 118 ? 1.870   3.394   -12.932 1.00 12.64 ? 106 ILE A CG2 1 
ATOM   863  C  CD1 . ILE A 1 118 ? 0.641   5.558   -11.124 1.00 11.36 ? 106 ILE A CD1 1 
ATOM   864  N  N   . ASN A 1 119 ? 0.379   0.679   -11.638 1.00 10.00 ? 107 ASN A N   1 
ATOM   865  C  CA  . ASN A 1 119 ? 0.433   -0.652  -12.244 1.00 10.41 ? 107 ASN A CA  1 
ATOM   866  C  C   . ASN A 1 119 ? 0.340   -0.489  -13.736 1.00 13.18 ? 107 ASN A C   1 
ATOM   867  O  O   . ASN A 1 119 ? -0.356  0.398   -14.207 1.00 10.95 ? 107 ASN A O   1 
ATOM   868  C  CB  . ASN A 1 119 ? -0.752  -1.498  -11.768 1.00 13.23 ? 107 ASN A CB  1 
ATOM   869  C  CG  . ASN A 1 119 ? -0.871  -2.793  -12.524 1.00 15.70 ? 107 ASN A CG  1 
ATOM   870  O  OD1 . ASN A 1 119 ? -1.589  -2.882  -13.541 1.00 14.18 ? 107 ASN A OD1 1 
ATOM   871  N  ND2 . ASN A 1 119 ? -0.173  -3.817  -12.036 1.00 12.64 ? 107 ASN A ND2 1 
ATOM   872  N  N   . GLU A 1 120 ? 1.049   -1.342  -14.469 1.00 11.90 ? 108 GLU A N   1 
ATOM   873  C  CA  . GLU A 1 120 ? 0.966   -1.334  -15.929 1.00 11.80 ? 108 GLU A CA  1 
ATOM   874  C  C   . GLU A 1 120 ? 0.758   -2.786  -16.367 1.00 9.86  ? 108 GLU A C   1 
ATOM   875  O  O   . GLU A 1 120 ? 1.585   -3.657  -16.069 1.00 12.76 ? 108 GLU A O   1 
ATOM   876  C  CB  . GLU A 1 120 ? 2.250   -0.771  -16.529 1.00 12.01 ? 108 GLU A CB  1 
ATOM   877  C  CG  . GLU A 1 120 ? 2.312   0.733   -16.286 1.00 14.94 ? 108 GLU A CG  1 
ATOM   878  C  CD  . GLU A 1 120 ? 3.649   1.388   -16.523 1.00 19.45 ? 108 GLU A CD  1 
ATOM   879  O  OE1 . GLU A 1 120 ? 4.614   0.728   -16.933 1.00 15.96 ? 108 GLU A OE1 1 
ATOM   880  O  OE2 . GLU A 1 120 ? 3.716   2.616   -16.293 1.00 18.25 ? 108 GLU A OE2 1 
ATOM   881  N  N   . LYS A 1 121 ? -0.333  -3.019  -17.084 1.00 11.04 ? 109 LYS A N   1 
ATOM   882  C  CA  . LYS A 1 121 ? -0.670  -4.361  -17.561 1.00 10.69 ? 109 LYS A CA  1 
ATOM   883  C  C   . LYS A 1 121 ? -1.357  -4.249  -18.913 1.00 12.75 ? 109 LYS A C   1 
ATOM   884  O  O   . LYS A 1 121 ? -2.219  -3.384  -19.109 1.00 13.62 ? 109 LYS A O   1 
ATOM   885  C  CB  . LYS A 1 121 ? -1.624  -5.046  -16.555 1.00 13.61 ? 109 LYS A CB  1 
ATOM   886  C  CG  . LYS A 1 121 ? -2.023  -6.472  -16.931 1.00 17.68 ? 109 LYS A CG  1 
ATOM   887  C  CD  . LYS A 1 121 ? -3.034  -7.076  -15.938 1.00 18.44 ? 109 LYS A CD  1 
ATOM   888  C  CE  . LYS A 1 121 ? -3.610  -8.375  -16.483 1.00 32.64 ? 109 LYS A CE  1 
ATOM   889  N  NZ  . LYS A 1 121 ? -4.676  -8.932  -15.595 1.00 33.43 ? 109 LYS A NZ  1 
ATOM   890  N  N   . ASP A 1 122 ? -0.941  -5.095  -19.854 1.00 13.95 ? 110 ASP A N   1 
ATOM   891  C  CA  . ASP A 1 122 ? -1.547  -5.124  -21.187 1.00 15.13 ? 110 ASP A CA  1 
ATOM   892  C  C   . ASP A 1 122 ? -1.615  -3.758  -21.872 1.00 13.07 ? 110 ASP A C   1 
ATOM   893  O  O   . ASP A 1 122 ? -2.590  -3.438  -22.568 1.00 13.57 ? 110 ASP A O   1 
ATOM   894  C  CB  . ASP A 1 122 ? -2.947  -5.733  -21.056 1.00 15.89 ? 110 ASP A CB  1 
ATOM   895  C  CG  . ASP A 1 122 ? -2.901  -7.194  -20.597 1.00 17.58 ? 110 ASP A CG  1 
ATOM   896  O  OD1 . ASP A 1 122 ? -3.802  -7.613  -19.839 1.00 19.13 ? 110 ASP A OD1 1 
ATOM   897  O  OD2 . ASP A 1 122 ? -1.967  -7.897  -21.006 1.00 19.77 ? 110 ASP A OD2 1 
ATOM   898  N  N   . GLY A 1 123 ? -0.566  -2.960  -21.671 1.00 10.58 ? 111 GLY A N   1 
ATOM   899  C  CA  . GLY A 1 123 ? -0.492  -1.629  -22.257 1.00 12.54 ? 111 GLY A CA  1 
ATOM   900  C  C   . GLY A 1 123 ? -1.332  -0.537  -21.600 1.00 10.55 ? 111 GLY A C   1 
ATOM   901  O  O   . GLY A 1 123 ? -1.371  0.605   -22.109 1.00 15.06 ? 111 GLY A O   1 
ATOM   902  N  N   . GLU A 1 124 ? -1.990  -0.867  -20.478 1.00 12.55 ? 112 GLU A N   1 
ATOM   903  C  CA  . GLU A 1 124 ? -2.825  0.095   -19.756 1.00 13.39 ? 112 GLU A CA  1 
ATOM   904  C  C   . GLU A 1 124 ? -2.155  0.467   -18.438 1.00 11.01 ? 112 GLU A C   1 
ATOM   905  O  O   . GLU A 1 124 ? -1.030  0.028   -18.144 1.00 14.76 ? 112 GLU A O   1 
ATOM   906  C  CB  . GLU A 1 124 ? -4.200  -0.519  -19.458 1.00 18.10 ? 112 GLU A CB  1 
ATOM   907  C  CG  . GLU A 1 124 ? -4.935  -0.981  -20.706 1.00 25.30 ? 112 GLU A CG  1 
ATOM   908  C  CD  . GLU A 1 124 ? -6.434  -1.033  -20.490 1.00 37.95 ? 112 GLU A CD  1 
ATOM   909  O  OE1 . GLU A 1 124 ? -6.865  -1.436  -19.383 1.00 36.09 ? 112 GLU A OE1 1 
ATOM   910  O  OE2 . GLU A 1 124 ? -7.180  -0.673  -21.434 1.00 46.72 ? 112 GLU A OE2 1 
ATOM   911  N  N   . THR A 1 125 ? -2.837  1.273   -17.635 1.00 11.67 ? 113 THR A N   1 
ATOM   912  C  CA  . THR A 1 125 ? -2.268  1.645   -16.339 1.00 9.95  ? 113 THR A CA  1 
ATOM   913  C  C   . THR A 1 125 ? -3.392  2.045   -15.394 1.00 11.86 ? 113 THR A C   1 
ATOM   914  O  O   . THR A 1 125 ? -4.528  2.309   -15.821 1.00 11.72 ? 113 THR A O   1 
ATOM   915  C  CB  . THR A 1 125 ? -1.294  2.891   -16.483 1.00 13.67 ? 113 THR A CB  1 
ATOM   916  O  OG1 . THR A 1 125 ? -0.520  3.067   -15.291 1.00 12.63 ? 113 THR A OG1 1 
ATOM   917  C  CG2 . THR A 1 125 ? -2.075  4.181   -16.710 1.00 13.78 ? 113 THR A CG2 1 
ATOM   918  N  N   . PHE A 1 126 ? -3.072  2.029   -14.099 1.00 10.15 ? 114 PHE A N   1 
ATOM   919  C  CA  . PHE A 1 126 ? -3.997  2.571   -13.083 1.00 9.91  ? 114 PHE A CA  1 
ATOM   920  C  C   . PHE A 1 126 ? -3.175  2.907   -11.850 1.00 12.03 ? 114 PHE A C   1 
ATOM   921  O  O   . PHE A 1 126 ? -2.036  2.441   -11.688 1.00 10.33 ? 114 PHE A O   1 
ATOM   922  C  CB  . PHE A 1 126 ? -5.192  1.637   -12.693 1.00 11.70 ? 114 PHE A CB  1 
ATOM   923  C  CG  . PHE A 1 126 ? -4.833  0.409   -11.899 1.00 13.30 ? 114 PHE A CG  1 
ATOM   924  C  CD1 . PHE A 1 126 ? -4.720  0.462   -10.512 1.00 17.08 ? 114 PHE A CD1 1 
ATOM   925  C  CD2 . PHE A 1 126 ? -4.582  -0.801  -12.538 1.00 14.59 ? 114 PHE A CD2 1 
ATOM   926  C  CE1 . PHE A 1 126 ? -4.354  -0.681  -9.773  1.00 18.51 ? 114 PHE A CE1 1 
ATOM   927  C  CE2 . PHE A 1 126 ? -4.215  -1.936  -11.793 1.00 15.71 ? 114 PHE A CE2 1 
ATOM   928  C  CZ  . PHE A 1 126 ? -4.104  -1.861  -10.423 1.00 15.39 ? 114 PHE A CZ  1 
ATOM   929  N  N   . GLN A 1 127 ? -3.748  3.752   -10.994 1.00 11.28 ? 115 GLN A N   1 
ATOM   930  C  CA  . GLN A 1 127 ? -3.102  4.150   -9.737  1.00 11.31 ? 115 GLN A CA  1 
ATOM   931  C  C   . GLN A 1 127 ? -3.777  3.437   -8.576  1.00 11.80 ? 115 GLN A C   1 
ATOM   932  O  O   . GLN A 1 127 ? -5.008  3.287   -8.555  1.00 12.61 ? 115 GLN A O   1 
ATOM   933  C  CB  . GLN A 1 127 ? -3.309  5.622   -9.447  1.00 11.08 ? 115 GLN A CB  1 
ATOM   934  C  CG  . GLN A 1 127 ? -2.839  6.608   -10.494 1.00 12.00 ? 115 GLN A CG  1 
ATOM   935  C  CD  . GLN A 1 127 ? -3.124  8.012   -10.009 1.00 12.05 ? 115 GLN A CD  1 
ATOM   936  O  OE1 . GLN A 1 127 ? -4.218  8.565   -10.240 1.00 15.92 ? 115 GLN A OE1 1 
ATOM   937  N  NE2 . GLN A 1 127 ? -2.171  8.588   -9.320  1.00 8.88  ? 115 GLN A NE2 1 
ATOM   938  N  N   . LEU A 1 128 ? -2.965  3.023   -7.618  1.00 9.64  ? 116 LEU A N   1 
ATOM   939  C  CA  . LEU A 1 128 ? -3.476  2.402   -6.395  1.00 9.95  ? 116 LEU A CA  1 
ATOM   940  C  C   . LEU A 1 128 ? -2.835  3.163   -5.233  1.00 12.30 ? 116 LEU A C   1 
ATOM   941  O  O   . LEU A 1 128 ? -1.651  3.517   -5.284  1.00 13.27 ? 116 LEU A O   1 
ATOM   942  C  CB  . LEU A 1 128 ? -3.050  0.936   -6.322  1.00 12.65 ? 116 LEU A CB  1 
ATOM   943  C  CG  . LEU A 1 128 ? -3.344  0.206   -4.999  1.00 19.18 ? 116 LEU A CG  1 
ATOM   944  C  CD1 . LEU A 1 128 ? -4.788  -0.160  -4.920  1.00 25.39 ? 116 LEU A CD1 1 
ATOM   945  C  CD2 . LEU A 1 128 ? -2.493  -1.057  -4.937  1.00 28.42 ? 116 LEU A CD2 1 
ATOM   946  N  N   . MET A 1 129 ? -3.614  3.452   -4.196  1.00 10.58 ? 117 MET A N   1 
ATOM   947  C  CA  . MET A 1 129 ? -3.051  4.093   -3.020  1.00 11.79 ? 117 MET A CA  1 
ATOM   948  C  C   . MET A 1 129 ? -3.479  3.244   -1.837  1.00 12.10 ? 117 MET A C   1 
ATOM   949  O  O   . MET A 1 129 ? -4.570  2.682   -1.827  1.00 11.91 ? 117 MET A O   1 
ATOM   950  C  CB  . MET A 1 129 ? -3.561  5.533   -2.886  1.00 12.75 ? 117 MET A CB  1 
ATOM   951  C  CG  . MET A 1 129 ? -3.244  6.303   -4.168  1.00 22.12 ? 117 MET A CG  1 
ATOM   952  S  SD  . MET A 1 129 ? -3.188  8.040   -3.881  1.00 21.19 ? 117 MET A SD  1 
ATOM   953  C  CE  . MET A 1 129 ? -1.700  7.916   -2.806  1.00 21.59 ? 117 MET A CE  1 
ATOM   954  N  N   . GLY A 1 130 ? -2.587  3.109   -0.864  1.00 10.14 ? 118 GLY A N   1 
ATOM   955  C  CA  . GLY A 1 130 ? -2.933  2.318   0.291   1.00 10.21 ? 118 GLY A CA  1 
ATOM   956  C  C   . GLY A 1 130 ? -2.561  3.010   1.586   1.00 11.92 ? 118 GLY A C   1 
ATOM   957  O  O   . GLY A 1 130 ? -1.557  3.731   1.666   1.00 11.44 ? 118 GLY A O   1 
ATOM   958  N  N   . LEU A 1 131 ? -3.400  2.797   2.600   1.00 9.47  ? 119 LEU A N   1 
ATOM   959  C  CA  . LEU A 1 131 ? -3.153  3.331   3.941   1.00 10.31 ? 119 LEU A CA  1 
ATOM   960  C  C   . LEU A 1 131 ? -2.959  2.107   4.827   1.00 12.42 ? 119 LEU A C   1 
ATOM   961  O  O   . LEU A 1 131 ? -3.838  1.245   4.941   1.00 10.41 ? 119 LEU A O   1 
ATOM   962  C  CB  . LEU A 1 131 ? -4.352  4.150   4.435   1.00 10.64 ? 119 LEU A CB  1 
ATOM   963  C  CG  . LEU A 1 131 ? -4.193  4.632   5.895   1.00 11.48 ? 119 LEU A CG  1 
ATOM   964  C  CD1 . LEU A 1 131 ? -3.048  5.654   6.013   1.00 12.05 ? 119 LEU A CD1 1 
ATOM   965  C  CD2 . LEU A 1 131 ? -5.523  5.251   6.338   1.00 12.39 ? 119 LEU A CD2 1 
ATOM   966  N  N   . TYR A 1 132 ? -1.788  2.032   5.443   1.00 9.27  ? 120 TYR A N   1 
ATOM   967  C  CA  . TYR A 1 132 ? -1.440  0.894   6.297   1.00 9.56  ? 120 TYR A CA  1 
ATOM   968  C  C   . TYR A 1 132 ? -1.203  1.381   7.719   1.00 11.60 ? 120 TYR A C   1 
ATOM   969  O  O   . TYR A 1 132 ? -0.741  2.502   7.936   1.00 9.68  ? 120 TYR A O   1 
ATOM   970  C  CB  . TYR A 1 132 ? -0.182  0.237   5.728   1.00 10.43 ? 120 TYR A CB  1 
ATOM   971  C  CG  . TYR A 1 132 ? -0.384  -0.215  4.304   1.00 10.60 ? 120 TYR A CG  1 
ATOM   972  C  CD1 . TYR A 1 132 ? -0.998  -1.425  4.028   1.00 11.65 ? 120 TYR A CD1 1 
ATOM   973  C  CD2 . TYR A 1 132 ? -0.041  0.618   3.237   1.00 10.67 ? 120 TYR A CD2 1 
ATOM   974  C  CE1 . TYR A 1 132 ? -1.280  -1.816  2.718   1.00 10.79 ? 120 TYR A CE1 1 
ATOM   975  C  CE2 . TYR A 1 132 ? -0.323  0.252   1.921   1.00 11.52 ? 120 TYR A CE2 1 
ATOM   976  C  CZ  . TYR A 1 132 ? -0.946  -0.971  1.676   1.00 12.48 ? 120 TYR A CZ  1 
ATOM   977  O  OH  . TYR A 1 132 ? -1.256  -1.323  0.365   1.00 13.24 ? 120 TYR A OH  1 
ATOM   978  N  N   . GLY A 1 133 ? -1.581  0.553   8.693   1.00 12.28 ? 121 GLY A N   1 
ATOM   979  C  CA  . GLY A 1 133 ? -1.399  0.943   10.087  1.00 13.14 ? 121 GLY A CA  1 
ATOM   980  C  C   . GLY A 1 133 ? -0.627  -0.085  10.890  1.00 13.10 ? 121 GLY A C   1 
ATOM   981  O  O   . GLY A 1 133 ? -0.607  -1.280  10.550  1.00 11.24 ? 121 GLY A O   1 
ATOM   982  N  N   . ARG A 1 134 ? 0.037   0.370   11.945  1.00 9.94  ? 122 ARG A N   1 
ATOM   983  C  CA  . ARG A 1 134 ? 0.764   -0.568  12.804  1.00 13.05 ? 122 ARG A CA  1 
ATOM   984  C  C   . ARG A 1 134 ? -0.233  -1.468  13.542  1.00 13.10 ? 122 ARG A C   1 
ATOM   985  O  O   . ARG A 1 134 ? 0.077   -2.640  13.832  1.00 12.59 ? 122 ARG A O   1 
ATOM   986  C  CB  . ARG A 1 134 ? 1.659   0.177   13.795  1.00 13.87 ? 122 ARG A CB  1 
ATOM   987  C  CG  . ARG A 1 134 ? 2.863   0.845   13.106  1.00 10.79 ? 122 ARG A CG  1 
ATOM   988  C  CD  . ARG A 1 134 ? 3.775   -0.207  12.445  1.00 10.51 ? 122 ARG A CD  1 
ATOM   989  N  NE  . ARG A 1 134 ? 5.098   0.358   12.196  1.00 10.62 ? 122 ARG A NE  1 
ATOM   990  C  CZ  . ARG A 1 134 ? 6.135   -0.353  11.771  1.00 12.24 ? 122 ARG A CZ  1 
ATOM   991  N  NH1 . ARG A 1 134 ? 6.009   -1.679  11.556  1.00 13.53 ? 122 ARG A NH1 1 
ATOM   992  N  NH2 . ARG A 1 134 ? 7.289   0.263   11.519  1.00 12.30 ? 122 ARG A NH2 1 
ATOM   993  N  N   . GLU A 1 135 ? -1.411  -0.914  13.868  1.00 11.39 ? 123 GLU A N   1 
ATOM   994  C  CA  . GLU A 1 135 ? -2.497  -1.696  14.487  1.00 11.90 ? 123 GLU A CA  1 
ATOM   995  C  C   . GLU A 1 135 ? -3.511  -1.994  13.392  1.00 12.39 ? 123 GLU A C   1 
ATOM   996  O  O   . GLU A 1 135 ? -3.386  -1.477  12.275  1.00 11.71 ? 123 GLU A O   1 
ATOM   997  C  CB  . GLU A 1 135 ? -3.209  -0.912  15.587  1.00 13.10 ? 123 GLU A CB  1 
ATOM   998  C  CG  . GLU A 1 135 ? -2.269  -0.472  16.716  1.00 13.85 ? 123 GLU A CG  1 
ATOM   999  C  CD  . GLU A 1 135 ? -3.040  0.018   17.929  1.00 15.77 ? 123 GLU A CD  1 
ATOM   1000 O  OE1 . GLU A 1 135 ? -4.246  0.384   17.810  1.00 12.78 ? 123 GLU A OE1 1 
ATOM   1001 O  OE2 . GLU A 1 135 ? -2.431  0.057   19.014  1.00 19.17 ? 123 GLU A OE2 1 
ATOM   1002 N  N   . PRO A 1 136 ? -4.553  -2.796  13.692  1.00 11.95 ? 124 PRO A N   1 
ATOM   1003 C  CA  . PRO A 1 136 ? -5.537  -3.108  12.642  1.00 11.90 ? 124 PRO A CA  1 
ATOM   1004 C  C   . PRO A 1 136 ? -6.498  -1.998  12.209  1.00 12.76 ? 124 PRO A C   1 
ATOM   1005 O  O   . PRO A 1 136 ? -7.369  -2.237  11.359  1.00 15.39 ? 124 PRO A O   1 
ATOM   1006 C  CB  . PRO A 1 136 ? -6.292  -4.332  13.199  1.00 13.70 ? 124 PRO A CB  1 
ATOM   1007 C  CG  . PRO A 1 136 ? -5.312  -4.935  14.181  1.00 14.60 ? 124 PRO A CG  1 
ATOM   1008 C  CD  . PRO A 1 136 ? -4.677  -3.727  14.834  1.00 12.35 ? 124 PRO A CD  1 
ATOM   1009 N  N   . ASP A 1 137 ? -6.356  -0.810  12.790  1.00 12.37 ? 125 ASP A N   1 
ATOM   1010 C  CA  . ASP A 1 137 ? -7.177  0.352   12.407  1.00 12.01 ? 125 ASP A CA  1 
ATOM   1011 C  C   . ASP A 1 137 ? -6.351  1.602   12.697  1.00 13.14 ? 125 ASP A C   1 
ATOM   1012 O  O   . ASP A 1 137 ? -5.273  1.527   13.304  1.00 12.36 ? 125 ASP A O   1 
ATOM   1013 C  CB  . ASP A 1 137 ? -8.496  0.378   13.202  1.00 13.23 ? 125 ASP A CB  1 
ATOM   1014 C  CG  . ASP A 1 137 ? -9.590  1.147   12.497  1.00 19.59 ? 125 ASP A CG  1 
ATOM   1015 O  OD1 . ASP A 1 137 ? -9.340  1.740   11.422  1.00 15.37 ? 125 ASP A OD1 1 
ATOM   1016 O  OD2 . ASP A 1 137 ? -10.725 1.154   13.020  1.00 18.19 ? 125 ASP A OD2 1 
ATOM   1017 N  N   . LEU A 1 138 ? -6.855  2.748   12.257  1.00 12.01 ? 126 LEU A N   1 
ATOM   1018 C  CA  . LEU A 1 138 ? -6.190  4.034   12.445  1.00 9.41  ? 126 LEU A CA  1 
ATOM   1019 C  C   . LEU A 1 138 ? -7.249  5.045   12.866  1.00 10.31 ? 126 LEU A C   1 
ATOM   1020 O  O   . LEU A 1 138 ? -8.440  4.796   12.735  1.00 13.39 ? 126 LEU A O   1 
ATOM   1021 C  CB  . LEU A 1 138 ? -5.538  4.503   11.124  1.00 9.83  ? 126 LEU A CB  1 
ATOM   1022 C  CG  . LEU A 1 138 ? -4.186  3.847   10.841  1.00 9.78  ? 126 LEU A CG  1 
ATOM   1023 C  CD1 . LEU A 1 138 ? -3.732  4.195   9.398   1.00 10.18 ? 126 LEU A CD1 1 
ATOM   1024 C  CD2 . LEU A 1 138 ? -3.140  4.348   11.822  1.00 12.70 ? 126 LEU A CD2 1 
ATOM   1025 N  N   . SER A 1 139 ? -6.802  6.189   13.365  1.00 12.04 ? 127 SER A N   1 
ATOM   1026 C  CA  . SER A 1 139 ? -7.740  7.229   13.790  1.00 13.84 ? 127 SER A CA  1 
ATOM   1027 C  C   . SER A 1 139 ? -8.465  7.831   12.593  1.00 16.22 ? 127 SER A C   1 
ATOM   1028 O  O   . SER A 1 139 ? -7.982  7.795   11.458  1.00 13.78 ? 127 SER A O   1 
ATOM   1029 C  CB  . SER A 1 139 ? -7.000  8.350   14.507  1.00 15.74 ? 127 SER A CB  1 
ATOM   1030 O  OG  . SER A 1 139 ? -6.134  9.044   13.621  1.00 15.95 ? 127 SER A OG  1 
ATOM   1031 N  N   . SER A 1 140 ? -9.618  8.424   12.860  1.00 15.80 ? 128 SER A N   1 
ATOM   1032 C  CA  . SER A 1 140 ? -10.393 9.032   11.790  1.00 16.07 ? 128 SER A CA  1 
ATOM   1033 C  C   . SER A 1 140 ? -9.596  10.200  11.195  1.00 18.47 ? 128 SER A C   1 
ATOM   1034 O  O   . SER A 1 140 ? -9.717  10.476  9.993   1.00 18.33 ? 128 SER A O   1 
ATOM   1035 C  CB  . SER A 1 140 ? -11.756 9.504   12.331  1.00 19.09 ? 128 SER A CB  1 
ATOM   1036 O  OG  . SER A 1 140 ? -11.564 10.508  13.286  1.00 26.85 ? 128 SER A OG  1 
ATOM   1037 N  N   . ASP A 1 141 ? -8.780  10.887  12.000  1.00 17.12 ? 129 ASP A N   1 
ATOM   1038 C  CA  . ASP A 1 141 ? -7.971  12.000  11.474  1.00 19.05 ? 129 ASP A CA  1 
ATOM   1039 C  C   . ASP A 1 141 ? -6.924  11.513  10.456  1.00 16.41 ? 129 ASP A C   1 
ATOM   1040 O  O   . ASP A 1 141 ? -6.701  12.173  9.431   1.00 15.38 ? 129 ASP A O   1 
ATOM   1041 C  CB  . ASP A 1 141 ? -7.282  12.768  12.603  1.00 26.31 ? 129 ASP A CB  1 
ATOM   1042 C  CG  . ASP A 1 141 ? -8.265  13.551  13.444  1.00 37.66 ? 129 ASP A CG  1 
ATOM   1043 O  OD1 . ASP A 1 141 ? -9.389  13.804  12.955  1.00 41.26 ? 129 ASP A OD1 1 
ATOM   1044 O  OD2 . ASP A 1 141 ? -7.913  13.918  14.580  1.00 45.48 ? 129 ASP A OD2 1 
ATOM   1045 N  N   . ILE A 1 142 ? -6.271  10.376  10.733  1.00 13.06 ? 130 ILE A N   1 
ATOM   1046 C  CA  . ILE A 1 142 ? -5.299  9.852   9.758   1.00 11.28 ? 130 ILE A CA  1 
ATOM   1047 C  C   . ILE A 1 142 ? -6.049  9.389   8.513   1.00 13.00 ? 130 ILE A C   1 
ATOM   1048 O  O   . ILE A 1 142 ? -5.576  9.566   7.384   1.00 13.93 ? 130 ILE A O   1 
ATOM   1049 C  CB  . ILE A 1 142 ? -4.450  8.699   10.371  1.00 14.59 ? 130 ILE A CB  1 
ATOM   1050 C  CG1 . ILE A 1 142 ? -3.535  9.280   11.453  1.00 20.04 ? 130 ILE A CG1 1 
ATOM   1051 C  CG2 . ILE A 1 142 ? -3.615  8.005   9.262   1.00 14.54 ? 130 ILE A CG2 1 
ATOM   1052 C  CD1 . ILE A 1 142 ? -2.681  10.403  10.969  1.00 23.32 ? 130 ILE A CD1 1 
ATOM   1053 N  N   . LYS A 1 143 ? -7.222  8.805   8.696   1.00 12.28 ? 131 LYS A N   1 
ATOM   1054 C  CA  . LYS A 1 143 ? -7.999  8.366   7.539   1.00 10.57 ? 131 LYS A CA  1 
ATOM   1055 C  C   . LYS A 1 143 ? -8.362  9.594   6.673   1.00 13.32 ? 131 LYS A C   1 
ATOM   1056 O  O   . LYS A 1 143 ? -8.385  9.504   5.438   1.00 13.79 ? 131 LYS A O   1 
ATOM   1057 C  CB  . LYS A 1 143 ? -9.256  7.627   8.009   1.00 10.87 ? 131 LYS A CB  1 
ATOM   1058 C  CG  . LYS A 1 143 ? -8.908  6.269   8.636   1.00 12.33 ? 131 LYS A CG  1 
ATOM   1059 C  CD  . LYS A 1 143 ? -10.176 5.491   8.953   1.00 13.45 ? 131 LYS A CD  1 
ATOM   1060 C  CE  . LYS A 1 143 ? -9.838  4.132   9.520   1.00 13.42 ? 131 LYS A CE  1 
ATOM   1061 N  NZ  . LYS A 1 143 ? -11.055 3.327   9.861   1.00 14.05 ? 131 LYS A NZ  1 
ATOM   1062 N  N   . GLU A 1 144 ? -8.644  10.728  7.317   1.00 10.84 ? 132 GLU A N   1 
ATOM   1063 C  CA  . GLU A 1 144 ? -8.969  11.945  6.545   1.00 11.02 ? 132 GLU A CA  1 
ATOM   1064 C  C   . GLU A 1 144 ? -7.738  12.469  5.792   1.00 13.64 ? 132 GLU A C   1 
ATOM   1065 O  O   . GLU A 1 144 ? -7.849  12.884  4.624   1.00 12.09 ? 132 GLU A O   1 
ATOM   1066 C  CB  . GLU A 1 144 ? -9.557  13.016  7.489   1.00 15.37 ? 132 GLU A CB  1 
ATOM   1067 C  CG  . GLU A 1 144 ? -9.840  14.366  6.827   1.00 15.38 ? 132 GLU A CG  1 
ATOM   1068 C  CD  . GLU A 1 144 ? -10.899 14.309  5.723   1.00 12.98 ? 132 GLU A CD  1 
ATOM   1069 O  OE1 . GLU A 1 144 ? -11.601 13.284  5.561   1.00 14.83 ? 132 GLU A OE1 1 
ATOM   1070 O  OE2 . GLU A 1 144 ? -11.019 15.337  5.021   1.00 14.91 ? 132 GLU A OE2 1 
ATOM   1071 N  N   . ARG A 1 145 ? -6.562  12.414  6.427   1.00 12.53 ? 133 ARG A N   1 
ATOM   1072 C  CA  . ARG A 1 145 ? -5.341  12.866  5.762   1.00 12.90 ? 133 ARG A CA  1 
ATOM   1073 C  C   . ARG A 1 145 ? -5.118  11.975  4.531   1.00 12.20 ? 133 ARG A C   1 
ATOM   1074 O  O   . ARG A 1 145 ? -4.678  12.460  3.490   1.00 12.24 ? 133 ARG A O   1 
ATOM   1075 C  CB  . ARG A 1 145 ? -4.136  12.765  6.699   1.00 12.09 ? 133 ARG A CB  1 
ATOM   1076 C  CG  . ARG A 1 145 ? -4.173  13.793  7.861   1.00 17.79 ? 133 ARG A CG  1 
ATOM   1077 C  CD  . ARG A 1 145 ? -2.888  13.668  8.732   1.00 18.50 ? 133 ARG A CD  1 
ATOM   1078 N  NE  . ARG A 1 145 ? -1.698  13.991  7.948   1.00 23.22 ? 133 ARG A NE  1 
ATOM   1079 C  CZ  . ARG A 1 145 ? -0.441  13.742  8.318   1.00 25.99 ? 133 ARG A CZ  1 
ATOM   1080 N  NH1 . ARG A 1 145 ? -0.183  13.153  9.481   1.00 23.71 ? 133 ARG A NH1 1 
ATOM   1081 N  NH2 . ARG A 1 145 ? 0.567   14.085  7.515   1.00 26.71 ? 133 ARG A NH2 1 
ATOM   1082 N  N   . PHE A 1 146 ? -5.426  10.682  4.658   1.00 12.85 ? 134 PHE A N   1 
ATOM   1083 C  CA  . PHE A 1 146 ? -5.296  9.792   3.514   1.00 9.93  ? 134 PHE A CA  1 
ATOM   1084 C  C   . PHE A 1 146 ? -6.279  10.191  2.388   1.00 13.67 ? 134 PHE A C   1 
ATOM   1085 O  O   . PHE A 1 146 ? -5.933  10.169  1.214   1.00 11.62 ? 134 PHE A O   1 
ATOM   1086 C  CB  . PHE A 1 146 ? -5.527  8.340   3.937   1.00 10.45 ? 134 PHE A CB  1 
ATOM   1087 C  CG  . PHE A 1 146 ? -5.376  7.352   2.802   1.00 10.28 ? 134 PHE A CG  1 
ATOM   1088 C  CD1 . PHE A 1 146 ? -4.140  7.107   2.224   1.00 10.48 ? 134 PHE A CD1 1 
ATOM   1089 C  CD2 . PHE A 1 146 ? -6.485  6.657   2.336   1.00 11.31 ? 134 PHE A CD2 1 
ATOM   1090 C  CE1 . PHE A 1 146 ? -3.996  6.173   1.205   1.00 10.32 ? 134 PHE A CE1 1 
ATOM   1091 C  CE2 . PHE A 1 146 ? -6.371  5.699   1.303   1.00 10.43 ? 134 PHE A CE2 1 
ATOM   1092 C  CZ  . PHE A 1 146 ? -5.125  5.447   0.731   1.00 9.00  ? 134 PHE A CZ  1 
ATOM   1093 N  N   . ALA A 1 147 ? -7.511  10.539  2.747   1.00 10.86 ? 135 ALA A N   1 
ATOM   1094 C  CA  . ALA A 1 147 ? -8.469  10.956  1.725   1.00 10.74 ? 135 ALA A CA  1 
ATOM   1095 C  C   . ALA A 1 147 ? -7.969  12.192  1.009   1.00 13.45 ? 135 ALA A C   1 
ATOM   1096 O  O   . ALA A 1 147 ? -8.174  12.319  -0.201  1.00 11.25 ? 135 ALA A O   1 
ATOM   1097 C  CB  . ALA A 1 147 ? -9.812  11.221  2.368   1.00 12.13 ? 135 ALA A CB  1 
ATOM   1098 N  N   . GLN A 1 148 ? -7.334  13.100  1.750   1.00 11.58 ? 136 GLN A N   1 
ATOM   1099 C  CA  . GLN A 1 148 ? -6.778  14.304  1.135   1.00 12.81 ? 136 GLN A CA  1 
ATOM   1100 C  C   . GLN A 1 148 ? -5.641  13.932  0.178   1.00 12.80 ? 136 GLN A C   1 
ATOM   1101 O  O   . GLN A 1 148 ? -5.540  14.511  -0.906  1.00 12.05 ? 136 GLN A O   1 
ATOM   1102 C  CB  . GLN A 1 148 ? -6.261  15.279  2.205   1.00 12.11 ? 136 GLN A CB  1 
ATOM   1103 C  CG  . GLN A 1 148 ? -7.366  15.832  3.095   1.00 12.26 ? 136 GLN A CG  1 
ATOM   1104 C  CD  . GLN A 1 148 ? -8.426  16.640  2.308   1.00 11.10 ? 136 GLN A CD  1 
ATOM   1105 O  OE1 . GLN A 1 148 ? -9.644  16.597  2.622   1.00 16.31 ? 136 GLN A OE1 1 
ATOM   1106 N  NE2 . GLN A 1 148 ? -7.979  17.385  1.309   1.00 10.46 ? 136 GLN A NE2 1 
ATOM   1107 N  N   . LEU A 1 149 ? -4.791  12.971  0.550   1.00 11.52 ? 137 LEU A N   1 
ATOM   1108 C  CA  . LEU A 1 149 ? -3.702  12.567  -0.337  1.00 9.92  ? 137 LEU A CA  1 
ATOM   1109 C  C   . LEU A 1 149 ? -4.269  11.923  -1.616  1.00 14.96 ? 137 LEU A C   1 
ATOM   1110 O  O   . LEU A 1 149 ? -3.762  12.162  -2.731  1.00 12.99 ? 137 LEU A O   1 
ATOM   1111 C  CB  . LEU A 1 149 ? -2.754  11.605  0.399   1.00 11.36 ? 137 LEU A CB  1 
ATOM   1112 C  CG  . LEU A 1 149 ? -1.498  11.214  -0.377  1.00 16.65 ? 137 LEU A CG  1 
ATOM   1113 C  CD1 . LEU A 1 149 ? -0.543  12.424  -0.455  1.00 21.83 ? 137 LEU A CD1 1 
ATOM   1114 C  CD2 . LEU A 1 149 ? -0.839  10.013  0.312   1.00 16.20 ? 137 LEU A CD2 1 
ATOM   1115 N  N   . CYS A 1 150 ? -5.335  11.129  -1.481  1.00 10.68 ? 138 CYS A N   1 
ATOM   1116 C  CA  . CYS A 1 150 ? -5.963  10.498  -2.651  1.00 10.60 ? 138 CYS A CA  1 
ATOM   1117 C  C   . CYS A 1 150 ? -6.512  11.584  -3.575  1.00 11.52 ? 138 CYS A C   1 
ATOM   1118 O  O   . CYS A 1 150 ? -6.371  11.513  -4.796  1.00 11.84 ? 138 CYS A O   1 
ATOM   1119 C  CB  . CYS A 1 150 ? -7.106  9.571   -2.211  1.00 11.96 ? 138 CYS A CB  1 
ATOM   1120 S  SG  . CYS A 1 150 ? -6.512  8.036   -1.457  1.00 11.68 ? 138 CYS A SG  1 
ATOM   1121 N  N   . GLU A 1 151 ? -7.140  12.594  -2.991  1.00 10.12 ? 139 GLU A N   1 
ATOM   1122 C  CA  . GLU A 1 151 ? -7.685  13.714  -3.783  1.00 9.49  ? 139 GLU A CA  1 
ATOM   1123 C  C   . GLU A 1 151 ? -6.589  14.412  -4.604  1.00 10.78 ? 139 GLU A C   1 
ATOM   1124 O  O   . GLU A 1 151 ? -6.817  14.819  -5.759  1.00 10.34 ? 139 GLU A O   1 
ATOM   1125 C  CB  . GLU A 1 151 ? -8.381  14.718  -2.835  1.00 11.03 ? 139 GLU A CB  1 
ATOM   1126 C  CG  . GLU A 1 151 ? -8.853  16.061  -3.511  1.00 12.65 ? 139 GLU A CG  1 
ATOM   1127 C  CD  . GLU A 1 151 ? -9.637  16.955  -2.543  1.00 12.88 ? 139 GLU A CD  1 
ATOM   1128 O  OE1 . GLU A 1 151 ? -10.076 18.060  -2.945  1.00 11.74 ? 139 GLU A OE1 1 
ATOM   1129 O  OE2 . GLU A 1 151 ? -9.823  16.538  -1.382  1.00 10.41 ? 139 GLU A OE2 1 
ATOM   1130 N  N   . GLU A 1 152 ? -5.399  14.540  -4.019  1.00 11.05 ? 140 GLU A N   1 
ATOM   1131 C  CA  . GLU A 1 152 ? -4.272  15.207  -4.695  1.00 10.47 ? 140 GLU A CA  1 
ATOM   1132 C  C   . GLU A 1 152 ? -3.810  14.400  -5.886  1.00 13.00 ? 140 GLU A C   1 
ATOM   1133 O  O   . GLU A 1 152 ? -3.078  14.906  -6.736  1.00 13.38 ? 140 GLU A O   1 
ATOM   1134 C  CB  . GLU A 1 152 ? -3.097  15.380  -3.722  1.00 11.84 ? 140 GLU A CB  1 
ATOM   1135 C  CG  . GLU A 1 152 ? -3.352  16.473  -2.709  1.00 14.92 ? 140 GLU A CG  1 
ATOM   1136 C  CD  . GLU A 1 152 ? -2.370  16.467  -1.549  1.00 25.45 ? 140 GLU A CD  1 
ATOM   1137 O  OE1 . GLU A 1 152 ? -1.366  15.740  -1.608  1.00 26.86 ? 140 GLU A OE1 1 
ATOM   1138 O  OE2 . GLU A 1 152 ? -2.611  17.204  -0.580  1.00 30.53 ? 140 GLU A OE2 1 
ATOM   1139 N  N   . HIS A 1 153 ? -4.213  13.135  -5.936  1.00 11.19 ? 141 HIS A N   1 
ATOM   1140 C  CA  . HIS A 1 153 ? -3.862  12.253  -7.046  1.00 11.21 ? 141 HIS A CA  1 
ATOM   1141 C  C   . HIS A 1 153 ? -5.041  11.961  -7.966  1.00 13.70 ? 141 HIS A C   1 
ATOM   1142 O  O   . HIS A 1 153 ? -4.970  11.044  -8.793  1.00 13.43 ? 141 HIS A O   1 
ATOM   1143 C  CB  . HIS A 1 153 ? -3.282  10.945  -6.502  1.00 12.06 ? 141 HIS A CB  1 
ATOM   1144 C  CG  . HIS A 1 153 ? -1.921  11.117  -5.917  1.00 15.37 ? 141 HIS A CG  1 
ATOM   1145 N  ND1 . HIS A 1 153 ? -0.777  11.011  -6.681  1.00 20.97 ? 141 HIS A ND1 1 
ATOM   1146 C  CD2 . HIS A 1 153 ? -1.520  11.485  -4.676  1.00 13.69 ? 141 HIS A CD2 1 
ATOM   1147 C  CE1 . HIS A 1 153 ? 0.272   11.301  -5.932  1.00 18.03 ? 141 HIS A CE1 1 
ATOM   1148 N  NE2 . HIS A 1 153 ? -0.146  11.592  -4.717  1.00 20.32 ? 141 HIS A NE2 1 
ATOM   1149 N  N   . GLY A 1 154 ? -6.130  12.714  -7.805  1.00 10.49 ? 142 GLY A N   1 
ATOM   1150 C  CA  . GLY A 1 154 ? -7.284  12.538  -8.671  1.00 12.43 ? 142 GLY A CA  1 
ATOM   1151 C  C   . GLY A 1 154 ? -8.125  11.295  -8.398  1.00 10.74 ? 142 GLY A C   1 
ATOM   1152 O  O   . GLY A 1 154 ? -8.791  10.775  -9.312  1.00 12.72 ? 142 GLY A O   1 
ATOM   1153 N  N   . ILE A 1 155 ? -8.115  10.816  -7.147  1.00 12.88 ? 143 ILE A N   1 
ATOM   1154 C  CA  . ILE A 1 155 ? -8.903  9.649   -6.789  1.00 12.86 ? 143 ILE A CA  1 
ATOM   1155 C  C   . ILE A 1 155 ? -10.006 10.112  -5.853  1.00 12.72 ? 143 ILE A C   1 
ATOM   1156 O  O   . ILE A 1 155 ? -9.750  10.636  -4.771  1.00 15.58 ? 143 ILE A O   1 
ATOM   1157 C  CB  . ILE A 1 155 ? -8.034  8.567   -6.099  1.00 12.11 ? 143 ILE A CB  1 
ATOM   1158 C  CG1 . ILE A 1 155 ? -6.929  8.079   -7.062  1.00 13.55 ? 143 ILE A CG1 1 
ATOM   1159 C  CG2 . ILE A 1 155 ? -8.923  7.397   -5.673  1.00 13.10 ? 143 ILE A CG2 1 
ATOM   1160 C  CD1 . ILE A 1 155 ? -5.897  7.150   -6.414  1.00 14.44 ? 143 ILE A CD1 1 
ATOM   1161 N  N   . LEU A 1 156 ? -11.234 9.961   -6.340  1.00 15.57 ? 144 LEU A N   1 
ATOM   1162 C  CA  . LEU A 1 156 ? -12.449 10.349  -5.631  1.00 16.67 ? 144 LEU A CA  1 
ATOM   1163 C  C   . LEU A 1 156 ? -12.640 9.493   -4.384  1.00 15.55 ? 144 LEU A C   1 
ATOM   1164 O  O   . LEU A 1 156 ? -12.206 8.347   -4.372  1.00 15.00 ? 144 LEU A O   1 
ATOM   1165 C  CB  . LEU A 1 156 ? -13.643 10.128  -6.562  1.00 17.35 ? 144 LEU A CB  1 
ATOM   1166 C  CG  . LEU A 1 156 ? -13.802 11.037  -7.782  1.00 23.03 ? 144 LEU A CG  1 
ATOM   1167 C  CD1 . LEU A 1 156 ? -14.871 10.469  -8.722  1.00 22.37 ? 144 LEU A CD1 1 
ATOM   1168 C  CD2 . LEU A 1 156 ? -14.175 12.430  -7.313  1.00 20.06 ? 144 LEU A CD2 1 
ATOM   1169 N  N   . ARG A 1 157 ? -13.299 10.037  -3.353  1.00 15.45 ? 145 ARG A N   1 
ATOM   1170 C  CA  . ARG A 1 157 ? -13.560 9.272   -2.139  1.00 16.34 ? 145 ARG A CA  1 
ATOM   1171 C  C   . ARG A 1 157 ? -14.429 8.069   -2.426  1.00 15.12 ? 145 ARG A C   1 
ATOM   1172 O  O   . ARG A 1 157 ? -14.327 7.036   -1.749  1.00 14.21 ? 145 ARG A O   1 
ATOM   1173 C  CB  . ARG A 1 157 ? -14.259 10.129  -1.083  1.00 17.14 ? 145 ARG A CB  1 
ATOM   1174 C  CG  . ARG A 1 157 ? -13.330 11.056  -0.313  1.00 16.20 ? 145 ARG A CG  1 
ATOM   1175 C  CD  . ARG A 1 157 ? -14.158 12.148  0.386   1.00 18.64 ? 145 ARG A CD  1 
ATOM   1176 N  NE  . ARG A 1 157 ? -13.302 13.212  0.902   1.00 16.41 ? 145 ARG A NE  1 
ATOM   1177 C  CZ  . ARG A 1 157 ? -12.873 13.289  2.164   1.00 14.55 ? 145 ARG A CZ  1 
ATOM   1178 N  NH1 . ARG A 1 157 ? -13.221 12.366  3.050   1.00 18.46 ? 145 ARG A NH1 1 
ATOM   1179 N  NH2 . ARG A 1 157 ? -12.103 14.305  2.523   1.00 17.22 ? 145 ARG A NH2 1 
ATOM   1180 N  N   . GLU A 1 158 ? -15.288 8.170   -3.440  1.00 14.66 ? 146 GLU A N   1 
ATOM   1181 C  CA  . GLU A 1 158 ? -16.128 7.031   -3.727  1.00 15.29 ? 146 GLU A CA  1 
ATOM   1182 C  C   . GLU A 1 158 ? -15.286 5.853   -4.231  1.00 15.81 ? 146 GLU A C   1 
ATOM   1183 O  O   . GLU A 1 158 ? -15.796 4.742   -4.335  1.00 17.02 ? 146 GLU A O   1 
ATOM   1184 C  CB  . GLU A 1 158 ? -17.232 7.410   -4.721  1.00 16.99 ? 146 GLU A CB  1 
ATOM   1185 C  CG  . GLU A 1 158 ? -16.695 7.905   -6.042  1.00 27.17 ? 146 GLU A CG  1 
ATOM   1186 C  CD  . GLU A 1 158 ? -17.803 8.340   -6.986  1.00 42.51 ? 146 GLU A CD  1 
ATOM   1187 O  OE1 . GLU A 1 158 ? -18.702 9.086   -6.540  1.00 41.63 ? 146 GLU A OE1 1 
ATOM   1188 O  OE2 . GLU A 1 158 ? -17.765 7.941   -8.172  1.00 41.41 ? 146 GLU A OE2 1 
ATOM   1189 N  N   . ASN A 1 159 ? -13.999 6.099   -4.530  1.00 13.25 ? 147 ASN A N   1 
ATOM   1190 C  CA  . ASN A 1 159 ? -13.085 5.038   -4.974  1.00 12.57 ? 147 ASN A CA  1 
ATOM   1191 C  C   . ASN A 1 159 ? -12.097 4.665   -3.851  1.00 12.51 ? 147 ASN A C   1 
ATOM   1192 O  O   . ASN A 1 159 ? -11.048 4.036   -4.101  1.00 13.41 ? 147 ASN A O   1 
ATOM   1193 C  CB  . ASN A 1 159 ? -12.287 5.481   -6.210  1.00 12.93 ? 147 ASN A CB  1 
ATOM   1194 C  CG  . ASN A 1 159 ? -13.135 5.526   -7.470  1.00 19.28 ? 147 ASN A CG  1 
ATOM   1195 O  OD1 . ASN A 1 159 ? -12.730 6.128   -8.464  1.00 33.45 ? 147 ASN A OD1 1 
ATOM   1196 N  ND2 . ASN A 1 159 ? -14.296 4.894   -7.442  1.00 15.64 ? 147 ASN A ND2 1 
ATOM   1197 N  N   . ILE A 1 160 ? -12.437 5.043   -2.614  1.00 12.77 ? 148 ILE A N   1 
ATOM   1198 C  CA  . ILE A 1 160 ? -11.611 4.755   -1.441  1.00 11.72 ? 148 ILE A CA  1 
ATOM   1199 C  C   . ILE A 1 160 ? -12.409 3.757   -0.602  1.00 15.56 ? 148 ILE A C   1 
ATOM   1200 O  O   . ILE A 1 160 ? -13.540 4.047   -0.221  1.00 18.27 ? 148 ILE A O   1 
ATOM   1201 C  CB  . ILE A 1 160 ? -11.365 6.068   -0.647  1.00 10.55 ? 148 ILE A CB  1 
ATOM   1202 C  CG1 . ILE A 1 160 ? -10.623 7.076   -1.541  1.00 13.17 ? 148 ILE A CG1 1 
ATOM   1203 C  CG2 . ILE A 1 160 ? -10.563 5.780   0.654   1.00 13.11 ? 148 ILE A CG2 1 
ATOM   1204 C  CD1 . ILE A 1 160 ? -10.393 8.431   -0.815  1.00 12.50 ? 148 ILE A CD1 1 
ATOM   1205 N  N   . ILE A 1 161 ? -11.819 2.599   -0.305  1.00 13.46 ? 149 ILE A N   1 
ATOM   1206 C  CA  . ILE A 1 161 ? -12.507 1.547   0.445   1.00 13.97 ? 149 ILE A CA  1 
ATOM   1207 C  C   . ILE A 1 161 ? -11.826 1.257   1.779   1.00 14.60 ? 149 ILE A C   1 
ATOM   1208 O  O   . ILE A 1 161 ? -10.673 0.828   1.818   1.00 12.18 ? 149 ILE A O   1 
ATOM   1209 C  CB  . ILE A 1 161 ? -12.567 0.244   -0.400  1.00 14.64 ? 149 ILE A CB  1 
ATOM   1210 C  CG1 . ILE A 1 161 ? -13.193 0.556   -1.784  1.00 16.28 ? 149 ILE A CG1 1 
ATOM   1211 C  CG2 . ILE A 1 161 ? -13.378 -0.837  0.337   1.00 14.80 ? 149 ILE A CG2 1 
ATOM   1212 C  CD1 . ILE A 1 161 ? -13.338 -0.677  -2.675  1.00 15.04 ? 149 ILE A CD1 1 
ATOM   1213 N  N   . ASP A 1 162 ? -12.542 1.515   2.876   1.00 13.72 ? 150 ASP A N   1 
ATOM   1214 C  CA  . ASP A 1 162 ? -12.007 1.241   4.213   1.00 13.59 ? 150 ASP A CA  1 
ATOM   1215 C  C   . ASP A 1 162 ? -12.198 -0.270  4.449   1.00 17.97 ? 150 ASP A C   1 
ATOM   1216 O  O   . ASP A 1 162 ? -13.328 -0.781  4.410   1.00 17.81 ? 150 ASP A O   1 
ATOM   1217 C  CB  . ASP A 1 162 ? -12.773 2.071   5.246   1.00 15.51 ? 150 ASP A CB  1 
ATOM   1218 C  CG  . ASP A 1 162 ? -12.219 1.930   6.648   1.00 16.62 ? 150 ASP A CG  1 
ATOM   1219 O  OD1 . ASP A 1 162 ? -11.838 0.811   7.014   1.00 16.88 ? 150 ASP A OD1 1 
ATOM   1220 O  OD2 . ASP A 1 162 ? -12.199 2.950   7.383   1.00 20.42 ? 150 ASP A OD2 1 
ATOM   1221 N  N   . LEU A 1 163 ? -11.094 -0.982  4.697   1.00 13.85 ? 151 LEU A N   1 
ATOM   1222 C  CA  . LEU A 1 163 ? -11.135 -2.421  4.887   1.00 15.14 ? 151 LEU A CA  1 
ATOM   1223 C  C   . LEU A 1 163 ? -10.795 -2.807  6.321   1.00 18.56 ? 151 LEU A C   1 
ATOM   1224 O  O   . LEU A 1 163 ? -10.514 -3.974  6.600   1.00 21.56 ? 151 LEU A O   1 
ATOM   1225 C  CB  . LEU A 1 163 ? -10.150 -3.093  3.911   1.00 13.33 ? 151 LEU A CB  1 
ATOM   1226 C  CG  . LEU A 1 163 ? -10.496 -2.863  2.432   1.00 15.46 ? 151 LEU A CG  1 
ATOM   1227 C  CD1 . LEU A 1 163 ? -9.357  -3.304  1.512   1.00 17.38 ? 151 LEU A CD1 1 
ATOM   1228 C  CD2 . LEU A 1 163 ? -11.776 -3.656  2.109   1.00 20.62 ? 151 LEU A CD2 1 
ATOM   1229 N  N   . SER A 1 164 ? -10.838 -1.834  7.221   1.00 17.20 ? 152 SER A N   1 
ATOM   1230 C  CA  . SER A 1 164 ? -10.492 -2.096  8.619   1.00 22.60 ? 152 SER A CA  1 
ATOM   1231 C  C   . SER A 1 164 ? -11.444 -3.080  9.307   1.00 26.81 ? 152 SER A C   1 
ATOM   1232 O  O   . SER A 1 164 ? -11.106 -3.643  10.343  1.00 31.12 ? 152 SER A O   1 
ATOM   1233 C  CB  . SER A 1 164 ? -10.402 -0.791  9.418   1.00 19.29 ? 152 SER A CB  1 
ATOM   1234 O  OG  . SER A 1 164 ? -11.640 -0.105  9.477   1.00 19.34 ? 152 SER A OG  1 
ATOM   1235 N  N   . ASN A 1 165 ? -12.622 -3.285  8.734   1.00 33.98 ? 153 ASN A N   1 
ATOM   1236 C  CA  . ASN A 1 165 ? -13.573 -4.241  9.300   1.00 42.96 ? 153 ASN A CA  1 
ATOM   1237 C  C   . ASN A 1 165 ? -13.523 -5.582  8.562   1.00 44.58 ? 153 ASN A C   1 
ATOM   1238 O  O   . ASN A 1 165 ? -14.428 -6.420  8.709   1.00 44.00 ? 153 ASN A O   1 
ATOM   1239 C  CB  . ASN A 1 165 ? -14.991 -3.683  9.248   1.00 50.68 ? 153 ASN A CB  1 
ATOM   1240 C  CG  . ASN A 1 165 ? -15.239 -2.634  10.310  1.00 61.03 ? 153 ASN A CG  1 
ATOM   1241 O  OD1 . ASN A 1 165 ? -15.021 -2.877  11.499  1.00 65.73 ? 153 ASN A OD1 1 
ATOM   1242 N  ND2 . ASN A 1 165 ? -15.702 -1.459  9.889   1.00 67.54 ? 153 ASN A ND2 1 
ATOM   1243 N  N   . ALA A 1 166 ? -12.466 -5.793  7.780   1.00 41.87 ? 154 ALA A N   1 
ATOM   1244 C  CA  . ALA A 1 166 ? -12.319 -7.037  7.020   1.00 42.95 ? 154 ALA A CA  1 
ATOM   1245 C  C   . ALA A 1 166 ? -10.867 -7.453  6.774   1.00 43.11 ? 154 ALA A C   1 
ATOM   1246 O  O   . ALA A 1 166 ? -10.608 -8.255  5.873   1.00 43.58 ? 154 ALA A O   1 
ATOM   1247 C  CB  . ALA A 1 166 ? -13.033 -6.902  5.689   1.00 42.66 ? 154 ALA A CB  1 
ATOM   1248 N  N   . ASN A 1 167 ? -9.929  -6.928  7.564   1.00 44.15 ? 155 ASN A N   1 
ATOM   1249 C  CA  . ASN A 1 167 ? -8.514  -7.250  7.359   1.00 45.02 ? 155 ASN A CA  1 
ATOM   1250 C  C   . ASN A 1 167 ? -7.939  -8.399  8.192   1.00 48.47 ? 155 ASN A C   1 
ATOM   1251 O  O   . ASN A 1 167 ? -6.734  -8.659  8.149   1.00 47.24 ? 155 ASN A O   1 
ATOM   1252 C  CB  . ASN A 1 167 ? -7.640  -5.975  7.516   1.00 41.53 ? 155 ASN A CB  1 
ATOM   1253 C  CG  . ASN A 1 167 ? -7.814  -5.274  8.871   1.00 44.93 ? 155 ASN A CG  1 
ATOM   1254 O  OD1 . ASN A 1 167 ? -7.245  -4.188  9.103   1.00 32.69 ? 155 ASN A OD1 1 
ATOM   1255 N  ND2 . ASN A 1 167 ? -8.591  -5.881  9.765   1.00 38.99 ? 155 ASN A ND2 1 
ATOM   1256 N  N   . ARG A 1 168 ? -8.800  -9.105  8.924   1.00 50.96 ? 156 ARG A N   1 
ATOM   1257 C  CA  . ARG A 1 168 ? -8.353  -10.229 9.747   1.00 56.21 ? 156 ARG A CA  1 
ATOM   1258 C  C   . ARG A 1 168 ? -8.904  -11.568 9.251   1.00 56.89 ? 156 ARG A C   1 
ATOM   1259 O  O   . ARG A 1 168 ? -10.054 -11.654 8.806   1.00 57.59 ? 156 ARG A O   1 
ATOM   1260 C  CB  . ARG A 1 168 ? -8.782  -10.023 11.199  1.00 60.38 ? 156 ARG A CB  1 
ATOM   1261 C  CG  . ARG A 1 168 ? -8.330  -8.708  11.804  1.00 68.31 ? 156 ARG A CG  1 
ATOM   1262 C  CD  . ARG A 1 168 ? -8.782  -8.614  13.250  1.00 72.80 ? 156 ARG A CD  1 
ATOM   1263 N  NE  . ARG A 1 168 ? -8.634  -7.271  13.798  1.00 75.65 ? 156 ARG A NE  1 
ATOM   1264 C  CZ  . ARG A 1 168 ? -9.230  -6.189  13.306  1.00 78.97 ? 156 ARG A CZ  1 
ATOM   1265 N  NH1 . ARG A 1 168 ? -10.018 -6.283  12.240  1.00 80.22 ? 156 ARG A NH1 1 
ATOM   1266 N  NH2 . ARG A 1 168 ? -9.058  -5.016  13.898  1.00 81.04 ? 156 ARG A NH2 1 
ATOM   1267 N  N   . CYS A 1 169 ? -8.078  -12.609 9.333   1.00 56.06 ? 157 CYS A N   1 
ATOM   1268 C  CA  . CYS A 1 169 ? -8.479  -13.945 8.902   1.00 56.39 ? 157 CYS A CA  1 
ATOM   1269 C  C   . CYS A 1 169 ? -9.141  -14.735 10.024  1.00 57.84 ? 157 CYS A C   1 
ATOM   1270 O  O   . CYS A 1 169 ? -9.155  -14.239 11.171  1.00 58.79 ? 157 CYS A O   1 
ATOM   1271 C  CB  . CYS A 1 169 ? -7.265  -14.716 8.384   1.00 53.98 ? 157 CYS A CB  1 
ATOM   1272 S  SG  . CYS A 1 169 ? -6.544  -13.942 6.905   1.00 51.84 ? 157 CYS A SG  1 
HETATM 1273 CD CD  . CD  B 2 .   ? -11.167 18.617  -1.096  1.00 12.88 ? 200 CD  A CD  1 
HETATM 1274 CD CD  . CD  C 2 .   ? 20.668  1.057   10.663  1.00 22.39 ? 201 CD  A CD  1 
HETATM 1275 C  CAA . HE4 D 3 .   ? 5.444   -1.243  1.521   1.00 41.05 ? 202 HE4 A CAA 1 
HETATM 1276 C  CAC . HE4 D 3 .   ? 4.090   -0.715  1.042   1.00 36.80 ? 202 HE4 A CAC 1 
HETATM 1277 C  CAE . HE4 D 3 .   ? 3.446   -1.667  0.033   1.00 36.74 ? 202 HE4 A CAE 1 
HETATM 1278 C  CAG . HE4 D 3 .   ? 2.992   -0.903  -1.214  1.00 34.90 ? 202 HE4 A CAG 1 
HETATM 1279 C  CAH . HE4 D 3 .   ? 1.590   -1.330  -1.648  1.00 31.28 ? 202 HE4 A CAH 1 
HETATM 1280 C  CAF . HE4 D 3 .   ? 0.977   -0.307  -2.607  1.00 27.13 ? 202 HE4 A CAF 1 
HETATM 1281 C  CAD . HE4 D 3 .   ? -0.086  0.540   -1.903  1.00 29.04 ? 202 HE4 A CAD 1 
HETATM 1282 O  OAB . HE4 D 3 .   ? -1.351  -0.125  -1.969  1.00 41.24 ? 202 HE4 A OAB 1 
HETATM 1283 O  O   . HOH E 4 .   ? 3.727   8.631   -6.875  1.00 3.20  ? 203 HOH A O   1 
HETATM 1284 O  O   . HOH E 4 .   ? 9.664   7.375   -12.938 1.00 9.20  ? 204 HOH A O   1 
HETATM 1285 O  O   . HOH E 4 .   ? -2.533  -11.652 -13.669 1.00 12.26 ? 205 HOH A O   1 
HETATM 1286 O  O   . HOH E 4 .   ? 5.594   9.263   16.048  1.00 13.09 ? 206 HOH A O   1 
HETATM 1287 O  O   . HOH E 4 .   ? 1.661   -2.795  -19.946 1.00 13.08 ? 207 HOH A O   1 
HETATM 1288 O  O   . HOH E 4 .   ? -2.297  -3.664  -0.127  1.00 14.75 ? 208 HOH A O   1 
HETATM 1289 O  O   . HOH E 4 .   ? -18.625 10.333  -9.116  1.00 14.26 ? 209 HOH A O   1 
HETATM 1290 O  O   . HOH E 4 .   ? -3.492  -5.050  -13.295 1.00 15.22 ? 210 HOH A O   1 
HETATM 1291 O  O   . HOH E 4 .   ? 3.372   -4.161  -18.242 1.00 14.58 ? 211 HOH A O   1 
HETATM 1292 O  O   . HOH E 4 .   ? -11.167 0.061   15.287  1.00 14.97 ? 212 HOH A O   1 
HETATM 1293 O  O   . HOH E 4 .   ? -9.369  14.424  -6.866  1.00 14.39 ? 213 HOH A O   1 
HETATM 1294 O  O   . HOH E 4 .   ? -3.963  -6.390  6.562   1.00 16.43 ? 214 HOH A O   1 
HETATM 1295 O  O   . HOH E 4 .   ? -2.797  -1.613  -15.808 1.00 15.33 ? 215 HOH A O   1 
HETATM 1296 O  O   . HOH E 4 .   ? 4.220   0.563   -13.355 1.00 14.65 ? 216 HOH A O   1 
HETATM 1297 O  O   . HOH E 4 .   ? -17.439 -1.668  -9.031  1.00 23.22 ? 217 HOH A O   1 
HETATM 1298 O  O   . HOH E 4 .   ? -2.399  1.728   13.650  1.00 15.85 ? 218 HOH A O   1 
HETATM 1299 O  O   . HOH E 4 .   ? -4.543  5.855   -14.091 1.00 15.82 ? 219 HOH A O   1 
HETATM 1300 O  O   . HOH E 4 .   ? 4.564   6.582   -6.705  1.00 19.28 ? 220 HOH A O   1 
HETATM 1301 O  O   . HOH E 4 .   ? 19.992  1.077   12.780  1.00 20.51 ? 221 HOH A O   1 
HETATM 1302 O  O   . HOH E 4 .   ? -15.387 2.398   2.822   1.00 20.61 ? 222 HOH A O   1 
HETATM 1303 O  O   . HOH E 4 .   ? -5.331  2.484   -18.916 1.00 20.06 ? 223 HOH A O   1 
HETATM 1304 O  O   . HOH E 4 .   ? -6.147  4.581   -15.450 1.00 22.47 ? 224 HOH A O   1 
HETATM 1305 O  O   . HOH E 4 .   ? -2.075  3.820   15.490  1.00 19.80 ? 225 HOH A O   1 
HETATM 1306 O  O   . HOH E 4 .   ? -4.106  6.258   14.678  1.00 17.26 ? 226 HOH A O   1 
HETATM 1307 O  O   . HOH E 4 .   ? 25.255  -7.045  0.546   1.00 30.33 ? 227 HOH A O   1 
HETATM 1308 O  O   . HOH E 4 .   ? 8.422   7.389   18.431  1.00 22.31 ? 228 HOH A O   1 
HETATM 1309 O  O   . HOH E 4 .   ? 16.657  4.921   4.170   1.00 25.87 ? 229 HOH A O   1 
HETATM 1310 O  O   . HOH E 4 .   ? -10.091 17.686  5.949   1.00 24.27 ? 230 HOH A O   1 
HETATM 1311 O  O   . HOH E 4 .   ? 9.244   3.728   17.376  1.00 23.53 ? 231 HOH A O   1 
HETATM 1312 O  O   . HOH E 4 .   ? 0.028   -0.788  20.557  1.00 24.41 ? 232 HOH A O   1 
HETATM 1313 O  O   . HOH E 4 .   ? -10.417 8.287   15.660  1.00 20.45 ? 233 HOH A O   1 
HETATM 1314 O  O   . HOH E 4 .   ? -5.258  -3.910  -22.893 1.00 21.77 ? 234 HOH A O   1 
HETATM 1315 O  O   . HOH E 4 .   ? 12.779  10.198  8.767   1.00 27.78 ? 235 HOH A O   1 
HETATM 1316 O  O   . HOH E 4 .   ? 5.730   2.834   -13.440 1.00 24.87 ? 236 HOH A O   1 
HETATM 1317 O  O   . HOH E 4 .   ? 9.835   2.101   13.312  1.00 25.56 ? 237 HOH A O   1 
HETATM 1318 O  O   . HOH E 4 .   ? 9.146   -8.842  -9.231  1.00 32.08 ? 238 HOH A O   1 
HETATM 1319 O  O   . HOH E 4 .   ? -12.690 14.571  -1.793  1.00 24.21 ? 239 HOH A O   1 
HETATM 1320 O  O   . HOH E 4 .   ? -11.231 4.994   12.724  1.00 23.62 ? 240 HOH A O   1 
HETATM 1321 O  O   . HOH E 4 .   ? -6.265  17.265  -0.970  1.00 24.54 ? 241 HOH A O   1 
HETATM 1322 O  O   . HOH E 4 .   ? 2.420   -10.194 -14.081 1.00 28.54 ? 242 HOH A O   1 
HETATM 1323 O  O   . HOH E 4 .   ? -10.447 11.821  -2.175  1.00 24.63 ? 243 HOH A O   1 
HETATM 1324 O  O   . HOH E 4 .   ? 11.159  -5.628  -9.790  1.00 26.72 ? 244 HOH A O   1 
HETATM 1325 O  O   . HOH E 4 .   ? -14.899 9.677   2.733   1.00 25.45 ? 245 HOH A O   1 
HETATM 1326 O  O   . HOH E 4 .   ? -8.746  -2.747  -19.900 1.00 36.56 ? 246 HOH A O   1 
HETATM 1327 O  O   . HOH E 4 .   ? 10.915  -7.501  -7.749  1.00 29.09 ? 247 HOH A O   1 
HETATM 1328 O  O   . HOH E 4 .   ? -10.587 -2.638  14.823  1.00 24.39 ? 248 HOH A O   1 
HETATM 1329 O  O   . HOH E 4 .   ? 0.194   -8.142  10.651  1.00 28.14 ? 249 HOH A O   1 
HETATM 1330 O  O   . HOH E 4 .   ? -10.387 14.307  -0.007  1.00 24.94 ? 250 HOH A O   1 
HETATM 1331 O  O   . HOH E 4 .   ? 18.358  -6.626  -0.838  1.00 32.55 ? 251 HOH A O   1 
HETATM 1332 O  O   . HOH E 4 .   ? -6.444  -1.700  -24.098 1.00 28.17 ? 252 HOH A O   1 
HETATM 1333 O  O   . HOH E 4 .   ? -6.458  -7.339  -12.620 1.00 25.82 ? 253 HOH A O   1 
HETATM 1334 O  O   . HOH E 4 .   ? -4.378  10.891  14.916  1.00 32.98 ? 254 HOH A O   1 
HETATM 1335 O  O   . HOH E 4 .   ? -15.523 -3.595  -1.285  1.00 37.09 ? 255 HOH A O   1 
HETATM 1336 O  O   . HOH E 4 .   ? -8.208  -7.470  -10.531 1.00 25.77 ? 256 HOH A O   1 
HETATM 1337 O  O   . HOH E 4 .   ? 0.902   -11.959 -11.066 1.00 31.14 ? 257 HOH A O   1 
HETATM 1338 O  O   . HOH E 4 .   ? 1.559   4.410   17.870  1.00 24.21 ? 258 HOH A O   1 
HETATM 1339 O  O   . HOH E 4 .   ? 8.240   5.526   -12.362 1.00 28.30 ? 259 HOH A O   1 
HETATM 1340 O  O   . HOH E 4 .   ? -13.177 3.279   -11.198 1.00 31.50 ? 260 HOH A O   1 
HETATM 1341 O  O   . HOH E 4 .   ? -11.041 9.095   -9.311  1.00 28.31 ? 261 HOH A O   1 
HETATM 1342 O  O   . HOH E 4 .   ? -12.513 10.346  6.209   1.00 36.24 ? 262 HOH A O   1 
HETATM 1343 O  O   . HOH E 4 .   ? -2.523  14.053  3.281   1.00 33.72 ? 263 HOH A O   1 
HETATM 1344 O  O   . HOH E 4 .   ? -13.518 5.207   6.434   1.00 29.59 ? 264 HOH A O   1 
HETATM 1345 O  O   . HOH E 4 .   ? -12.112 10.337  8.565   1.00 29.71 ? 265 HOH A O   1 
HETATM 1346 O  O   . HOH E 4 .   ? 14.979  2.830   -4.814  1.00 28.70 ? 266 HOH A O   1 
HETATM 1347 O  O   . HOH E 4 .   ? 15.833  -8.702  8.884   1.00 43.44 ? 267 HOH A O   1 
HETATM 1348 O  O   . HOH E 4 .   ? 11.514  3.382   -12.428 1.00 42.01 ? 268 HOH A O   1 
HETATM 1349 O  O   . HOH E 4 .   ? -7.364  15.099  9.325   1.00 26.70 ? 269 HOH A O   1 
HETATM 1350 O  O   . HOH E 4 .   ? 8.225   -11.312 -5.851  1.00 40.72 ? 270 HOH A O   1 
HETATM 1351 O  O   . HOH E 4 .   ? -5.518  -2.107  -16.122 1.00 28.80 ? 271 HOH A O   1 
HETATM 1352 O  O   . HOH E 4 .   ? 5.909   9.757   -4.407  1.00 31.74 ? 272 HOH A O   1 
HETATM 1353 O  O   . HOH E 4 .   ? -13.272 -6.972  -8.915  1.00 34.04 ? 273 HOH A O   1 
HETATM 1354 O  O   . HOH E 4 .   ? -14.007 12.934  -3.395  1.00 27.69 ? 274 HOH A O   1 
HETATM 1355 O  O   . HOH E 4 .   ? 18.981  -3.215  8.827   1.00 42.09 ? 275 HOH A O   1 
HETATM 1356 O  O   . HOH E 4 .   ? 15.038  8.837   -0.099  1.00 37.09 ? 276 HOH A O   1 
HETATM 1357 O  O   . HOH E 4 .   ? 0.383   15.109  -3.555  1.00 33.10 ? 277 HOH A O   1 
HETATM 1358 O  O   . HOH E 4 .   ? -10.897 -7.161  15.134  1.00 34.93 ? 278 HOH A O   1 
HETATM 1359 O  O   . HOH E 4 .   ? 11.220  14.956  4.435   1.00 33.93 ? 279 HOH A O   1 
HETATM 1360 O  O   . HOH E 4 .   ? -9.690  -3.208  12.388  1.00 30.80 ? 280 HOH A O   1 
HETATM 1361 O  O   . HOH E 4 .   ? 12.479  -2.283  -11.943 1.00 34.79 ? 281 HOH A O   1 
HETATM 1362 O  O   . HOH E 4 .   ? 5.500   5.113   -9.315  1.00 41.20 ? 282 HOH A O   1 
HETATM 1363 O  O   . HOH E 4 .   ? -17.399 -0.851  -1.676  1.00 38.34 ? 283 HOH A O   1 
HETATM 1364 O  O   . HOH E 4 .   ? -1.938  -19.728 2.129   1.00 42.69 ? 284 HOH A O   1 
HETATM 1365 O  O   . HOH E 4 .   ? -4.540  -7.530  9.025   1.00 31.96 ? 285 HOH A O   1 
HETATM 1366 O  O   . HOH E 4 .   ? -5.272  -3.627  -18.323 1.00 43.63 ? 286 HOH A O   1 
HETATM 1367 O  O   . HOH E 4 .   ? 15.148  -1.365  1.093   1.00 35.12 ? 287 HOH A O   1 
HETATM 1368 O  O   . HOH E 4 .   ? -8.789  4.403   -14.588 1.00 37.54 ? 288 HOH A O   1 
HETATM 1369 O  O   . HOH E 4 .   ? -15.804 -5.671  -9.089  1.00 35.71 ? 289 HOH A O   1 
HETATM 1370 O  O   . HOH E 4 .   ? 9.628   7.529   14.567  1.00 33.88 ? 290 HOH A O   1 
HETATM 1371 O  O   . HOH E 4 .   ? -8.634  -10.231 -1.049  1.00 31.87 ? 291 HOH A O   1 
HETATM 1372 O  O   . HOH E 4 .   ? -1.962  15.366  5.417   1.00 37.16 ? 292 HOH A O   1 
HETATM 1373 O  O   . HOH E 4 .   ? -12.398 12.536  14.495  1.00 37.51 ? 293 HOH A O   1 
HETATM 1374 O  O   . HOH E 4 .   ? 17.174  -5.084  -5.467  1.00 40.44 ? 294 HOH A O   1 
HETATM 1375 O  O   . HOH E 4 .   ? 10.430  -3.946  6.486   1.00 67.81 ? 295 HOH A O   1 
HETATM 1376 O  O   . HOH E 4 .   ? 14.367  3.260   0.067   1.00 31.46 ? 296 HOH A O   1 
HETATM 1377 O  O   . HOH E 4 .   ? 9.398   -7.615  9.621   1.00 37.42 ? 297 HOH A O   1 
HETATM 1378 O  O   . HOH E 4 .   ? 0.564   2.441   16.490  1.00 34.38 ? 298 HOH A O   1 
HETATM 1379 O  O   . HOH E 4 .   ? 5.300   13.154  -0.210  1.00 32.40 ? 299 HOH A O   1 
HETATM 1380 O  O   . HOH E 4 .   ? -11.691 -9.386  9.270   1.00 48.85 ? 300 HOH A O   1 
HETATM 1381 O  O   . HOH E 4 .   ? -9.194  11.171  15.051  1.00 26.60 ? 301 HOH A O   1 
HETATM 1382 O  O   . HOH E 4 .   ? 9.384   -10.121 7.447   1.00 48.70 ? 302 HOH A O   1 
HETATM 1383 O  O   . HOH E 4 .   ? -6.066  2.067   -21.470 1.00 35.12 ? 303 HOH A O   1 
HETATM 1384 O  O   . HOH E 4 .   ? -8.482  -10.383 5.735   1.00 42.37 ? 304 HOH A O   1 
HETATM 1385 O  O   . HOH E 4 .   ? 15.355  -9.605  -1.638  1.00 39.79 ? 305 HOH A O   1 
HETATM 1386 O  O   . HOH E 4 .   ? -18.531 3.799   -3.733  1.00 48.18 ? 306 HOH A O   1 
HETATM 1387 O  O   . HOH E 4 .   ? 16.818  9.484   -7.296  1.00 49.50 ? 307 HOH A O   1 
HETATM 1388 O  O   . HOH E 4 .   ? 12.917  -4.491  2.686   1.00 74.53 ? 308 HOH A O   1 
HETATM 1389 O  O   . HOH E 4 .   ? -6.538  -19.596 0.474   1.00 61.41 ? 309 HOH A O   1 
HETATM 1390 O  O   . HOH E 4 .   ? -9.956  -6.331  -13.937 1.00 46.37 ? 310 HOH A O   1 
HETATM 1391 O  O   . HOH E 4 .   ? -16.335 5.439   -9.128  1.00 41.21 ? 311 HOH A O   1 
HETATM 1392 O  O   . HOH E 4 .   ? -19.686 8.216   -9.656  1.00 40.00 ? 312 HOH A O   1 
HETATM 1393 O  O   . HOH E 4 .   ? -10.675 8.018   4.213   1.00 39.37 ? 313 HOH A O   1 
HETATM 1394 O  O   . HOH E 4 .   ? -8.982  -11.061 -10.444 1.00 57.34 ? 314 HOH A O   1 
HETATM 1395 O  O   . HOH E 4 .   ? 14.148  -0.736  12.546  1.00 36.46 ? 315 HOH A O   1 
HETATM 1396 O  O   . HOH E 4 .   ? 14.088  -2.536  -9.929  1.00 40.17 ? 316 HOH A O   1 
HETATM 1397 O  O   . HOH E 4 .   ? 7.715   14.389  4.259   1.00 44.95 ? 317 HOH A O   1 
HETATM 1398 O  O   . HOH E 4 .   ? -10.946 -13.324 6.793   1.00 69.85 ? 318 HOH A O   1 
HETATM 1399 O  O   . HOH E 4 .   ? 17.438  0.588   0.319   1.00 80.90 ? 319 HOH A O   1 
HETATM 1400 O  O   . HOH E 4 .   ? 7.154   -8.503  10.807  1.00 48.79 ? 320 HOH A O   1 
HETATM 1401 O  O   . HOH E 4 .   ? -0.882  4.609   6.883   1.00 84.42 ? 321 HOH A O   1 
HETATM 1402 O  O   . HOH E 4 .   ? -6.086  -6.883  -19.807 1.00 50.71 ? 322 HOH A O   1 
HETATM 1403 O  O   . HOH E 4 .   ? 9.932   4.748   14.498  1.00 33.81 ? 323 HOH A O   1 
HETATM 1404 O  O   . HOH E 4 .   ? -20.653 10.283  -7.805  1.00 42.42 ? 324 HOH A O   1 
HETATM 1405 O  O   . HOH E 4 .   ? -16.648 -15.235 -2.023  1.00 56.09 ? 325 HOH A O   1 
HETATM 1406 O  O   . HOH E 4 .   ? 13.877  -9.588  -6.645  1.00 51.90 ? 326 HOH A O   1 
HETATM 1407 O  O   . HOH E 4 .   ? 0.082   9.695   13.402  1.00 37.99 ? 327 HOH A O   1 
HETATM 1408 O  O   . HOH E 4 .   ? -8.080  16.000  15.835  1.00 47.34 ? 328 HOH A O   1 
HETATM 1409 O  O   . HOH E 4 .   ? -2.215  0.310   -12.894 1.00 69.86 ? 329 HOH A O   1 
HETATM 1410 O  O   . HOH E 4 .   ? -16.087 0.102   4.167   1.00 49.13 ? 330 HOH A O   1 
HETATM 1411 O  O   . HOH E 4 .   ? 3.091   -12.788 8.512   1.00 75.67 ? 331 HOH A O   1 
HETATM 1412 O  O   . HOH E 4 .   ? 7.560   -10.614 -8.232  1.00 51.26 ? 332 HOH A O   1 
HETATM 1413 O  O   . HOH E 4 .   ? 2.418   12.333  12.795  1.00 41.32 ? 333 HOH A O   1 
HETATM 1414 O  O   . HOH E 4 .   ? -14.237 -2.367  6.557   1.00 37.81 ? 334 HOH A O   1 
HETATM 1415 O  O   . HOH E 4 .   ? 24.135  -4.340  -1.300  1.00 58.74 ? 335 HOH A O   1 
HETATM 1416 O  O   . HOH E 4 .   ? -8.388  -11.875 -7.196  1.00 53.10 ? 336 HOH A O   1 
HETATM 1417 O  O   . HOH E 4 .   ? 17.278  9.381   8.542   1.00 54.45 ? 337 HOH A O   1 
HETATM 1418 O  O   . HOH E 4 .   ? 1.840   -1.594  10.826  1.00 81.75 ? 338 HOH A O   1 
HETATM 1419 O  O   . HOH E 4 .   ? 11.683  12.604  9.299   1.00 48.06 ? 339 HOH A O   1 
HETATM 1420 O  O   . HOH E 4 .   ? -15.918 -7.637  -6.963  1.00 43.49 ? 340 HOH A O   1 
HETATM 1421 O  O   . HOH E 4 .   ? 15.013  13.025  -3.099  1.00 52.60 ? 341 HOH A O   1 
HETATM 1422 O  O   . HOH E 4 .   ? -9.572  -10.359 -3.751  1.00 38.28 ? 342 HOH A O   1 
HETATM 1423 O  O   . HOH E 4 .   ? -13.416 -0.320  11.528  1.00 31.08 ? 343 HOH A O   1 
HETATM 1424 O  O   . HOH E 4 .   ? 13.022  10.425  11.453  1.00 55.39 ? 344 HOH A O   1 
HETATM 1425 O  O   . HOH E 4 .   ? 7.153   10.505  -2.349  1.00 38.57 ? 345 HOH A O   1 
HETATM 1426 O  O   . HOH E 4 .   ? -6.513  -3.792  -20.690 1.00 45.82 ? 346 HOH A O   1 
HETATM 1427 O  O   . HOH E 4 .   ? -13.012 5.327   11.092  1.00 34.32 ? 347 HOH A O   1 
HETATM 1428 O  O   . HOH E 4 .   ? 17.353  -0.970  2.572   1.00 47.91 ? 348 HOH A O   1 
HETATM 1429 O  O   . HOH E 4 .   ? -16.972 -4.347  -3.042  1.00 51.76 ? 349 HOH A O   1 
HETATM 1430 O  O   . HOH E 4 .   ? -12.579 -16.034 9.956   1.00 52.46 ? 350 HOH A O   1 
HETATM 1431 O  O   . HOH E 4 .   ? 3.543   -12.390 -9.257  1.00 49.32 ? 351 HOH A O   1 
HETATM 1432 O  O   . HOH E 4 .   ? 7.885   12.015  16.996  1.00 54.17 ? 352 HOH A O   1 
HETATM 1433 O  O   . HOH E 4 .   ? 2.923   10.636  -8.069  1.00 19.82 ? 353 HOH A O   1 
HETATM 1434 O  O   . HOH E 4 .   ? 10.313  8.405   17.131  1.00 21.69 ? 354 HOH A O   1 
HETATM 1435 O  O   . HOH E 4 .   ? 8.514   3.262   -14.266 1.00 21.94 ? 355 HOH A O   1 
HETATM 1436 O  O   . HOH E 4 .   ? 3.505   9.661   -4.612  1.00 22.05 ? 356 HOH A O   1 
HETATM 1437 O  O   . HOH E 4 .   ? 5.784   5.307   -12.724 1.00 28.02 ? 357 HOH A O   1 
HETATM 1438 O  O   . HOH E 4 .   ? -12.476 8.372   2.313   1.00 27.98 ? 358 HOH A O   1 
HETATM 1439 O  O   . HOH E 4 .   ? -1.382  -14.450 7.287   1.00 29.01 ? 359 HOH A O   1 
HETATM 1440 O  O   . HOH E 4 .   ? 11.239  12.747  3.860   1.00 36.37 ? 360 HOH A O   1 
HETATM 1441 O  O   . HOH E 4 .   ? 16.232  4.428   1.474   1.00 30.54 ? 361 HOH A O   1 
HETATM 1442 O  O   . HOH E 4 .   ? 2.272   12.847  -3.151  1.00 31.30 ? 362 HOH A O   1 
HETATM 1443 O  O   . HOH E 4 .   ? -5.832  4.925   -18.135 1.00 32.03 ? 363 HOH A O   1 
HETATM 1444 O  O   . HOH E 4 .   ? -6.701  16.348  6.839   1.00 35.39 ? 364 HOH A O   1 
HETATM 1445 O  O   . HOH E 4 .   ? 4.189   -8.612  -15.769 1.00 33.05 ? 365 HOH A O   1 
HETATM 1446 O  O   . HOH E 4 .   ? 7.476   10.645  -6.351  1.00 30.75 ? 366 HOH A O   1 
HETATM 1447 O  O   . HOH E 4 .   ? -10.385 -6.571  -11.521 1.00 45.51 ? 367 HOH A O   1 
HETATM 1448 O  O   . HOH E 4 .   ? -14.050 9.922   14.699  1.00 36.38 ? 368 HOH A O   1 
HETATM 1449 O  O   . HOH E 4 .   ? -0.745  -9.251  13.331  1.00 38.61 ? 369 HOH A O   1 
HETATM 1450 O  O   . HOH E 4 .   ? 5.988   8.859   -7.673  1.00 40.28 ? 370 HOH A O   1 
HETATM 1451 O  O   . HOH E 4 .   ? 7.284   6.768   -8.625  1.00 43.51 ? 371 HOH A O   1 
HETATM 1452 O  O   . HOH E 4 .   ? 18.412  -0.563  4.951   1.00 45.48 ? 372 HOH A O   1 
HETATM 1453 O  O   . HOH E 4 .   ? 17.035  7.015   0.762   1.00 42.97 ? 373 HOH A O   1 
HETATM 1454 O  O   . HOH E 4 .   ? -2.184  15.646  1.523   1.00 50.96 ? 374 HOH A O   1 
HETATM 1455 O  O   . HOH E 4 .   ? -15.659 -2.004  2.869   1.00 47.97 ? 375 HOH A O   1 
HETATM 1456 O  O   . HOH E 4 .   ? 10.504  1.714   -14.471 1.00 42.26 ? 376 HOH A O   1 
HETATM 1457 O  O   . HOH E 4 .   ? 11.641  0.531   -12.659 1.00 48.64 ? 377 HOH A O   1 
HETATM 1458 O  O   . HOH E 4 .   ? 4.037   7.283   -9.033  1.00 38.26 ? 378 HOH A O   1 
HETATM 1459 O  O   . HOH E 4 .   ? 17.756  -2.805  -6.991  1.00 49.51 ? 379 HOH A O   1 
HETATM 1460 O  O   . HOH E 4 .   ? -12.168 6.067   4.257   1.00 39.13 ? 380 HOH A O   1 
HETATM 1461 O  O   . HOH E 4 .   ? -11.570 6.365   -13.059 1.00 45.07 ? 381 HOH A O   1 
HETATM 1462 O  O   . HOH E 4 .   ? -6.746  -12.639 -5.482  1.00 48.25 ? 382 HOH A O   1 
HETATM 1463 O  O   . HOH E 4 .   ? -7.115  -9.631  -14.099 1.00 39.16 ? 383 HOH A O   1 
HETATM 1464 O  O   . HOH E 4 .   ? 3.801   -15.970 2.760   1.00 45.96 ? 384 HOH A O   1 
HETATM 1465 O  O   . HOH E 4 .   ? 13.949  -12.237 -0.528  1.00 43.45 ? 385 HOH A O   1 
HETATM 1466 O  O   . HOH E 4 .   ? -21.010 12.305  -8.998  1.00 49.02 ? 386 HOH A O   1 
HETATM 1467 O  O   . HOH E 4 .   ? 0.041   17.390  5.853   1.00 47.24 ? 387 HOH A O   1 
HETATM 1468 O  O   . HOH E 4 .   ? 0.256   -11.432 -14.997 1.00 43.25 ? 388 HOH A O   1 
HETATM 1469 O  O   . HOH E 4 .   ? 5.851   12.577  -2.638  1.00 47.96 ? 389 HOH A O   1 
HETATM 1470 O  O   . HOH E 4 .   ? -7.703  -17.286 -0.487  1.00 52.15 ? 390 HOH A O   1 
HETATM 1471 O  O   . HOH E 4 .   ? 7.758   -12.447 11.144  1.00 48.12 ? 391 HOH A O   1 
HETATM 1472 O  O   . HOH E 4 .   ? -15.420 0.175   7.345   1.00 51.08 ? 392 HOH A O   1 
HETATM 1473 O  O   . HOH E 4 .   ? 19.467  3.653   8.086   1.00 47.34 ? 393 HOH A O   1 
HETATM 1474 O  O   . HOH E 4 .   ? 7.219   9.447   13.900  1.00 39.96 ? 394 HOH A O   1 
HETATM 1475 O  O   . HOH E 4 .   ? 4.095   -16.247 -1.896  1.00 35.54 ? 395 HOH A O   1 
HETATM 1476 O  O   . HOH E 4 .   ? -14.283 6.166   -11.345 1.00 50.90 ? 396 HOH A O   1 
HETATM 1477 O  O   . HOH E 4 .   ? -10.488 -13.147 -8.085  1.00 44.03 ? 397 HOH A O   1 
HETATM 1478 O  O   . HOH E 4 .   ? -13.783 -4.994  13.022  1.00 53.28 ? 398 HOH A O   1 
HETATM 1479 O  O   . HOH E 4 .   ? 3.017   13.956  -0.773  1.00 42.70 ? 399 HOH A O   1 
HETATM 1480 O  O   . HOH E 4 .   ? 11.303  7.097   -14.873 1.00 48.18 ? 400 HOH A O   1 
HETATM 1481 O  O   . HOH E 4 .   ? 17.816  2.844   6.219   1.00 48.41 ? 401 HOH A O   1 
HETATM 1482 O  O   . HOH E 4 .   ? 1.840   -14.234 3.518   1.00 54.62 ? 402 HOH A O   1 
HETATM 1483 O  O   . HOH E 4 .   ? -18.421 4.068   -6.180  1.00 54.08 ? 403 HOH A O   1 
HETATM 1484 O  O   . HOH E 4 .   ? -1.648  -12.714 -10.864 1.00 54.93 ? 404 HOH A O   1 
HETATM 1485 O  O   . HOH E 4 .   ? 19.464  -8.685  0.822   1.00 49.18 ? 405 HOH A O   1 
HETATM 1486 O  O   . HOH E 4 .   ? 12.544  3.583   -14.740 1.00 42.77 ? 406 HOH A O   1 
HETATM 1487 O  O   . HOH E 4 .   ? -11.072 -18.103 9.549   1.00 49.46 ? 407 HOH A O   1 
HETATM 1488 O  O   . HOH E 4 .   ? -2.298  -8.339  9.091   1.00 53.93 ? 408 HOH A O   1 
HETATM 1489 O  O   . HOH E 4 .   ? -10.272 20.021  4.585   1.00 43.47 ? 409 HOH A O   1 
HETATM 1490 O  O   . HOH E 4 .   ? -13.748 7.974   6.874   1.00 57.05 ? 410 HOH A O   1 
HETATM 1491 O  O   . HOH E 4 .   ? 13.790  9.886   -5.737  1.00 47.61 ? 411 HOH A O   1 
HETATM 1492 O  O   . HOH E 4 .   ? 18.247  4.905   -2.124  1.00 50.70 ? 412 HOH A O   1 
HETATM 1493 O  O   . HOH E 4 .   ? 9.616   -6.169  -11.714 1.00 49.00 ? 413 HOH A O   1 
HETATM 1494 O  O   . HOH E 4 .   ? -3.755  -15.046 -3.585  1.00 52.80 ? 414 HOH A O   1 
HETATM 1495 O  O   . HOH E 4 .   ? -15.626 -15.565 -5.258  1.00 57.12 ? 415 HOH A O   1 
HETATM 1496 O  O   . HOH E 4 .   ? 16.414  12.584  -5.152  1.00 48.81 ? 416 HOH A O   1 
HETATM 1497 O  O   . HOH E 4 .   ? -9.448  -13.083 -4.391  1.00 53.45 ? 417 HOH A O   1 
HETATM 1498 O  O   . HOH E 4 .   ? 3.632   -12.558 -12.724 1.00 48.03 ? 418 HOH A O   1 
HETATM 1499 O  O   . HOH E 4 .   ? 0.052   16.828  0.626   1.00 50.06 ? 419 HOH A O   1 
HETATM 1500 O  O   . HOH E 4 .   ? -19.985 0.942   -4.641  1.00 56.78 ? 420 HOH A O   1 
HETATM 1501 O  O   . HOH E 4 .   ? -1.447  -10.167 10.457  1.00 50.86 ? 421 HOH A O   1 
HETATM 1502 O  O   . HOH E 4 .   ? -3.313  -12.902 -5.643  1.00 43.33 ? 422 HOH A O   1 
HETATM 1503 O  O   . HOH E 4 .   ? -15.860 3.050   -10.428 1.00 47.40 ? 423 HOH A O   1 
HETATM 1504 O  O   . HOH E 4 .   ? -18.219 -1.079  5.028   1.00 55.58 ? 424 HOH A O   1 
HETATM 1505 O  O   . HOH E 4 .   ? -1.721  13.033  11.816  1.00 48.18 ? 425 HOH A O   1 
HETATM 1506 O  O   . HOH E 4 .   ? -13.023 1.714   -13.425 1.00 49.04 ? 426 HOH A O   1 
HETATM 1507 O  O   . HOH E 4 .   ? 7.944   -9.935  5.131   1.00 42.96 ? 427 HOH A O   1 
HETATM 1508 O  O   . HOH E 4 .   ? 16.620  10.791  -1.593  1.00 53.35 ? 428 HOH A O   1 
HETATM 1509 O  O   . HOH E 4 .   ? 2.668   11.755  -5.557  1.00 6.17  ? 429 HOH A O   1 
HETATM 1510 O  O   . HOH E 4 .   ? -2.744  -8.034  14.897  1.00 25.46 ? 430 HOH A O   1 
HETATM 1511 O  O   . HOH E 4 .   ? 1.293   -9.419  15.047  1.00 38.28 ? 431 HOH A O   1 
HETATM 1512 O  O   . HOH E 4 .   ? -4.680  16.682  5.406   1.00 37.76 ? 432 HOH A O   1 
HETATM 1513 O  O   . HOH E 4 .   ? -11.388 -15.971 -7.029  1.00 46.77 ? 433 HOH A O   1 
HETATM 1514 O  O   . HOH E 4 .   ? 0.144   14.086  4.569   1.00 49.89 ? 434 HOH A O   1 
HETATM 1515 O  O   . HOH E 4 .   ? 2.080   -5.199  -5.565  1.00 37.79 ? 435 HOH A O   1 
HETATM 1516 O  O   . HOH E 4 .   ? -9.234  19.397  -0.022  1.00 12.82 ? 436 HOH A O   1 
HETATM 1517 O  O   . HOH E 4 .   ? -1.534  11.210  -9.435  0.50 25.20 ? 437 HOH A O   1 
HETATM 1518 O  O   . HOH E 4 .   ? -11.843 20.377  -2.383  1.00 14.45 ? 438 HOH A O   1 
HETATM 1519 O  O   . HOH E 4 .   ? -12.969 17.323  -1.889  1.00 15.84 ? 439 HOH A O   1 
HETATM 1520 O  O   . HOH E 4 .   ? 22.778  2.027   11.042  1.00 17.99 ? 440 HOH A O   1 
HETATM 1521 O  O   . HOH E 4 .   ? -7.249  8.607   -13.404 0.50 38.86 ? 441 HOH A O   1 
HETATM 1522 O  O   . HOH E 4 .   ? -10.096 14.943  10.918  1.00 32.85 ? 442 HOH A O   1 
HETATM 1523 O  O   . HOH E 4 .   ? -0.939  -3.918  -3.513  1.00 42.64 ? 443 HOH A O   1 
# 
